data_1OIA
# 
_entry.id   1OIA 
# 
_audit_conform.dict_name       mmcif_pdbx.dic 
_audit_conform.dict_version    5.391 
_audit_conform.dict_location   http://mmcif.pdb.org/dictionaries/ascii/mmcif_pdbx.dic 
# 
loop_
_database_2.database_id 
_database_2.database_code 
_database_2.pdbx_database_accession 
_database_2.pdbx_DOI 
PDB   1OIA         pdb_00001oia 10.2210/pdb1oia/pdb 
PDBE  EBI-12893    ?            ?                   
WWPDB D_1290012893 ?            ?                   
# 
loop_
_pdbx_audit_revision_history.ordinal 
_pdbx_audit_revision_history.data_content_type 
_pdbx_audit_revision_history.major_revision 
_pdbx_audit_revision_history.minor_revision 
_pdbx_audit_revision_history.revision_date 
1 'Structure model' 1 0 2003-06-26 
2 'Structure model' 1 1 2011-05-08 
3 'Structure model' 1 2 2011-07-13 
4 'Structure model' 1 3 2024-05-08 
# 
_pdbx_audit_revision_details.ordinal             1 
_pdbx_audit_revision_details.revision_ordinal    1 
_pdbx_audit_revision_details.data_content_type   'Structure model' 
_pdbx_audit_revision_details.provider            repository 
_pdbx_audit_revision_details.type                'Initial release' 
_pdbx_audit_revision_details.description         ? 
_pdbx_audit_revision_details.details             ? 
# 
loop_
_pdbx_audit_revision_group.ordinal 
_pdbx_audit_revision_group.revision_ordinal 
_pdbx_audit_revision_group.data_content_type 
_pdbx_audit_revision_group.group 
1 2 'Structure model' 'Version format compliance' 
2 3 'Structure model' 'Version format compliance' 
3 4 'Structure model' 'Data collection'           
4 4 'Structure model' 'Database references'       
5 4 'Structure model' Other                       
# 
loop_
_pdbx_audit_revision_category.ordinal 
_pdbx_audit_revision_category.revision_ordinal 
_pdbx_audit_revision_category.data_content_type 
_pdbx_audit_revision_category.category 
1 4 'Structure model' chem_comp_atom       
2 4 'Structure model' chem_comp_bond       
3 4 'Structure model' database_2           
4 4 'Structure model' pdbx_database_status 
# 
loop_
_pdbx_audit_revision_item.ordinal 
_pdbx_audit_revision_item.revision_ordinal 
_pdbx_audit_revision_item.data_content_type 
_pdbx_audit_revision_item.item 
1 4 'Structure model' '_database_2.pdbx_DOI'                 
2 4 'Structure model' '_database_2.pdbx_database_accession'  
3 4 'Structure model' '_pdbx_database_status.status_code_sf' 
# 
_pdbx_database_PDB_obs_spr.id               SPRSDE 
_pdbx_database_PDB_obs_spr.date             2003-06-12 
_pdbx_database_PDB_obs_spr.pdb_id           1OIA 
_pdbx_database_PDB_obs_spr.replace_pdb_id   1NRC 
_pdbx_database_PDB_obs_spr.details          ? 
# 
_pdbx_database_status.status_code                     REL 
_pdbx_database_status.entry_id                        1OIA 
_pdbx_database_status.deposit_site                    PDBE 
_pdbx_database_status.process_site                    PDBE 
_pdbx_database_status.SG_entry                        . 
_pdbx_database_status.recvd_initial_deposition_date   2003-06-12 
_pdbx_database_status.pdb_format_compatible           Y 
_pdbx_database_status.status_code_sf                  REL 
_pdbx_database_status.status_code_mr                  ? 
_pdbx_database_status.status_code_cs                  ? 
_pdbx_database_status.methods_development_category    ? 
_pdbx_database_status.status_code_nmr_data            ? 
# 
loop_
_pdbx_database_related.db_name 
_pdbx_database_related.db_id 
_pdbx_database_related.content_type 
_pdbx_database_related.details 
PDB 1AUD unspecified 'U1A-UTRRNA, NMR, 31 STRUCTURES' 
PDB 1CX0 unspecified 'HEPATITIS DELTA VIRUS RIBOZYME' 
PDB 1DRZ unspecified 'U1A SPLICEOSOMAL PROTEIN/HEPATITIS DELTA VIRUS GENOMICRIBOZYME COMPLEX' 
PDB 1DZ5 unspecified 
;THE NMR STRUCTURE OF THE 38KDA U1A PROTEIN -PIE RNA COMPLEX REVEALS THE BASIS OF COOPERATIVITY IN REGULATION OF POLYADENYLATION BY HUMAN U1A PROTEIN
;
PDB 1FHT unspecified 'RNA-BINDING DOMAIN OF THE U1A SPLICEOSOMAL PROTEINU1A117, NMR, 43 STRUCTURES' 
PDB 1M5K unspecified 'CRYSTAL STRUCTURE OF A HAIRPIN RIBOZYME IN THECATALYTICALLY-ACTIVE CONFORMATION' 
PDB 1M5O unspecified 'TRANSITION STATE STABILIZATION BY A CATALYTIC RNA' 
PDB 1M5P unspecified 'TRANSITION STATE STABILIZATION BY A CATALYTIC RNA' 
PDB 1M5V unspecified 'TRANSITION STATE STABILIZATION BY A CATALYTIC RNA' 
PDB 1NU4 unspecified 'U1A RNA BINDING DOMAIN AT 1.8 ANGSTROM RESOLUTION REVEALS APRE-ORGANIZED C-TERMINAL HELIX' 
PDB 1URN unspecified 'U1A/RIBONUCLEIC ACID COMPLEX' 
PDB 2U1A unspecified 'RNA BINDING DOMAIN 2 OF HUMAN U1A PROTEIN , NMR,20 STRUCTURES' 
PDB 3UTR unspecified 
;HUMAN U1A/U1A PRE-MRNA 3'UTR COMPLEX (THEORETICAL MODEL)
;
# 
loop_
_audit_author.name 
_audit_author.pdbx_ordinal 
'Nagai, K.'   1 
'Evans, P.R.' 2 
# 
_citation.id                        primary 
_citation.title                     'Crystal Structure of the RNA-Binding Domain of the U1 Small Nuclear Ribonucleoprotein A' 
_citation.journal_abbrev            Nature 
_citation.journal_volume            348 
_citation.page_first                515 
_citation.page_last                 ? 
_citation.year                      1990 
_citation.journal_id_ASTM           NATUAS 
_citation.country                   UK 
_citation.journal_id_ISSN           0028-0836 
_citation.journal_id_CSD            0006 
_citation.book_publisher            ? 
_citation.pdbx_database_id_PubMed   2147232 
_citation.pdbx_database_id_DOI      10.1038/348515A0 
# 
loop_
_citation_author.citation_id 
_citation_author.name 
_citation_author.ordinal 
_citation_author.identifier_ORCID 
primary 'Nagai, K.'    1 ? 
primary 'Oubridge, C.' 2 ? 
primary 'Jessen, T.H.' 3 ? 
primary 'Li, J.'       4 ? 
primary 'Evans, P.R.'  5 ? 
# 
loop_
_entity.id 
_entity.type 
_entity.src_method 
_entity.pdbx_description 
_entity.formula_weight 
_entity.pdbx_number_of_molecules 
_entity.pdbx_ec 
_entity.pdbx_mutation 
_entity.pdbx_fragment 
_entity.details 
1 polymer man 'U1 SMALL NUCLEAR RIBONUCLEOPROTEIN A' 10946.722 2  ? ? 'RNP DOMAIN RESIDUES 1-95' ? 
2 water   nat water                                  18.015    92 ? ? ?                          ? 
# 
_entity_name_com.entity_id   1 
_entity_name_com.name        'U1 SNRNP A PROTEIN' 
# 
_entity_poly.entity_id                      1 
_entity_poly.type                           'polypeptide(L)' 
_entity_poly.nstd_linkage                   no 
_entity_poly.nstd_monomer                   no 
_entity_poly.pdbx_seq_one_letter_code       
;MAVPETRPNHTIYINNLNEKIKKDELKKSLYAIFSQFGQILDILVSRSLKMRGQAFVIFKEVSSATNALRSMQGFPFYDK
PMRIQYAKTDSDIIA
;
_entity_poly.pdbx_seq_one_letter_code_can   
;MAVPETRPNHTIYINNLNEKIKKDELKKSLYAIFSQFGQILDILVSRSLKMRGQAFVIFKEVSSATNALRSMQGFPFYDK
PMRIQYAKTDSDIIA
;
_entity_poly.pdbx_strand_id                 A,B 
_entity_poly.pdbx_target_identifier         ? 
# 
_pdbx_entity_nonpoly.entity_id   2 
_pdbx_entity_nonpoly.name        water 
_pdbx_entity_nonpoly.comp_id     HOH 
# 
loop_
_entity_poly_seq.entity_id 
_entity_poly_seq.num 
_entity_poly_seq.mon_id 
_entity_poly_seq.hetero 
1 1  MET n 
1 2  ALA n 
1 3  VAL n 
1 4  PRO n 
1 5  GLU n 
1 6  THR n 
1 7  ARG n 
1 8  PRO n 
1 9  ASN n 
1 10 HIS n 
1 11 THR n 
1 12 ILE n 
1 13 TYR n 
1 14 ILE n 
1 15 ASN n 
1 16 ASN n 
1 17 LEU n 
1 18 ASN n 
1 19 GLU n 
1 20 LYS n 
1 21 ILE n 
1 22 LYS n 
1 23 LYS n 
1 24 ASP n 
1 25 GLU n 
1 26 LEU n 
1 27 LYS n 
1 28 LYS n 
1 29 SER n 
1 30 LEU n 
1 31 TYR n 
1 32 ALA n 
1 33 ILE n 
1 34 PHE n 
1 35 SER n 
1 36 GLN n 
1 37 PHE n 
1 38 GLY n 
1 39 GLN n 
1 40 ILE n 
1 41 LEU n 
1 42 ASP n 
1 43 ILE n 
1 44 LEU n 
1 45 VAL n 
1 46 SER n 
1 47 ARG n 
1 48 SER n 
1 49 LEU n 
1 50 LYS n 
1 51 MET n 
1 52 ARG n 
1 53 GLY n 
1 54 GLN n 
1 55 ALA n 
1 56 PHE n 
1 57 VAL n 
1 58 ILE n 
1 59 PHE n 
1 60 LYS n 
1 61 GLU n 
1 62 VAL n 
1 63 SER n 
1 64 SER n 
1 65 ALA n 
1 66 THR n 
1 67 ASN n 
1 68 ALA n 
1 69 LEU n 
1 70 ARG n 
1 71 SER n 
1 72 MET n 
1 73 GLN n 
1 74 GLY n 
1 75 PHE n 
1 76 PRO n 
1 77 PHE n 
1 78 TYR n 
1 79 ASP n 
1 80 LYS n 
1 81 PRO n 
1 82 MET n 
1 83 ARG n 
1 84 ILE n 
1 85 GLN n 
1 86 TYR n 
1 87 ALA n 
1 88 LYS n 
1 89 THR n 
1 90 ASP n 
1 91 SER n 
1 92 ASP n 
1 93 ILE n 
1 94 ILE n 
1 95 ALA n 
# 
_entity_src_gen.entity_id                          1 
_entity_src_gen.pdbx_src_id                        1 
_entity_src_gen.pdbx_alt_source_flag               sample 
_entity_src_gen.pdbx_seq_type                      ? 
_entity_src_gen.pdbx_beg_seq_num                   ? 
_entity_src_gen.pdbx_end_seq_num                   ? 
_entity_src_gen.gene_src_common_name               HUMAN 
_entity_src_gen.gene_src_genus                     ? 
_entity_src_gen.pdbx_gene_src_gene                 ? 
_entity_src_gen.gene_src_species                   ? 
_entity_src_gen.gene_src_strain                    ? 
_entity_src_gen.gene_src_tissue                    ? 
_entity_src_gen.gene_src_tissue_fraction           ? 
_entity_src_gen.gene_src_details                   ? 
_entity_src_gen.pdbx_gene_src_fragment             ? 
_entity_src_gen.pdbx_gene_src_scientific_name      'HOMO SAPIENS' 
_entity_src_gen.pdbx_gene_src_ncbi_taxonomy_id     9606 
_entity_src_gen.pdbx_gene_src_variant              ? 
_entity_src_gen.pdbx_gene_src_cell_line            ? 
_entity_src_gen.pdbx_gene_src_atcc                 ? 
_entity_src_gen.pdbx_gene_src_organ                ? 
_entity_src_gen.pdbx_gene_src_organelle            ? 
_entity_src_gen.pdbx_gene_src_cell                 ? 
_entity_src_gen.pdbx_gene_src_cellular_location    ? 
_entity_src_gen.host_org_common_name               ? 
_entity_src_gen.pdbx_host_org_scientific_name      'ESCHERICHIA COLI' 
_entity_src_gen.pdbx_host_org_ncbi_taxonomy_id     562 
_entity_src_gen.host_org_genus                     ? 
_entity_src_gen.pdbx_host_org_gene                 ? 
_entity_src_gen.pdbx_host_org_organ                ? 
_entity_src_gen.host_org_species                   ? 
_entity_src_gen.pdbx_host_org_tissue               ? 
_entity_src_gen.pdbx_host_org_tissue_fraction      ? 
_entity_src_gen.pdbx_host_org_strain               ? 
_entity_src_gen.pdbx_host_org_variant              ? 
_entity_src_gen.pdbx_host_org_cell_line            ? 
_entity_src_gen.pdbx_host_org_atcc                 ? 
_entity_src_gen.pdbx_host_org_culture_collection   ? 
_entity_src_gen.pdbx_host_org_cell                 ? 
_entity_src_gen.pdbx_host_org_organelle            ? 
_entity_src_gen.pdbx_host_org_cellular_location    ? 
_entity_src_gen.pdbx_host_org_vector_type          ? 
_entity_src_gen.pdbx_host_org_vector               ? 
_entity_src_gen.host_org_details                   ? 
_entity_src_gen.expression_system_id               ? 
_entity_src_gen.plasmid_name                       ? 
_entity_src_gen.plasmid_details                    ? 
_entity_src_gen.pdbx_description                   ? 
# 
loop_
_chem_comp.id 
_chem_comp.type 
_chem_comp.mon_nstd_flag 
_chem_comp.name 
_chem_comp.pdbx_synonyms 
_chem_comp.formula 
_chem_comp.formula_weight 
ALA 'L-peptide linking' y ALANINE         ? 'C3 H7 N O2'     89.093  
ARG 'L-peptide linking' y ARGININE        ? 'C6 H15 N4 O2 1' 175.209 
ASN 'L-peptide linking' y ASPARAGINE      ? 'C4 H8 N2 O3'    132.118 
ASP 'L-peptide linking' y 'ASPARTIC ACID' ? 'C4 H7 N O4'     133.103 
GLN 'L-peptide linking' y GLUTAMINE       ? 'C5 H10 N2 O3'   146.144 
GLU 'L-peptide linking' y 'GLUTAMIC ACID' ? 'C5 H9 N O4'     147.129 
GLY 'peptide linking'   y GLYCINE         ? 'C2 H5 N O2'     75.067  
HIS 'L-peptide linking' y HISTIDINE       ? 'C6 H10 N3 O2 1' 156.162 
HOH non-polymer         . WATER           ? 'H2 O'           18.015  
ILE 'L-peptide linking' y ISOLEUCINE      ? 'C6 H13 N O2'    131.173 
LEU 'L-peptide linking' y LEUCINE         ? 'C6 H13 N O2'    131.173 
LYS 'L-peptide linking' y LYSINE          ? 'C6 H15 N2 O2 1' 147.195 
MET 'L-peptide linking' y METHIONINE      ? 'C5 H11 N O2 S'  149.211 
PHE 'L-peptide linking' y PHENYLALANINE   ? 'C9 H11 N O2'    165.189 
PRO 'L-peptide linking' y PROLINE         ? 'C5 H9 N O2'     115.130 
SER 'L-peptide linking' y SERINE          ? 'C3 H7 N O3'     105.093 
THR 'L-peptide linking' y THREONINE       ? 'C4 H9 N O3'     119.119 
TYR 'L-peptide linking' y TYROSINE        ? 'C9 H11 N O3'    181.189 
VAL 'L-peptide linking' y VALINE          ? 'C5 H11 N O2'    117.146 
# 
loop_
_pdbx_poly_seq_scheme.asym_id 
_pdbx_poly_seq_scheme.entity_id 
_pdbx_poly_seq_scheme.seq_id 
_pdbx_poly_seq_scheme.mon_id 
_pdbx_poly_seq_scheme.ndb_seq_num 
_pdbx_poly_seq_scheme.pdb_seq_num 
_pdbx_poly_seq_scheme.auth_seq_num 
_pdbx_poly_seq_scheme.pdb_mon_id 
_pdbx_poly_seq_scheme.auth_mon_id 
_pdbx_poly_seq_scheme.pdb_strand_id 
_pdbx_poly_seq_scheme.pdb_ins_code 
_pdbx_poly_seq_scheme.hetero 
A 1 1  MET 1  1  ?  ?   ?   A . n 
A 1 2  ALA 2  2  ?  ?   ?   A . n 
A 1 3  VAL 3  3  3  VAL VAL A . n 
A 1 4  PRO 4  4  4  PRO PRO A . n 
A 1 5  GLU 5  5  5  GLU GLU A . n 
A 1 6  THR 6  6  6  THR THR A . n 
A 1 7  ARG 7  7  7  ARG ARG A . n 
A 1 8  PRO 8  8  8  PRO PRO A . n 
A 1 9  ASN 9  9  9  ASN ASN A . n 
A 1 10 HIS 10 10 10 HIS HIS A . n 
A 1 11 THR 11 11 11 THR THR A . n 
A 1 12 ILE 12 12 12 ILE ILE A . n 
A 1 13 TYR 13 13 13 TYR TYR A . n 
A 1 14 ILE 14 14 14 ILE ILE A . n 
A 1 15 ASN 15 15 15 ASN ASN A . n 
A 1 16 ASN 16 16 16 ASN ASN A . n 
A 1 17 LEU 17 17 17 LEU LEU A . n 
A 1 18 ASN 18 18 18 ASN ASN A . n 
A 1 19 GLU 19 19 19 GLU GLU A . n 
A 1 20 LYS 20 20 20 LYS LYS A . n 
A 1 21 ILE 21 21 21 ILE ILE A . n 
A 1 22 LYS 22 22 22 LYS LYS A . n 
A 1 23 LYS 23 23 23 LYS LYS A . n 
A 1 24 ASP 24 24 24 ASP ASP A . n 
A 1 25 GLU 25 25 25 GLU GLU A . n 
A 1 26 LEU 26 26 26 LEU LEU A . n 
A 1 27 LYS 27 27 27 LYS LYS A . n 
A 1 28 LYS 28 28 28 LYS LYS A . n 
A 1 29 SER 29 29 29 SER SER A . n 
A 1 30 LEU 30 30 30 LEU LEU A . n 
A 1 31 TYR 31 31 31 TYR TYR A . n 
A 1 32 ALA 32 32 32 ALA ALA A . n 
A 1 33 ILE 33 33 33 ILE ILE A . n 
A 1 34 PHE 34 34 34 PHE PHE A . n 
A 1 35 SER 35 35 35 SER SER A . n 
A 1 36 GLN 36 36 36 GLN GLN A . n 
A 1 37 PHE 37 37 37 PHE PHE A . n 
A 1 38 GLY 38 38 38 GLY GLY A . n 
A 1 39 GLN 39 39 39 GLN GLN A . n 
A 1 40 ILE 40 40 40 ILE ILE A . n 
A 1 41 LEU 41 41 41 LEU LEU A . n 
A 1 42 ASP 42 42 42 ASP ASP A . n 
A 1 43 ILE 43 43 43 ILE ILE A . n 
A 1 44 LEU 44 44 44 LEU LEU A . n 
A 1 45 VAL 45 45 45 VAL VAL A . n 
A 1 46 SER 46 46 46 SER SER A . n 
A 1 47 ARG 47 47 47 ARG ARG A . n 
A 1 48 SER 48 48 48 SER SER A . n 
A 1 49 LEU 49 49 49 LEU LEU A . n 
A 1 50 LYS 50 50 50 LYS LYS A . n 
A 1 51 MET 51 51 51 MET MET A . n 
A 1 52 ARG 52 52 52 ARG ARG A . n 
A 1 53 GLY 53 53 53 GLY GLY A . n 
A 1 54 GLN 54 54 54 GLN GLN A . n 
A 1 55 ALA 55 55 55 ALA ALA A . n 
A 1 56 PHE 56 56 56 PHE PHE A . n 
A 1 57 VAL 57 57 57 VAL VAL A . n 
A 1 58 ILE 58 58 58 ILE ILE A . n 
A 1 59 PHE 59 59 59 PHE PHE A . n 
A 1 60 LYS 60 60 60 LYS LYS A . n 
A 1 61 GLU 61 61 61 GLU GLU A . n 
A 1 62 VAL 62 62 62 VAL VAL A . n 
A 1 63 SER 63 63 63 SER SER A . n 
A 1 64 SER 64 64 64 SER SER A . n 
A 1 65 ALA 65 65 65 ALA ALA A . n 
A 1 66 THR 66 66 66 THR THR A . n 
A 1 67 ASN 67 67 67 ASN ASN A . n 
A 1 68 ALA 68 68 68 ALA ALA A . n 
A 1 69 LEU 69 69 69 LEU LEU A . n 
A 1 70 ARG 70 70 70 ARG ARG A . n 
A 1 71 SER 71 71 71 SER SER A . n 
A 1 72 MET 72 72 72 MET MET A . n 
A 1 73 GLN 73 73 73 GLN GLN A . n 
A 1 74 GLY 74 74 74 GLY GLY A . n 
A 1 75 PHE 75 75 75 PHE PHE A . n 
A 1 76 PRO 76 76 76 PRO PRO A . n 
A 1 77 PHE 77 77 77 PHE PHE A . n 
A 1 78 TYR 78 78 78 TYR TYR A . n 
A 1 79 ASP 79 79 79 ASP ASP A . n 
A 1 80 LYS 80 80 80 LYS LYS A . n 
A 1 81 PRO 81 81 81 PRO PRO A . n 
A 1 82 MET 82 82 82 MET MET A . n 
A 1 83 ARG 83 83 83 ARG ARG A . n 
A 1 84 ILE 84 84 84 ILE ILE A . n 
A 1 85 GLN 85 85 85 GLN GLN A . n 
A 1 86 TYR 86 86 86 TYR TYR A . n 
A 1 87 ALA 87 87 87 ALA ALA A . n 
A 1 88 LYS 88 88 88 LYS LYS A . n 
A 1 89 THR 89 89 89 THR THR A . n 
A 1 90 ASP 90 90 90 ASP ASP A . n 
A 1 91 SER 91 91 91 SER SER A . n 
A 1 92 ASP 92 92 92 ASP ASP A . n 
A 1 93 ILE 93 93 ?  ?   ?   A . n 
A 1 94 ILE 94 94 ?  ?   ?   A . n 
A 1 95 ALA 95 95 ?  ?   ?   A . n 
B 1 1  MET 1  1  ?  ?   ?   B . n 
B 1 2  ALA 2  2  ?  ?   ?   B . n 
B 1 3  VAL 3  3  ?  ?   ?   B . n 
B 1 4  PRO 4  4  ?  ?   ?   B . n 
B 1 5  GLU 5  5  ?  ?   ?   B . n 
B 1 6  THR 6  6  6  THR THR B . n 
B 1 7  ARG 7  7  7  ARG ARG B . n 
B 1 8  PRO 8  8  8  PRO PRO B . n 
B 1 9  ASN 9  9  9  ASN ASN B . n 
B 1 10 HIS 10 10 10 HIS HIS B . n 
B 1 11 THR 11 11 11 THR THR B . n 
B 1 12 ILE 12 12 12 ILE ILE B . n 
B 1 13 TYR 13 13 13 TYR TYR B . n 
B 1 14 ILE 14 14 14 ILE ILE B . n 
B 1 15 ASN 15 15 15 ASN ASN B . n 
B 1 16 ASN 16 16 16 ASN ASN B . n 
B 1 17 LEU 17 17 17 LEU LEU B . n 
B 1 18 ASN 18 18 18 ASN ASN B . n 
B 1 19 GLU 19 19 19 GLU GLU B . n 
B 1 20 LYS 20 20 20 LYS LYS B . n 
B 1 21 ILE 21 21 21 ILE ILE B . n 
B 1 22 LYS 22 22 22 LYS LYS B . n 
B 1 23 LYS 23 23 23 LYS LYS B . n 
B 1 24 ASP 24 24 24 ASP ASP B . n 
B 1 25 GLU 25 25 25 GLU GLU B . n 
B 1 26 LEU 26 26 26 LEU LEU B . n 
B 1 27 LYS 27 27 27 LYS LYS B . n 
B 1 28 LYS 28 28 28 LYS LYS B . n 
B 1 29 SER 29 29 29 SER SER B . n 
B 1 30 LEU 30 30 30 LEU LEU B . n 
B 1 31 TYR 31 31 31 TYR TYR B . n 
B 1 32 ALA 32 32 32 ALA ALA B . n 
B 1 33 ILE 33 33 33 ILE ILE B . n 
B 1 34 PHE 34 34 34 PHE PHE B . n 
B 1 35 SER 35 35 35 SER SER B . n 
B 1 36 GLN 36 36 36 GLN GLN B . n 
B 1 37 PHE 37 37 37 PHE PHE B . n 
B 1 38 GLY 38 38 38 GLY GLY B . n 
B 1 39 GLN 39 39 39 GLN GLN B . n 
B 1 40 ILE 40 40 40 ILE ILE B . n 
B 1 41 LEU 41 41 41 LEU LEU B . n 
B 1 42 ASP 42 42 42 ASP ASP B . n 
B 1 43 ILE 43 43 43 ILE ILE B . n 
B 1 44 LEU 44 44 44 LEU LEU B . n 
B 1 45 VAL 45 45 45 VAL VAL B . n 
B 1 46 SER 46 46 46 SER SER B . n 
B 1 47 ARG 47 47 47 ARG ARG B . n 
B 1 48 SER 48 48 48 SER SER B . n 
B 1 49 LEU 49 49 49 LEU LEU B . n 
B 1 50 LYS 50 50 50 LYS LYS B . n 
B 1 51 MET 51 51 51 MET MET B . n 
B 1 52 ARG 52 52 52 ARG ARG B . n 
B 1 53 GLY 53 53 53 GLY GLY B . n 
B 1 54 GLN 54 54 54 GLN GLN B . n 
B 1 55 ALA 55 55 55 ALA ALA B . n 
B 1 56 PHE 56 56 56 PHE PHE B . n 
B 1 57 VAL 57 57 57 VAL VAL B . n 
B 1 58 ILE 58 58 58 ILE ILE B . n 
B 1 59 PHE 59 59 59 PHE PHE B . n 
B 1 60 LYS 60 60 60 LYS LYS B . n 
B 1 61 GLU 61 61 61 GLU GLU B . n 
B 1 62 VAL 62 62 62 VAL VAL B . n 
B 1 63 SER 63 63 63 SER SER B . n 
B 1 64 SER 64 64 64 SER SER B . n 
B 1 65 ALA 65 65 65 ALA ALA B . n 
B 1 66 THR 66 66 66 THR THR B . n 
B 1 67 ASN 67 67 67 ASN ASN B . n 
B 1 68 ALA 68 68 68 ALA ALA B . n 
B 1 69 LEU 69 69 69 LEU LEU B . n 
B 1 70 ARG 70 70 70 ARG ARG B . n 
B 1 71 SER 71 71 71 SER SER B . n 
B 1 72 MET 72 72 72 MET MET B . n 
B 1 73 GLN 73 73 73 GLN GLN B . n 
B 1 74 GLY 74 74 74 GLY GLY B . n 
B 1 75 PHE 75 75 75 PHE PHE B . n 
B 1 76 PRO 76 76 76 PRO PRO B . n 
B 1 77 PHE 77 77 77 PHE PHE B . n 
B 1 78 TYR 78 78 78 TYR TYR B . n 
B 1 79 ASP 79 79 79 ASP ASP B . n 
B 1 80 LYS 80 80 80 LYS LYS B . n 
B 1 81 PRO 81 81 81 PRO PRO B . n 
B 1 82 MET 82 82 82 MET MET B . n 
B 1 83 ARG 83 83 83 ARG ARG B . n 
B 1 84 ILE 84 84 84 ILE ILE B . n 
B 1 85 GLN 85 85 85 GLN GLN B . n 
B 1 86 TYR 86 86 86 TYR TYR B . n 
B 1 87 ALA 87 87 87 ALA ALA B . n 
B 1 88 LYS 88 88 88 LYS LYS B . n 
B 1 89 THR 89 89 89 THR THR B . n 
B 1 90 ASP 90 90 90 ASP ASP B . n 
B 1 91 SER 91 91 91 SER SER B . n 
B 1 92 ASP 92 92 ?  ?   ?   B . n 
B 1 93 ILE 93 93 ?  ?   ?   B . n 
B 1 94 ILE 94 94 ?  ?   ?   B . n 
B 1 95 ALA 95 95 ?  ?   ?   B . n 
# 
loop_
_pdbx_nonpoly_scheme.asym_id 
_pdbx_nonpoly_scheme.entity_id 
_pdbx_nonpoly_scheme.mon_id 
_pdbx_nonpoly_scheme.ndb_seq_num 
_pdbx_nonpoly_scheme.pdb_seq_num 
_pdbx_nonpoly_scheme.auth_seq_num 
_pdbx_nonpoly_scheme.pdb_mon_id 
_pdbx_nonpoly_scheme.auth_mon_id 
_pdbx_nonpoly_scheme.pdb_strand_id 
_pdbx_nonpoly_scheme.pdb_ins_code 
C 2 HOH 1  2001 2001 HOH HOH A . 
C 2 HOH 2  2002 2002 HOH HOH A . 
C 2 HOH 3  2003 2003 HOH HOH A . 
C 2 HOH 4  2004 2004 HOH HOH A . 
C 2 HOH 5  2005 2005 HOH HOH A . 
C 2 HOH 6  2006 2006 HOH HOH A . 
C 2 HOH 7  2007 2007 HOH HOH A . 
C 2 HOH 8  2008 2008 HOH HOH A . 
C 2 HOH 9  2009 2009 HOH HOH A . 
C 2 HOH 10 2010 2010 HOH HOH A . 
C 2 HOH 11 2011 2011 HOH HOH A . 
C 2 HOH 12 2012 2012 HOH HOH A . 
C 2 HOH 13 2013 2013 HOH HOH A . 
C 2 HOH 14 2014 2014 HOH HOH A . 
C 2 HOH 15 2015 2015 HOH HOH A . 
C 2 HOH 16 2016 2016 HOH HOH A . 
C 2 HOH 17 2017 2017 HOH HOH A . 
C 2 HOH 18 2018 2018 HOH HOH A . 
C 2 HOH 19 2019 2019 HOH HOH A . 
C 2 HOH 20 2020 2020 HOH HOH A . 
C 2 HOH 21 2021 2021 HOH HOH A . 
C 2 HOH 22 2022 2022 HOH HOH A . 
C 2 HOH 23 2023 2023 HOH HOH A . 
C 2 HOH 24 2024 2024 HOH HOH A . 
C 2 HOH 25 2025 2025 HOH HOH A . 
C 2 HOH 26 2026 2026 HOH HOH A . 
C 2 HOH 27 2027 2027 HOH HOH A . 
C 2 HOH 28 2028 2028 HOH HOH A . 
C 2 HOH 29 2029 2029 HOH HOH A . 
C 2 HOH 30 2030 2030 HOH HOH A . 
C 2 HOH 31 2031 2031 HOH HOH A . 
C 2 HOH 32 2032 2032 HOH HOH A . 
C 2 HOH 33 2033 2033 HOH HOH A . 
C 2 HOH 34 2034 2034 HOH HOH A . 
C 2 HOH 35 2035 2035 HOH HOH A . 
C 2 HOH 36 2036 2036 HOH HOH A . 
C 2 HOH 37 2037 2037 HOH HOH A . 
C 2 HOH 38 2038 2038 HOH HOH A . 
C 2 HOH 39 2039 2039 HOH HOH A . 
C 2 HOH 40 2040 2040 HOH HOH A . 
C 2 HOH 41 2041 2041 HOH HOH A . 
C 2 HOH 42 2042 2042 HOH HOH A . 
C 2 HOH 43 2043 2043 HOH HOH A . 
C 2 HOH 44 2044 2044 HOH HOH A . 
C 2 HOH 45 2045 2045 HOH HOH A . 
C 2 HOH 46 2046 2046 HOH HOH A . 
C 2 HOH 47 2047 2047 HOH HOH A . 
C 2 HOH 48 2048 2048 HOH HOH A . 
C 2 HOH 49 2049 2049 HOH HOH A . 
C 2 HOH 50 2050 2050 HOH HOH A . 
C 2 HOH 51 2051 2051 HOH HOH A . 
C 2 HOH 52 2052 2052 HOH HOH A . 
D 2 HOH 1  2001 2001 HOH HOH B . 
D 2 HOH 2  2002 2002 HOH HOH B . 
D 2 HOH 3  2003 2003 HOH HOH B . 
D 2 HOH 4  2004 2004 HOH HOH B . 
D 2 HOH 5  2005 2005 HOH HOH B . 
D 2 HOH 6  2006 2006 HOH HOH B . 
D 2 HOH 7  2007 2007 HOH HOH B . 
D 2 HOH 8  2008 2008 HOH HOH B . 
D 2 HOH 9  2009 2009 HOH HOH B . 
D 2 HOH 10 2010 2010 HOH HOH B . 
D 2 HOH 11 2011 2011 HOH HOH B . 
D 2 HOH 12 2012 2012 HOH HOH B . 
D 2 HOH 13 2013 2013 HOH HOH B . 
D 2 HOH 14 2014 2014 HOH HOH B . 
D 2 HOH 15 2015 2015 HOH HOH B . 
D 2 HOH 16 2016 2016 HOH HOH B . 
D 2 HOH 17 2017 2017 HOH HOH B . 
D 2 HOH 18 2018 2018 HOH HOH B . 
D 2 HOH 19 2019 2019 HOH HOH B . 
D 2 HOH 20 2020 2020 HOH HOH B . 
D 2 HOH 21 2021 2021 HOH HOH B . 
D 2 HOH 22 2022 2022 HOH HOH B . 
D 2 HOH 23 2023 2023 HOH HOH B . 
D 2 HOH 24 2024 2024 HOH HOH B . 
D 2 HOH 25 2025 2025 HOH HOH B . 
D 2 HOH 26 2026 2026 HOH HOH B . 
D 2 HOH 27 2027 2027 HOH HOH B . 
D 2 HOH 28 2028 2028 HOH HOH B . 
D 2 HOH 29 2029 2029 HOH HOH B . 
D 2 HOH 30 2030 2030 HOH HOH B . 
D 2 HOH 31 2031 2031 HOH HOH B . 
D 2 HOH 32 2032 2032 HOH HOH B . 
D 2 HOH 33 2033 2033 HOH HOH B . 
D 2 HOH 34 2034 2034 HOH HOH B . 
D 2 HOH 35 2035 2035 HOH HOH B . 
D 2 HOH 36 2036 2036 HOH HOH B . 
D 2 HOH 37 2037 2037 HOH HOH B . 
D 2 HOH 38 2038 2038 HOH HOH B . 
D 2 HOH 39 2039 2039 HOH HOH B . 
D 2 HOH 40 2040 2040 HOH HOH B . 
# 
loop_
_software.name 
_software.classification 
_software.version 
_software.citation_id 
_software.pdbx_ordinal 
REFMAC  refinement       5.1.24 ? 1 
WEIS    'data reduction' .      ? 2 
SCALA   'data scaling'   .      ? 3 
MLPHARE phasing          .      ? 4 
# 
_cell.entry_id           1OIA 
_cell.length_a           148.125 
_cell.length_b           148.125 
_cell.length_c           148.125 
_cell.angle_alpha        90.00 
_cell.angle_beta         90.00 
_cell.angle_gamma        90.00 
_cell.Z_PDB              96 
_cell.pdbx_unique_axis   ? 
# 
_symmetry.entry_id                         1OIA 
_symmetry.space_group_name_H-M             'I 41 3 2' 
_symmetry.pdbx_full_space_group_name_H-M   ? 
_symmetry.cell_setting                     ? 
_symmetry.Int_Tables_number                214 
# 
_exptl.entry_id          1OIA 
_exptl.method            'X-RAY DIFFRACTION' 
_exptl.crystals_number   1 
# 
_exptl_crystal.id                    1 
_exptl_crystal.density_meas          ? 
_exptl_crystal.density_Matthews      3.09 
_exptl_crystal.density_percent_sol   60.23 
_exptl_crystal.description           'DATA WERE COLLECTED USING THE WEISSENBERG METHOD.' 
# 
_exptl_crystal_grow.crystal_id      1 
_exptl_crystal_grow.method          ? 
_exptl_crystal_grow.temp            ? 
_exptl_crystal_grow.temp_details    ? 
_exptl_crystal_grow.pH              5.50 
_exptl_crystal_grow.pdbx_pH_range   ? 
_exptl_crystal_grow.pdbx_details    '2M NA/K PHOSPHATE PH 5.5' 
# 
_diffrn.id                     1 
_diffrn.ambient_temp           287.0 
_diffrn.ambient_temp_details   ? 
_diffrn.crystal_id             1 
# 
_diffrn_detector.diffrn_id              1 
_diffrn_detector.detector               WEISENBERG 
_diffrn_detector.type                   ? 
_diffrn_detector.pdbx_collection_date   1991-03-15 
_diffrn_detector.details                ? 
# 
_diffrn_radiation.diffrn_id                        1 
_diffrn_radiation.wavelength_id                    1 
_diffrn_radiation.pdbx_monochromatic_or_laue_m_l   M 
_diffrn_radiation.monochromator                    ? 
_diffrn_radiation.pdbx_diffrn_protocol             'SINGLE WAVELENGTH' 
_diffrn_radiation.pdbx_scattering_type             x-ray 
# 
_diffrn_radiation_wavelength.id           1 
_diffrn_radiation_wavelength.wavelength   1.0 
_diffrn_radiation_wavelength.wt           1.0 
# 
_diffrn_source.diffrn_id                   1 
_diffrn_source.source                      SYNCHROTRON 
_diffrn_source.type                        'PHOTON FACTORY' 
_diffrn_source.pdbx_synchrotron_site       'Photon Factory' 
_diffrn_source.pdbx_synchrotron_beamline   ? 
_diffrn_source.pdbx_wavelength             1.0 
_diffrn_source.pdbx_wavelength_list        ? 
# 
_reflns.pdbx_diffrn_id               1 
_reflns.pdbx_ordinal                 1 
_reflns.entry_id                     1OIA 
_reflns.observed_criterion_sigma_I   6.000 
_reflns.observed_criterion_sigma_F   ? 
_reflns.d_resolution_low             100.000 
_reflns.d_resolution_high            2.200 
_reflns.number_obs                   12666 
_reflns.number_all                   ? 
_reflns.percent_possible_obs         95.0 
_reflns.pdbx_Rmerge_I_obs            0.07400 
_reflns.pdbx_Rsym_value              ? 
_reflns.pdbx_netI_over_sigmaI        ? 
_reflns.B_iso_Wilson_estimate        ? 
_reflns.pdbx_redundancy              9.400 
# 
_refine.pdbx_refine_id                           'X-RAY DIFFRACTION' 
_refine.entry_id                                 1OIA 
_refine.pdbx_diffrn_id                           1 
_refine.pdbx_TLS_residual_ADP_flag               ? 
_refine.ls_number_reflns_obs                     10374 
_refine.ls_number_reflns_all                     ? 
_refine.pdbx_ls_sigma_I                          ? 
_refine.pdbx_ls_sigma_F                          ? 
_refine.pdbx_data_cutoff_high_absF               ? 
_refine.pdbx_data_cutoff_low_absF                ? 
_refine.pdbx_data_cutoff_high_rms_absF           ? 
_refine.ls_d_res_low                             105.41 
_refine.ls_d_res_high                            2.40 
_refine.ls_percent_reflns_obs                    97.5 
_refine.ls_R_factor_obs                          0.194 
_refine.ls_R_factor_all                          ? 
_refine.ls_R_factor_R_work                       0.192 
_refine.ls_R_factor_R_free                       0.242 
_refine.ls_R_factor_R_free_error                 ? 
_refine.ls_R_factor_R_free_error_details         ? 
_refine.ls_percent_reflns_R_free                 4.800 
_refine.ls_number_reflns_R_free                  518 
_refine.ls_number_parameters                     ? 
_refine.ls_number_restraints                     ? 
_refine.occupancy_min                            ? 
_refine.occupancy_max                            ? 
_refine.correlation_coeff_Fo_to_Fc               0.953 
_refine.correlation_coeff_Fo_to_Fc_free          0.918 
_refine.B_iso_mean                               42.72 
_refine.aniso_B[1][1]                            ? 
_refine.aniso_B[2][2]                            ? 
_refine.aniso_B[3][3]                            ? 
_refine.aniso_B[1][2]                            ? 
_refine.aniso_B[1][3]                            ? 
_refine.aniso_B[2][3]                            ? 
_refine.solvent_model_details                    'BABINET MODEL WITH MASK' 
_refine.solvent_model_param_ksol                 ? 
_refine.solvent_model_param_bsol                 ? 
_refine.pdbx_solvent_vdw_probe_radii             1.40 
_refine.pdbx_solvent_ion_probe_radii             0.80 
_refine.pdbx_solvent_shrinkage_radii             0.80 
_refine.pdbx_ls_cross_valid_method               THROUGHOUT 
_refine.details                                  
'HYDROGENS HAVE BEEN ADDED IN THE RIDING POSITIONS. LOOP B48-B52 IS FLEXIBLE AND MAY BE WRONG' 
_refine.pdbx_starting_model                      ? 
_refine.pdbx_method_to_determine_struct          MIR 
_refine.pdbx_isotropic_thermal_model             ? 
_refine.pdbx_stereochemistry_target_values       'MAXIMUM LIKELIHOOD' 
_refine.pdbx_stereochem_target_val_spec_case     ? 
_refine.pdbx_R_Free_selection_details            RANDOM 
_refine.pdbx_overall_ESU_R                       0.283 
_refine.pdbx_overall_ESU_R_Free                  0.229 
_refine.overall_SU_ML                            0.162 
_refine.pdbx_overall_phase_error                 ? 
_refine.overall_SU_B                             7.095 
_refine.overall_SU_R_Cruickshank_DPI             ? 
_refine.pdbx_overall_SU_R_free_Cruickshank_DPI   ? 
_refine.pdbx_overall_SU_R_Blow_DPI               ? 
_refine.pdbx_overall_SU_R_free_Blow_DPI          ? 
# 
_refine_hist.pdbx_refine_id                   'X-RAY DIFFRACTION' 
_refine_hist.cycle_id                         LAST 
_refine_hist.pdbx_number_atoms_protein        1437 
_refine_hist.pdbx_number_atoms_nucleic_acid   0 
_refine_hist.pdbx_number_atoms_ligand         0 
_refine_hist.number_atoms_solvent             92 
_refine_hist.number_atoms_total               1529 
_refine_hist.d_res_high                       2.40 
_refine_hist.d_res_low                        105.41 
# 
loop_
_refine_ls_restr.type 
_refine_ls_restr.dev_ideal 
_refine_ls_restr.dev_ideal_target 
_refine_ls_restr.weight 
_refine_ls_restr.number 
_refine_ls_restr.pdbx_refine_id 
_refine_ls_restr.pdbx_restraint_function 
r_bond_refined_d             0.016 0.022 ? 1464 'X-RAY DIFFRACTION' ? 
r_bond_other_d               0.002 0.020 ? 1346 'X-RAY DIFFRACTION' ? 
r_angle_refined_deg          1.491 1.959 ? 1963 'X-RAY DIFFRACTION' ? 
r_angle_other_deg            0.851 3.000 ? 3149 'X-RAY DIFFRACTION' ? 
r_dihedral_angle_1_deg       7.618 5.000 ? 174  'X-RAY DIFFRACTION' ? 
r_dihedral_angle_2_deg       ?     ?     ? ?    'X-RAY DIFFRACTION' ? 
r_dihedral_angle_3_deg       ?     ?     ? ?    'X-RAY DIFFRACTION' ? 
r_dihedral_angle_4_deg       ?     ?     ? ?    'X-RAY DIFFRACTION' ? 
r_chiral_restr               0.097 0.200 ? 215  'X-RAY DIFFRACTION' ? 
r_gen_planes_refined         0.006 0.020 ? 1579 'X-RAY DIFFRACTION' ? 
r_gen_planes_other           0.002 0.020 ? 303  'X-RAY DIFFRACTION' ? 
r_nbd_refined                0.212 0.200 ? 254  'X-RAY DIFFRACTION' ? 
r_nbd_other                  0.228 0.200 ? 1443 'X-RAY DIFFRACTION' ? 
r_nbtor_refined              ?     ?     ? ?    'X-RAY DIFFRACTION' ? 
r_nbtor_other                0.088 0.200 ? 924  'X-RAY DIFFRACTION' ? 
r_xyhbond_nbd_refined        0.177 0.200 ? 56   'X-RAY DIFFRACTION' ? 
r_xyhbond_nbd_other          ?     ?     ? ?    'X-RAY DIFFRACTION' ? 
r_metal_ion_refined          ?     ?     ? ?    'X-RAY DIFFRACTION' ? 
r_metal_ion_other            ?     ?     ? ?    'X-RAY DIFFRACTION' ? 
r_symmetry_vdw_refined       0.169 0.200 ? 10   'X-RAY DIFFRACTION' ? 
r_symmetry_vdw_other         0.247 0.200 ? 53   'X-RAY DIFFRACTION' ? 
r_symmetry_hbond_refined     0.283 0.200 ? 11   'X-RAY DIFFRACTION' ? 
r_symmetry_hbond_other       ?     ?     ? ?    'X-RAY DIFFRACTION' ? 
r_symmetry_metal_ion_refined ?     ?     ? ?    'X-RAY DIFFRACTION' ? 
r_symmetry_metal_ion_other   ?     ?     ? ?    'X-RAY DIFFRACTION' ? 
r_mcbond_it                  1.252 1.500 ? 879  'X-RAY DIFFRACTION' ? 
r_mcbond_other               ?     ?     ? ?    'X-RAY DIFFRACTION' ? 
r_mcangle_it                 2.367 2.000 ? 1426 'X-RAY DIFFRACTION' ? 
r_mcangle_other              ?     ?     ? ?    'X-RAY DIFFRACTION' ? 
r_scbond_it                  2.468 3.000 ? 585  'X-RAY DIFFRACTION' ? 
r_scbond_other               ?     ?     ? ?    'X-RAY DIFFRACTION' ? 
r_scangle_it                 4.472 4.500 ? 537  'X-RAY DIFFRACTION' ? 
r_scangle_other              ?     ?     ? ?    'X-RAY DIFFRACTION' ? 
r_long_range_B_refined       ?     ?     ? ?    'X-RAY DIFFRACTION' ? 
r_long_range_B_other         ?     ?     ? ?    'X-RAY DIFFRACTION' ? 
r_rigid_bond_restr           ?     ?     ? ?    'X-RAY DIFFRACTION' ? 
r_sphericity_free            ?     ?     ? ?    'X-RAY DIFFRACTION' ? 
r_sphericity_bonded          ?     ?     ? ?    'X-RAY DIFFRACTION' ? 
# 
_refine_ls_shell.pdbx_refine_id                   'X-RAY DIFFRACTION' 
_refine_ls_shell.pdbx_total_number_of_bins_used   20 
_refine_ls_shell.d_res_high                       2.40 
_refine_ls_shell.d_res_low                        2.46 
_refine_ls_shell.number_reflns_R_work             721 
_refine_ls_shell.R_factor_R_work                  0.2370 
_refine_ls_shell.percent_reflns_obs               ? 
_refine_ls_shell.R_factor_R_free                  0.3240 
_refine_ls_shell.R_factor_R_free_error            ? 
_refine_ls_shell.percent_reflns_R_free            ? 
_refine_ls_shell.number_reflns_R_free             29 
_refine_ls_shell.number_reflns_all                ? 
_refine_ls_shell.R_factor_all                     ? 
# 
_struct_ncs_oper.id             1 
_struct_ncs_oper.code           given 
_struct_ncs_oper.details        ? 
_struct_ncs_oper.matrix[1][1]   0.90456296 
_struct_ncs_oper.matrix[1][2]   0.00937390 
_struct_ncs_oper.matrix[1][3]   0.42627567 
_struct_ncs_oper.matrix[2][1]   0.00829378 
_struct_ncs_oper.matrix[2][2]   -0.99998968 
_struct_ncs_oper.matrix[2][3]   0.00443231 
_struct_ncs_oper.matrix[3][1]   0.42630039 
_struct_ncs_oper.matrix[3][2]   -0.00043212 
_struct_ncs_oper.matrix[3][3]   -0.90457328 
_struct_ncs_oper.vector[1]      -0.08221 
_struct_ncs_oper.vector[2]      0.65860 
_struct_ncs_oper.vector[3]      0.49858 
# 
_struct.entry_id                  1OIA 
_struct.title                     'U1A rnp domain 1-95' 
_struct.pdbx_model_details        ? 
_struct.pdbx_CASP_flag            ? 
_struct.pdbx_model_type_details   ? 
# 
_struct_keywords.entry_id        1OIA 
_struct_keywords.pdbx_keywords   RIBONUCLEOPROTEIN 
_struct_keywords.text            'RIBONUCLEOPROTEIN, NUCLEAR PROTEIN, RNA-BINDING' 
# 
loop_
_struct_asym.id 
_struct_asym.pdbx_blank_PDB_chainid_flag 
_struct_asym.pdbx_modified 
_struct_asym.entity_id 
_struct_asym.details 
A N N 1 ? 
B N N 1 ? 
C N N 2 ? 
D N N 2 ? 
# 
_struct_ref.id                         1 
_struct_ref.db_name                    UNP 
_struct_ref.db_code                    RU1A_HUMAN 
_struct_ref.entity_id                  1 
_struct_ref.pdbx_seq_one_letter_code   ? 
_struct_ref.pdbx_align_begin           ? 
_struct_ref.pdbx_db_accession          P09012 
_struct_ref.pdbx_db_isoform            ? 
# 
loop_
_struct_ref_seq.align_id 
_struct_ref_seq.ref_id 
_struct_ref_seq.pdbx_PDB_id_code 
_struct_ref_seq.pdbx_strand_id 
_struct_ref_seq.seq_align_beg 
_struct_ref_seq.pdbx_seq_align_beg_ins_code 
_struct_ref_seq.seq_align_end 
_struct_ref_seq.pdbx_seq_align_end_ins_code 
_struct_ref_seq.pdbx_db_accession 
_struct_ref_seq.db_align_beg 
_struct_ref_seq.pdbx_db_align_beg_ins_code 
_struct_ref_seq.db_align_end 
_struct_ref_seq.pdbx_db_align_end_ins_code 
_struct_ref_seq.pdbx_auth_seq_align_beg 
_struct_ref_seq.pdbx_auth_seq_align_end 
1 1 1OIA A 1 ? 95 ? P09012 1 ? 95 ? 1 95 
2 1 1OIA B 1 ? 95 ? P09012 1 ? 95 ? 1 95 
# 
loop_
_pdbx_struct_assembly.id 
_pdbx_struct_assembly.details 
_pdbx_struct_assembly.method_details 
_pdbx_struct_assembly.oligomeric_details 
_pdbx_struct_assembly.oligomeric_count 
1 author_and_software_defined_assembly PQS monomeric 1 
2 author_and_software_defined_assembly PQS monomeric 1 
# 
loop_
_pdbx_struct_assembly_gen.assembly_id 
_pdbx_struct_assembly_gen.oper_expression 
_pdbx_struct_assembly_gen.asym_id_list 
1 1 A,C 
2 1 B,D 
# 
_pdbx_struct_oper_list.id                   1 
_pdbx_struct_oper_list.type                 'identity operation' 
_pdbx_struct_oper_list.name                 1_555 
_pdbx_struct_oper_list.symmetry_operation   x,y,z 
_pdbx_struct_oper_list.matrix[1][1]         1.0000000000 
_pdbx_struct_oper_list.matrix[1][2]         0.0000000000 
_pdbx_struct_oper_list.matrix[1][3]         0.0000000000 
_pdbx_struct_oper_list.vector[1]            0.0000000000 
_pdbx_struct_oper_list.matrix[2][1]         0.0000000000 
_pdbx_struct_oper_list.matrix[2][2]         1.0000000000 
_pdbx_struct_oper_list.matrix[2][3]         0.0000000000 
_pdbx_struct_oper_list.vector[2]            0.0000000000 
_pdbx_struct_oper_list.matrix[3][1]         0.0000000000 
_pdbx_struct_oper_list.matrix[3][2]         0.0000000000 
_pdbx_struct_oper_list.matrix[3][3]         1.0000000000 
_pdbx_struct_oper_list.vector[3]            0.0000000000 
# 
_struct_biol.id   1 
# 
loop_
_struct_conf.conf_type_id 
_struct_conf.id 
_struct_conf.pdbx_PDB_helix_id 
_struct_conf.beg_label_comp_id 
_struct_conf.beg_label_asym_id 
_struct_conf.beg_label_seq_id 
_struct_conf.pdbx_beg_PDB_ins_code 
_struct_conf.end_label_comp_id 
_struct_conf.end_label_asym_id 
_struct_conf.end_label_seq_id 
_struct_conf.pdbx_end_PDB_ins_code 
_struct_conf.beg_auth_comp_id 
_struct_conf.beg_auth_asym_id 
_struct_conf.beg_auth_seq_id 
_struct_conf.end_auth_comp_id 
_struct_conf.end_auth_asym_id 
_struct_conf.end_auth_seq_id 
_struct_conf.pdbx_PDB_helix_class 
_struct_conf.details 
_struct_conf.pdbx_PDB_helix_length 
HELX_P HELX_P1 1 LYS A 22 ? SER A 35 ? LYS A 22 SER A 35 1 ? 14 
HELX_P HELX_P2 2 GLN A 36 ? GLY A 38 ? GLN A 36 GLY A 38 5 ? 3  
HELX_P HELX_P3 3 SER A 48 ? ARG A 52 ? SER A 48 ARG A 52 5 ? 5  
HELX_P HELX_P4 4 GLU A 61 ? GLN A 73 ? GLU A 61 GLN A 73 1 ? 13 
HELX_P HELX_P5 5 LYS B 22 ? SER B 35 ? LYS B 22 SER B 35 1 ? 14 
HELX_P HELX_P6 6 GLN B 36 ? GLY B 38 ? GLN B 36 GLY B 38 5 ? 3  
HELX_P HELX_P7 7 SER B 46 ? LYS B 50 ? SER B 46 LYS B 50 5 ? 5  
HELX_P HELX_P8 8 GLU B 61 ? GLN B 73 ? GLU B 61 GLN B 73 1 ? 13 
# 
_struct_conf_type.id          HELX_P 
_struct_conf_type.criteria    ? 
_struct_conf_type.reference   ? 
# 
loop_
_struct_sheet.id 
_struct_sheet.type 
_struct_sheet.number_strands 
_struct_sheet.details 
AA ? 4 ? 
AB ? 2 ? 
BA ? 4 ? 
BB ? 2 ? 
# 
loop_
_struct_sheet_order.sheet_id 
_struct_sheet_order.range_id_1 
_struct_sheet_order.range_id_2 
_struct_sheet_order.offset 
_struct_sheet_order.sense 
AA 1 2 ? anti-parallel 
AA 2 3 ? anti-parallel 
AA 3 4 ? anti-parallel 
AB 1 2 ? anti-parallel 
BA 1 2 ? anti-parallel 
BA 2 3 ? anti-parallel 
BA 3 4 ? anti-parallel 
BB 1 2 ? anti-parallel 
# 
loop_
_struct_sheet_range.sheet_id 
_struct_sheet_range.id 
_struct_sheet_range.beg_label_comp_id 
_struct_sheet_range.beg_label_asym_id 
_struct_sheet_range.beg_label_seq_id 
_struct_sheet_range.pdbx_beg_PDB_ins_code 
_struct_sheet_range.end_label_comp_id 
_struct_sheet_range.end_label_asym_id 
_struct_sheet_range.end_label_seq_id 
_struct_sheet_range.pdbx_end_PDB_ins_code 
_struct_sheet_range.beg_auth_comp_id 
_struct_sheet_range.beg_auth_asym_id 
_struct_sheet_range.beg_auth_seq_id 
_struct_sheet_range.end_auth_comp_id 
_struct_sheet_range.end_auth_asym_id 
_struct_sheet_range.end_auth_seq_id 
AA 1 ILE A 40 ? LEU A 44 ? ILE A 40 LEU A 44 
AA 2 ALA A 55 ? PHE A 59 ? ALA A 55 PHE A 59 
AA 3 THR A 11 ? ASN A 15 ? THR A 11 ASN A 15 
AA 4 ARG A 83 ? TYR A 86 ? ARG A 83 TYR A 86 
AB 1 PRO A 76 ? PHE A 77 ? PRO A 76 PHE A 77 
AB 2 LYS A 80 ? PRO A 81 ? LYS A 80 PRO A 81 
BA 1 ILE B 40 ? LEU B 44 ? ILE B 40 LEU B 44 
BA 2 GLN B 54 ? PHE B 59 ? GLN B 54 PHE B 59 
BA 3 THR B 11 ? ASN B 15 ? THR B 11 ASN B 15 
BA 4 ARG B 83 ? TYR B 86 ? ARG B 83 TYR B 86 
BB 1 PRO B 76 ? PHE B 77 ? PRO B 76 PHE B 77 
BB 2 LYS B 80 ? PRO B 81 ? LYS B 80 PRO B 81 
# 
loop_
_pdbx_struct_sheet_hbond.sheet_id 
_pdbx_struct_sheet_hbond.range_id_1 
_pdbx_struct_sheet_hbond.range_id_2 
_pdbx_struct_sheet_hbond.range_1_label_atom_id 
_pdbx_struct_sheet_hbond.range_1_label_comp_id 
_pdbx_struct_sheet_hbond.range_1_label_asym_id 
_pdbx_struct_sheet_hbond.range_1_label_seq_id 
_pdbx_struct_sheet_hbond.range_1_PDB_ins_code 
_pdbx_struct_sheet_hbond.range_1_auth_atom_id 
_pdbx_struct_sheet_hbond.range_1_auth_comp_id 
_pdbx_struct_sheet_hbond.range_1_auth_asym_id 
_pdbx_struct_sheet_hbond.range_1_auth_seq_id 
_pdbx_struct_sheet_hbond.range_2_label_atom_id 
_pdbx_struct_sheet_hbond.range_2_label_comp_id 
_pdbx_struct_sheet_hbond.range_2_label_asym_id 
_pdbx_struct_sheet_hbond.range_2_label_seq_id 
_pdbx_struct_sheet_hbond.range_2_PDB_ins_code 
_pdbx_struct_sheet_hbond.range_2_auth_atom_id 
_pdbx_struct_sheet_hbond.range_2_auth_comp_id 
_pdbx_struct_sheet_hbond.range_2_auth_asym_id 
_pdbx_struct_sheet_hbond.range_2_auth_seq_id 
AA 1 2 N LEU A 44 ? N LEU A 44 O PHE A 56 ? O PHE A 56 
AA 2 3 N VAL A 57 ? N VAL A 57 O ILE A 12 ? O ILE A 12 
AA 3 4 N ASN A 15 ? N ASN A 15 O ARG A 83 ? O ARG A 83 
AB 1 2 N PHE A 77 ? N PHE A 77 O LYS A 80 ? O LYS A 80 
BA 1 2 N LEU B 44 ? N LEU B 44 O PHE B 56 ? O PHE B 56 
BA 2 3 N VAL B 57 ? N VAL B 57 O ILE B 12 ? O ILE B 12 
BA 3 4 N ASN B 15 ? N ASN B 15 O ARG B 83 ? O ARG B 83 
BB 1 2 N PHE B 77 ? N PHE B 77 O LYS B 80 ? O LYS B 80 
# 
_pdbx_validate_close_contact.id               1 
_pdbx_validate_close_contact.PDB_model_num    1 
_pdbx_validate_close_contact.auth_atom_id_1   OD1 
_pdbx_validate_close_contact.auth_asym_id_1   A 
_pdbx_validate_close_contact.auth_comp_id_1   ASN 
_pdbx_validate_close_contact.auth_seq_id_1    67 
_pdbx_validate_close_contact.PDB_ins_code_1   ? 
_pdbx_validate_close_contact.label_alt_id_1   ? 
_pdbx_validate_close_contact.auth_atom_id_2   O 
_pdbx_validate_close_contact.auth_asym_id_2   A 
_pdbx_validate_close_contact.auth_comp_id_2   HOH 
_pdbx_validate_close_contact.auth_seq_id_2    2038 
_pdbx_validate_close_contact.PDB_ins_code_2   ? 
_pdbx_validate_close_contact.label_alt_id_2   ? 
_pdbx_validate_close_contact.dist             2.10 
# 
loop_
_pdbx_validate_torsion.id 
_pdbx_validate_torsion.PDB_model_num 
_pdbx_validate_torsion.auth_comp_id 
_pdbx_validate_torsion.auth_asym_id 
_pdbx_validate_torsion.auth_seq_id 
_pdbx_validate_torsion.PDB_ins_code 
_pdbx_validate_torsion.label_alt_id 
_pdbx_validate_torsion.phi 
_pdbx_validate_torsion.psi 
1 1 THR A 6  ? ? -118.98 66.23   
2 1 ARG A 7  ? ? 66.63   94.22   
3 1 ASN A 15 ? ? -129.15 -168.16 
4 1 ARG A 52 ? ? -49.57  -73.55  
5 1 THR A 89 ? ? -37.51  97.59   
6 1 ASN B 9  ? ? -176.21 144.91  
7 1 ASN B 16 ? ? 75.59   32.84   
8 1 SER B 48 ? ? -77.19  26.11   
# 
loop_
_pdbx_unobs_or_zero_occ_residues.id 
_pdbx_unobs_or_zero_occ_residues.PDB_model_num 
_pdbx_unobs_or_zero_occ_residues.polymer_flag 
_pdbx_unobs_or_zero_occ_residues.occupancy_flag 
_pdbx_unobs_or_zero_occ_residues.auth_asym_id 
_pdbx_unobs_or_zero_occ_residues.auth_comp_id 
_pdbx_unobs_or_zero_occ_residues.auth_seq_id 
_pdbx_unobs_or_zero_occ_residues.PDB_ins_code 
_pdbx_unobs_or_zero_occ_residues.label_asym_id 
_pdbx_unobs_or_zero_occ_residues.label_comp_id 
_pdbx_unobs_or_zero_occ_residues.label_seq_id 
1  1 Y 1 A MET 1  ? A MET 1  
2  1 Y 1 A ALA 2  ? A ALA 2  
3  1 Y 1 A ILE 93 ? A ILE 93 
4  1 Y 1 A ILE 94 ? A ILE 94 
5  1 Y 1 A ALA 95 ? A ALA 95 
6  1 Y 1 B MET 1  ? B MET 1  
7  1 Y 1 B ALA 2  ? B ALA 2  
8  1 Y 1 B VAL 3  ? B VAL 3  
9  1 Y 1 B PRO 4  ? B PRO 4  
10 1 Y 1 B GLU 5  ? B GLU 5  
11 1 Y 1 B ASP 92 ? B ASP 92 
12 1 Y 1 B ILE 93 ? B ILE 93 
13 1 Y 1 B ILE 94 ? B ILE 94 
14 1 Y 1 B ALA 95 ? B ALA 95 
# 
loop_
_chem_comp_atom.comp_id 
_chem_comp_atom.atom_id 
_chem_comp_atom.type_symbol 
_chem_comp_atom.pdbx_aromatic_flag 
_chem_comp_atom.pdbx_stereo_config 
_chem_comp_atom.pdbx_ordinal 
ALA N    N N N 1   
ALA CA   C N S 2   
ALA C    C N N 3   
ALA O    O N N 4   
ALA CB   C N N 5   
ALA OXT  O N N 6   
ALA H    H N N 7   
ALA H2   H N N 8   
ALA HA   H N N 9   
ALA HB1  H N N 10  
ALA HB2  H N N 11  
ALA HB3  H N N 12  
ALA HXT  H N N 13  
ARG N    N N N 14  
ARG CA   C N S 15  
ARG C    C N N 16  
ARG O    O N N 17  
ARG CB   C N N 18  
ARG CG   C N N 19  
ARG CD   C N N 20  
ARG NE   N N N 21  
ARG CZ   C N N 22  
ARG NH1  N N N 23  
ARG NH2  N N N 24  
ARG OXT  O N N 25  
ARG H    H N N 26  
ARG H2   H N N 27  
ARG HA   H N N 28  
ARG HB2  H N N 29  
ARG HB3  H N N 30  
ARG HG2  H N N 31  
ARG HG3  H N N 32  
ARG HD2  H N N 33  
ARG HD3  H N N 34  
ARG HE   H N N 35  
ARG HH11 H N N 36  
ARG HH12 H N N 37  
ARG HH21 H N N 38  
ARG HH22 H N N 39  
ARG HXT  H N N 40  
ASN N    N N N 41  
ASN CA   C N S 42  
ASN C    C N N 43  
ASN O    O N N 44  
ASN CB   C N N 45  
ASN CG   C N N 46  
ASN OD1  O N N 47  
ASN ND2  N N N 48  
ASN OXT  O N N 49  
ASN H    H N N 50  
ASN H2   H N N 51  
ASN HA   H N N 52  
ASN HB2  H N N 53  
ASN HB3  H N N 54  
ASN HD21 H N N 55  
ASN HD22 H N N 56  
ASN HXT  H N N 57  
ASP N    N N N 58  
ASP CA   C N S 59  
ASP C    C N N 60  
ASP O    O N N 61  
ASP CB   C N N 62  
ASP CG   C N N 63  
ASP OD1  O N N 64  
ASP OD2  O N N 65  
ASP OXT  O N N 66  
ASP H    H N N 67  
ASP H2   H N N 68  
ASP HA   H N N 69  
ASP HB2  H N N 70  
ASP HB3  H N N 71  
ASP HD2  H N N 72  
ASP HXT  H N N 73  
GLN N    N N N 74  
GLN CA   C N S 75  
GLN C    C N N 76  
GLN O    O N N 77  
GLN CB   C N N 78  
GLN CG   C N N 79  
GLN CD   C N N 80  
GLN OE1  O N N 81  
GLN NE2  N N N 82  
GLN OXT  O N N 83  
GLN H    H N N 84  
GLN H2   H N N 85  
GLN HA   H N N 86  
GLN HB2  H N N 87  
GLN HB3  H N N 88  
GLN HG2  H N N 89  
GLN HG3  H N N 90  
GLN HE21 H N N 91  
GLN HE22 H N N 92  
GLN HXT  H N N 93  
GLU N    N N N 94  
GLU CA   C N S 95  
GLU C    C N N 96  
GLU O    O N N 97  
GLU CB   C N N 98  
GLU CG   C N N 99  
GLU CD   C N N 100 
GLU OE1  O N N 101 
GLU OE2  O N N 102 
GLU OXT  O N N 103 
GLU H    H N N 104 
GLU H2   H N N 105 
GLU HA   H N N 106 
GLU HB2  H N N 107 
GLU HB3  H N N 108 
GLU HG2  H N N 109 
GLU HG3  H N N 110 
GLU HE2  H N N 111 
GLU HXT  H N N 112 
GLY N    N N N 113 
GLY CA   C N N 114 
GLY C    C N N 115 
GLY O    O N N 116 
GLY OXT  O N N 117 
GLY H    H N N 118 
GLY H2   H N N 119 
GLY HA2  H N N 120 
GLY HA3  H N N 121 
GLY HXT  H N N 122 
HIS N    N N N 123 
HIS CA   C N S 124 
HIS C    C N N 125 
HIS O    O N N 126 
HIS CB   C N N 127 
HIS CG   C Y N 128 
HIS ND1  N Y N 129 
HIS CD2  C Y N 130 
HIS CE1  C Y N 131 
HIS NE2  N Y N 132 
HIS OXT  O N N 133 
HIS H    H N N 134 
HIS H2   H N N 135 
HIS HA   H N N 136 
HIS HB2  H N N 137 
HIS HB3  H N N 138 
HIS HD1  H N N 139 
HIS HD2  H N N 140 
HIS HE1  H N N 141 
HIS HE2  H N N 142 
HIS HXT  H N N 143 
HOH O    O N N 144 
HOH H1   H N N 145 
HOH H2   H N N 146 
ILE N    N N N 147 
ILE CA   C N S 148 
ILE C    C N N 149 
ILE O    O N N 150 
ILE CB   C N S 151 
ILE CG1  C N N 152 
ILE CG2  C N N 153 
ILE CD1  C N N 154 
ILE OXT  O N N 155 
ILE H    H N N 156 
ILE H2   H N N 157 
ILE HA   H N N 158 
ILE HB   H N N 159 
ILE HG12 H N N 160 
ILE HG13 H N N 161 
ILE HG21 H N N 162 
ILE HG22 H N N 163 
ILE HG23 H N N 164 
ILE HD11 H N N 165 
ILE HD12 H N N 166 
ILE HD13 H N N 167 
ILE HXT  H N N 168 
LEU N    N N N 169 
LEU CA   C N S 170 
LEU C    C N N 171 
LEU O    O N N 172 
LEU CB   C N N 173 
LEU CG   C N N 174 
LEU CD1  C N N 175 
LEU CD2  C N N 176 
LEU OXT  O N N 177 
LEU H    H N N 178 
LEU H2   H N N 179 
LEU HA   H N N 180 
LEU HB2  H N N 181 
LEU HB3  H N N 182 
LEU HG   H N N 183 
LEU HD11 H N N 184 
LEU HD12 H N N 185 
LEU HD13 H N N 186 
LEU HD21 H N N 187 
LEU HD22 H N N 188 
LEU HD23 H N N 189 
LEU HXT  H N N 190 
LYS N    N N N 191 
LYS CA   C N S 192 
LYS C    C N N 193 
LYS O    O N N 194 
LYS CB   C N N 195 
LYS CG   C N N 196 
LYS CD   C N N 197 
LYS CE   C N N 198 
LYS NZ   N N N 199 
LYS OXT  O N N 200 
LYS H    H N N 201 
LYS H2   H N N 202 
LYS HA   H N N 203 
LYS HB2  H N N 204 
LYS HB3  H N N 205 
LYS HG2  H N N 206 
LYS HG3  H N N 207 
LYS HD2  H N N 208 
LYS HD3  H N N 209 
LYS HE2  H N N 210 
LYS HE3  H N N 211 
LYS HZ1  H N N 212 
LYS HZ2  H N N 213 
LYS HZ3  H N N 214 
LYS HXT  H N N 215 
MET N    N N N 216 
MET CA   C N S 217 
MET C    C N N 218 
MET O    O N N 219 
MET CB   C N N 220 
MET CG   C N N 221 
MET SD   S N N 222 
MET CE   C N N 223 
MET OXT  O N N 224 
MET H    H N N 225 
MET H2   H N N 226 
MET HA   H N N 227 
MET HB2  H N N 228 
MET HB3  H N N 229 
MET HG2  H N N 230 
MET HG3  H N N 231 
MET HE1  H N N 232 
MET HE2  H N N 233 
MET HE3  H N N 234 
MET HXT  H N N 235 
PHE N    N N N 236 
PHE CA   C N S 237 
PHE C    C N N 238 
PHE O    O N N 239 
PHE CB   C N N 240 
PHE CG   C Y N 241 
PHE CD1  C Y N 242 
PHE CD2  C Y N 243 
PHE CE1  C Y N 244 
PHE CE2  C Y N 245 
PHE CZ   C Y N 246 
PHE OXT  O N N 247 
PHE H    H N N 248 
PHE H2   H N N 249 
PHE HA   H N N 250 
PHE HB2  H N N 251 
PHE HB3  H N N 252 
PHE HD1  H N N 253 
PHE HD2  H N N 254 
PHE HE1  H N N 255 
PHE HE2  H N N 256 
PHE HZ   H N N 257 
PHE HXT  H N N 258 
PRO N    N N N 259 
PRO CA   C N S 260 
PRO C    C N N 261 
PRO O    O N N 262 
PRO CB   C N N 263 
PRO CG   C N N 264 
PRO CD   C N N 265 
PRO OXT  O N N 266 
PRO H    H N N 267 
PRO HA   H N N 268 
PRO HB2  H N N 269 
PRO HB3  H N N 270 
PRO HG2  H N N 271 
PRO HG3  H N N 272 
PRO HD2  H N N 273 
PRO HD3  H N N 274 
PRO HXT  H N N 275 
SER N    N N N 276 
SER CA   C N S 277 
SER C    C N N 278 
SER O    O N N 279 
SER CB   C N N 280 
SER OG   O N N 281 
SER OXT  O N N 282 
SER H    H N N 283 
SER H2   H N N 284 
SER HA   H N N 285 
SER HB2  H N N 286 
SER HB3  H N N 287 
SER HG   H N N 288 
SER HXT  H N N 289 
THR N    N N N 290 
THR CA   C N S 291 
THR C    C N N 292 
THR O    O N N 293 
THR CB   C N R 294 
THR OG1  O N N 295 
THR CG2  C N N 296 
THR OXT  O N N 297 
THR H    H N N 298 
THR H2   H N N 299 
THR HA   H N N 300 
THR HB   H N N 301 
THR HG1  H N N 302 
THR HG21 H N N 303 
THR HG22 H N N 304 
THR HG23 H N N 305 
THR HXT  H N N 306 
TYR N    N N N 307 
TYR CA   C N S 308 
TYR C    C N N 309 
TYR O    O N N 310 
TYR CB   C N N 311 
TYR CG   C Y N 312 
TYR CD1  C Y N 313 
TYR CD2  C Y N 314 
TYR CE1  C Y N 315 
TYR CE2  C Y N 316 
TYR CZ   C Y N 317 
TYR OH   O N N 318 
TYR OXT  O N N 319 
TYR H    H N N 320 
TYR H2   H N N 321 
TYR HA   H N N 322 
TYR HB2  H N N 323 
TYR HB3  H N N 324 
TYR HD1  H N N 325 
TYR HD2  H N N 326 
TYR HE1  H N N 327 
TYR HE2  H N N 328 
TYR HH   H N N 329 
TYR HXT  H N N 330 
VAL N    N N N 331 
VAL CA   C N S 332 
VAL C    C N N 333 
VAL O    O N N 334 
VAL CB   C N N 335 
VAL CG1  C N N 336 
VAL CG2  C N N 337 
VAL OXT  O N N 338 
VAL H    H N N 339 
VAL H2   H N N 340 
VAL HA   H N N 341 
VAL HB   H N N 342 
VAL HG11 H N N 343 
VAL HG12 H N N 344 
VAL HG13 H N N 345 
VAL HG21 H N N 346 
VAL HG22 H N N 347 
VAL HG23 H N N 348 
VAL HXT  H N N 349 
# 
loop_
_chem_comp_bond.comp_id 
_chem_comp_bond.atom_id_1 
_chem_comp_bond.atom_id_2 
_chem_comp_bond.value_order 
_chem_comp_bond.pdbx_aromatic_flag 
_chem_comp_bond.pdbx_stereo_config 
_chem_comp_bond.pdbx_ordinal 
ALA N   CA   sing N N 1   
ALA N   H    sing N N 2   
ALA N   H2   sing N N 3   
ALA CA  C    sing N N 4   
ALA CA  CB   sing N N 5   
ALA CA  HA   sing N N 6   
ALA C   O    doub N N 7   
ALA C   OXT  sing N N 8   
ALA CB  HB1  sing N N 9   
ALA CB  HB2  sing N N 10  
ALA CB  HB3  sing N N 11  
ALA OXT HXT  sing N N 12  
ARG N   CA   sing N N 13  
ARG N   H    sing N N 14  
ARG N   H2   sing N N 15  
ARG CA  C    sing N N 16  
ARG CA  CB   sing N N 17  
ARG CA  HA   sing N N 18  
ARG C   O    doub N N 19  
ARG C   OXT  sing N N 20  
ARG CB  CG   sing N N 21  
ARG CB  HB2  sing N N 22  
ARG CB  HB3  sing N N 23  
ARG CG  CD   sing N N 24  
ARG CG  HG2  sing N N 25  
ARG CG  HG3  sing N N 26  
ARG CD  NE   sing N N 27  
ARG CD  HD2  sing N N 28  
ARG CD  HD3  sing N N 29  
ARG NE  CZ   sing N N 30  
ARG NE  HE   sing N N 31  
ARG CZ  NH1  sing N N 32  
ARG CZ  NH2  doub N N 33  
ARG NH1 HH11 sing N N 34  
ARG NH1 HH12 sing N N 35  
ARG NH2 HH21 sing N N 36  
ARG NH2 HH22 sing N N 37  
ARG OXT HXT  sing N N 38  
ASN N   CA   sing N N 39  
ASN N   H    sing N N 40  
ASN N   H2   sing N N 41  
ASN CA  C    sing N N 42  
ASN CA  CB   sing N N 43  
ASN CA  HA   sing N N 44  
ASN C   O    doub N N 45  
ASN C   OXT  sing N N 46  
ASN CB  CG   sing N N 47  
ASN CB  HB2  sing N N 48  
ASN CB  HB3  sing N N 49  
ASN CG  OD1  doub N N 50  
ASN CG  ND2  sing N N 51  
ASN ND2 HD21 sing N N 52  
ASN ND2 HD22 sing N N 53  
ASN OXT HXT  sing N N 54  
ASP N   CA   sing N N 55  
ASP N   H    sing N N 56  
ASP N   H2   sing N N 57  
ASP CA  C    sing N N 58  
ASP CA  CB   sing N N 59  
ASP CA  HA   sing N N 60  
ASP C   O    doub N N 61  
ASP C   OXT  sing N N 62  
ASP CB  CG   sing N N 63  
ASP CB  HB2  sing N N 64  
ASP CB  HB3  sing N N 65  
ASP CG  OD1  doub N N 66  
ASP CG  OD2  sing N N 67  
ASP OD2 HD2  sing N N 68  
ASP OXT HXT  sing N N 69  
GLN N   CA   sing N N 70  
GLN N   H    sing N N 71  
GLN N   H2   sing N N 72  
GLN CA  C    sing N N 73  
GLN CA  CB   sing N N 74  
GLN CA  HA   sing N N 75  
GLN C   O    doub N N 76  
GLN C   OXT  sing N N 77  
GLN CB  CG   sing N N 78  
GLN CB  HB2  sing N N 79  
GLN CB  HB3  sing N N 80  
GLN CG  CD   sing N N 81  
GLN CG  HG2  sing N N 82  
GLN CG  HG3  sing N N 83  
GLN CD  OE1  doub N N 84  
GLN CD  NE2  sing N N 85  
GLN NE2 HE21 sing N N 86  
GLN NE2 HE22 sing N N 87  
GLN OXT HXT  sing N N 88  
GLU N   CA   sing N N 89  
GLU N   H    sing N N 90  
GLU N   H2   sing N N 91  
GLU CA  C    sing N N 92  
GLU CA  CB   sing N N 93  
GLU CA  HA   sing N N 94  
GLU C   O    doub N N 95  
GLU C   OXT  sing N N 96  
GLU CB  CG   sing N N 97  
GLU CB  HB2  sing N N 98  
GLU CB  HB3  sing N N 99  
GLU CG  CD   sing N N 100 
GLU CG  HG2  sing N N 101 
GLU CG  HG3  sing N N 102 
GLU CD  OE1  doub N N 103 
GLU CD  OE2  sing N N 104 
GLU OE2 HE2  sing N N 105 
GLU OXT HXT  sing N N 106 
GLY N   CA   sing N N 107 
GLY N   H    sing N N 108 
GLY N   H2   sing N N 109 
GLY CA  C    sing N N 110 
GLY CA  HA2  sing N N 111 
GLY CA  HA3  sing N N 112 
GLY C   O    doub N N 113 
GLY C   OXT  sing N N 114 
GLY OXT HXT  sing N N 115 
HIS N   CA   sing N N 116 
HIS N   H    sing N N 117 
HIS N   H2   sing N N 118 
HIS CA  C    sing N N 119 
HIS CA  CB   sing N N 120 
HIS CA  HA   sing N N 121 
HIS C   O    doub N N 122 
HIS C   OXT  sing N N 123 
HIS CB  CG   sing N N 124 
HIS CB  HB2  sing N N 125 
HIS CB  HB3  sing N N 126 
HIS CG  ND1  sing Y N 127 
HIS CG  CD2  doub Y N 128 
HIS ND1 CE1  doub Y N 129 
HIS ND1 HD1  sing N N 130 
HIS CD2 NE2  sing Y N 131 
HIS CD2 HD2  sing N N 132 
HIS CE1 NE2  sing Y N 133 
HIS CE1 HE1  sing N N 134 
HIS NE2 HE2  sing N N 135 
HIS OXT HXT  sing N N 136 
HOH O   H1   sing N N 137 
HOH O   H2   sing N N 138 
ILE N   CA   sing N N 139 
ILE N   H    sing N N 140 
ILE N   H2   sing N N 141 
ILE CA  C    sing N N 142 
ILE CA  CB   sing N N 143 
ILE CA  HA   sing N N 144 
ILE C   O    doub N N 145 
ILE C   OXT  sing N N 146 
ILE CB  CG1  sing N N 147 
ILE CB  CG2  sing N N 148 
ILE CB  HB   sing N N 149 
ILE CG1 CD1  sing N N 150 
ILE CG1 HG12 sing N N 151 
ILE CG1 HG13 sing N N 152 
ILE CG2 HG21 sing N N 153 
ILE CG2 HG22 sing N N 154 
ILE CG2 HG23 sing N N 155 
ILE CD1 HD11 sing N N 156 
ILE CD1 HD12 sing N N 157 
ILE CD1 HD13 sing N N 158 
ILE OXT HXT  sing N N 159 
LEU N   CA   sing N N 160 
LEU N   H    sing N N 161 
LEU N   H2   sing N N 162 
LEU CA  C    sing N N 163 
LEU CA  CB   sing N N 164 
LEU CA  HA   sing N N 165 
LEU C   O    doub N N 166 
LEU C   OXT  sing N N 167 
LEU CB  CG   sing N N 168 
LEU CB  HB2  sing N N 169 
LEU CB  HB3  sing N N 170 
LEU CG  CD1  sing N N 171 
LEU CG  CD2  sing N N 172 
LEU CG  HG   sing N N 173 
LEU CD1 HD11 sing N N 174 
LEU CD1 HD12 sing N N 175 
LEU CD1 HD13 sing N N 176 
LEU CD2 HD21 sing N N 177 
LEU CD2 HD22 sing N N 178 
LEU CD2 HD23 sing N N 179 
LEU OXT HXT  sing N N 180 
LYS N   CA   sing N N 181 
LYS N   H    sing N N 182 
LYS N   H2   sing N N 183 
LYS CA  C    sing N N 184 
LYS CA  CB   sing N N 185 
LYS CA  HA   sing N N 186 
LYS C   O    doub N N 187 
LYS C   OXT  sing N N 188 
LYS CB  CG   sing N N 189 
LYS CB  HB2  sing N N 190 
LYS CB  HB3  sing N N 191 
LYS CG  CD   sing N N 192 
LYS CG  HG2  sing N N 193 
LYS CG  HG3  sing N N 194 
LYS CD  CE   sing N N 195 
LYS CD  HD2  sing N N 196 
LYS CD  HD3  sing N N 197 
LYS CE  NZ   sing N N 198 
LYS CE  HE2  sing N N 199 
LYS CE  HE3  sing N N 200 
LYS NZ  HZ1  sing N N 201 
LYS NZ  HZ2  sing N N 202 
LYS NZ  HZ3  sing N N 203 
LYS OXT HXT  sing N N 204 
MET N   CA   sing N N 205 
MET N   H    sing N N 206 
MET N   H2   sing N N 207 
MET CA  C    sing N N 208 
MET CA  CB   sing N N 209 
MET CA  HA   sing N N 210 
MET C   O    doub N N 211 
MET C   OXT  sing N N 212 
MET CB  CG   sing N N 213 
MET CB  HB2  sing N N 214 
MET CB  HB3  sing N N 215 
MET CG  SD   sing N N 216 
MET CG  HG2  sing N N 217 
MET CG  HG3  sing N N 218 
MET SD  CE   sing N N 219 
MET CE  HE1  sing N N 220 
MET CE  HE2  sing N N 221 
MET CE  HE3  sing N N 222 
MET OXT HXT  sing N N 223 
PHE N   CA   sing N N 224 
PHE N   H    sing N N 225 
PHE N   H2   sing N N 226 
PHE CA  C    sing N N 227 
PHE CA  CB   sing N N 228 
PHE CA  HA   sing N N 229 
PHE C   O    doub N N 230 
PHE C   OXT  sing N N 231 
PHE CB  CG   sing N N 232 
PHE CB  HB2  sing N N 233 
PHE CB  HB3  sing N N 234 
PHE CG  CD1  doub Y N 235 
PHE CG  CD2  sing Y N 236 
PHE CD1 CE1  sing Y N 237 
PHE CD1 HD1  sing N N 238 
PHE CD2 CE2  doub Y N 239 
PHE CD2 HD2  sing N N 240 
PHE CE1 CZ   doub Y N 241 
PHE CE1 HE1  sing N N 242 
PHE CE2 CZ   sing Y N 243 
PHE CE2 HE2  sing N N 244 
PHE CZ  HZ   sing N N 245 
PHE OXT HXT  sing N N 246 
PRO N   CA   sing N N 247 
PRO N   CD   sing N N 248 
PRO N   H    sing N N 249 
PRO CA  C    sing N N 250 
PRO CA  CB   sing N N 251 
PRO CA  HA   sing N N 252 
PRO C   O    doub N N 253 
PRO C   OXT  sing N N 254 
PRO CB  CG   sing N N 255 
PRO CB  HB2  sing N N 256 
PRO CB  HB3  sing N N 257 
PRO CG  CD   sing N N 258 
PRO CG  HG2  sing N N 259 
PRO CG  HG3  sing N N 260 
PRO CD  HD2  sing N N 261 
PRO CD  HD3  sing N N 262 
PRO OXT HXT  sing N N 263 
SER N   CA   sing N N 264 
SER N   H    sing N N 265 
SER N   H2   sing N N 266 
SER CA  C    sing N N 267 
SER CA  CB   sing N N 268 
SER CA  HA   sing N N 269 
SER C   O    doub N N 270 
SER C   OXT  sing N N 271 
SER CB  OG   sing N N 272 
SER CB  HB2  sing N N 273 
SER CB  HB3  sing N N 274 
SER OG  HG   sing N N 275 
SER OXT HXT  sing N N 276 
THR N   CA   sing N N 277 
THR N   H    sing N N 278 
THR N   H2   sing N N 279 
THR CA  C    sing N N 280 
THR CA  CB   sing N N 281 
THR CA  HA   sing N N 282 
THR C   O    doub N N 283 
THR C   OXT  sing N N 284 
THR CB  OG1  sing N N 285 
THR CB  CG2  sing N N 286 
THR CB  HB   sing N N 287 
THR OG1 HG1  sing N N 288 
THR CG2 HG21 sing N N 289 
THR CG2 HG22 sing N N 290 
THR CG2 HG23 sing N N 291 
THR OXT HXT  sing N N 292 
TYR N   CA   sing N N 293 
TYR N   H    sing N N 294 
TYR N   H2   sing N N 295 
TYR CA  C    sing N N 296 
TYR CA  CB   sing N N 297 
TYR CA  HA   sing N N 298 
TYR C   O    doub N N 299 
TYR C   OXT  sing N N 300 
TYR CB  CG   sing N N 301 
TYR CB  HB2  sing N N 302 
TYR CB  HB3  sing N N 303 
TYR CG  CD1  doub Y N 304 
TYR CG  CD2  sing Y N 305 
TYR CD1 CE1  sing Y N 306 
TYR CD1 HD1  sing N N 307 
TYR CD2 CE2  doub Y N 308 
TYR CD2 HD2  sing N N 309 
TYR CE1 CZ   doub Y N 310 
TYR CE1 HE1  sing N N 311 
TYR CE2 CZ   sing Y N 312 
TYR CE2 HE2  sing N N 313 
TYR CZ  OH   sing N N 314 
TYR OH  HH   sing N N 315 
TYR OXT HXT  sing N N 316 
VAL N   CA   sing N N 317 
VAL N   H    sing N N 318 
VAL N   H2   sing N N 319 
VAL CA  C    sing N N 320 
VAL CA  CB   sing N N 321 
VAL CA  HA   sing N N 322 
VAL C   O    doub N N 323 
VAL C   OXT  sing N N 324 
VAL CB  CG1  sing N N 325 
VAL CB  CG2  sing N N 326 
VAL CB  HB   sing N N 327 
VAL CG1 HG11 sing N N 328 
VAL CG1 HG12 sing N N 329 
VAL CG1 HG13 sing N N 330 
VAL CG2 HG21 sing N N 331 
VAL CG2 HG22 sing N N 332 
VAL CG2 HG23 sing N N 333 
VAL OXT HXT  sing N N 334 
# 
_atom_sites.entry_id                    1OIA 
_atom_sites.fract_transf_matrix[1][1]   0.00543088 
_atom_sites.fract_transf_matrix[1][2]   0.00109481 
_atom_sites.fract_transf_matrix[1][3]   -0.00385784 
_atom_sites.fract_transf_matrix[2][1]   0.00087426 
_atom_sites.fract_transf_matrix[2][2]   -0.00666156 
_atom_sites.fract_transf_matrix[2][3]   -0.00065974 
_atom_sites.fract_transf_matrix[3][1]   -0.00391372 
_atom_sites.fract_transf_matrix[3][2]   0.00003114 
_atom_sites.fract_transf_matrix[3][3]   -0.00550071 
_atom_sites.fract_transf_vector[1]      0.314716 
_atom_sites.fract_transf_vector[2]      0.249846 
_atom_sites.fract_transf_vector[3]      0.148508 
# 
loop_
_atom_type.symbol 
C 
N 
O 
S 
# 
loop_
_atom_site.group_PDB 
_atom_site.id 
_atom_site.type_symbol 
_atom_site.label_atom_id 
_atom_site.label_alt_id 
_atom_site.label_comp_id 
_atom_site.label_asym_id 
_atom_site.label_entity_id 
_atom_site.label_seq_id 
_atom_site.pdbx_PDB_ins_code 
_atom_site.Cartn_x 
_atom_site.Cartn_y 
_atom_site.Cartn_z 
_atom_site.occupancy 
_atom_site.B_iso_or_equiv 
_atom_site.pdbx_formal_charge 
_atom_site.auth_seq_id 
_atom_site.auth_comp_id 
_atom_site.auth_asym_id 
_atom_site.auth_atom_id 
_atom_site.pdbx_PDB_model_num 
ATOM   1    N N   . VAL A 1 3  ? -9.928  -13.862 -15.544 1.00 104.01 ? 3    VAL A N   1 
ATOM   2    C CA  . VAL A 1 3  ? -9.882  -13.692 -14.057 1.00 104.02 ? 3    VAL A CA  1 
ATOM   3    C C   . VAL A 1 3  ? -10.922 -14.591 -13.357 1.00 103.70 ? 3    VAL A C   1 
ATOM   4    O O   . VAL A 1 3  ? -11.898 -14.087 -12.787 1.00 103.68 ? 3    VAL A O   1 
ATOM   5    C CB  . VAL A 1 3  ? -10.095 -12.195 -13.653 1.00 104.17 ? 3    VAL A CB  1 
ATOM   6    C CG1 . VAL A 1 3  ? -9.766  -11.961 -12.168 1.00 104.24 ? 3    VAL A CG1 1 
ATOM   7    C CG2 . VAL A 1 3  ? -9.265  -11.268 -14.551 1.00 104.34 ? 3    VAL A CG2 1 
ATOM   8    N N   . PRO A 1 4  ? -10.726 -15.917 -13.415 1.00 103.25 ? 4    PRO A N   1 
ATOM   9    C CA  . PRO A 1 4  ? -11.614 -16.875 -12.739 1.00 102.70 ? 4    PRO A CA  1 
ATOM   10   C C   . PRO A 1 4  ? -11.042 -17.517 -11.445 1.00 101.77 ? 4    PRO A C   1 
ATOM   11   O O   . PRO A 1 4  ? -9.863  -17.336 -11.089 1.00 101.81 ? 4    PRO A O   1 
ATOM   12   C CB  . PRO A 1 4  ? -11.784 -17.962 -13.814 1.00 102.89 ? 4    PRO A CB  1 
ATOM   13   C CG  . PRO A 1 4  ? -10.438 -17.925 -14.616 1.00 103.14 ? 4    PRO A CG  1 
ATOM   14   C CD  . PRO A 1 4  ? -9.695  -16.644 -14.187 1.00 103.38 ? 4    PRO A CD  1 
ATOM   15   N N   . GLU A 1 5  ? -11.900 -18.270 -10.753 1.00 100.31 ? 5    GLU A N   1 
ATOM   16   C CA  . GLU A 1 5  ? -11.464 -19.205 -9.710  1.00 99.01  ? 5    GLU A CA  1 
ATOM   17   C C   . GLU A 1 5  ? -10.717 -20.350 -10.415 1.00 96.95  ? 5    GLU A C   1 
ATOM   18   O O   . GLU A 1 5  ? -11.335 -21.180 -11.106 1.00 97.04  ? 5    GLU A O   1 
ATOM   19   C CB  . GLU A 1 5  ? -12.678 -19.736 -8.913  1.00 99.42  ? 5    GLU A CB  1 
ATOM   20   C CG  . GLU A 1 5  ? -12.387 -20.813 -7.860  1.00 100.63 ? 5    GLU A CG  1 
ATOM   21   C CD  . GLU A 1 5  ? -13.657 -21.425 -7.253  1.00 102.56 ? 5    GLU A CD  1 
ATOM   22   O OE1 . GLU A 1 5  ? -14.746 -20.797 -7.349  1.00 103.83 ? 5    GLU A OE1 1 
ATOM   23   O OE2 . GLU A 1 5  ? -13.573 -22.540 -6.671  1.00 103.05 ? 5    GLU A OE2 1 
ATOM   24   N N   . THR A 1 6  ? -9.390  -20.356 -10.286 1.00 94.17  ? 6    THR A N   1 
ATOM   25   C CA  . THR A 1 6  ? -8.560  -21.398 -10.898 1.00 91.67  ? 6    THR A CA  1 
ATOM   26   C C   . THR A 1 6  ? -7.819  -22.132 -9.790  1.00 88.77  ? 6    THR A C   1 
ATOM   27   O O   . THR A 1 6  ? -6.588  -22.057 -9.684  1.00 88.75  ? 6    THR A O   1 
ATOM   28   C CB  . THR A 1 6  ? -7.586  -20.807 -11.946 1.00 91.82  ? 6    THR A CB  1 
ATOM   29   O OG1 . THR A 1 6  ? -8.271  -19.854 -12.775 1.00 92.14  ? 6    THR A OG1 1 
ATOM   30   C CG2 . THR A 1 6  ? -7.132  -21.892 -12.928 1.00 92.31  ? 6    THR A CG2 1 
ATOM   31   N N   . ARG A 1 7  ? -8.606  -22.832 -8.968  1.00 84.93  ? 7    ARG A N   1 
ATOM   32   C CA  . ARG A 1 7  ? -8.122  -23.590 -7.812  1.00 81.84  ? 7    ARG A CA  1 
ATOM   33   C C   . ARG A 1 7  ? -7.558  -22.655 -6.736  1.00 77.53  ? 7    ARG A C   1 
ATOM   34   O O   . ARG A 1 7  ? -6.398  -22.243 -6.790  1.00 76.42  ? 7    ARG A O   1 
ATOM   35   C CB  . ARG A 1 7  ? -7.105  -24.671 -8.219  1.00 82.47  ? 7    ARG A CB  1 
ATOM   36   C CG  . ARG A 1 7  ? -7.735  -25.832 -9.008  1.00 85.25  ? 7    ARG A CG  1 
ATOM   37   C CD  . ARG A 1 7  ? -6.789  -26.531 -10.007 1.00 88.63  ? 7    ARG A CD  1 
ATOM   38   N NE  . ARG A 1 7  ? -7.490  -27.560 -10.800 1.00 91.42  ? 7    ARG A NE  1 
ATOM   39   C CZ  . ARG A 1 7  ? -7.013  -28.786 -11.097 1.00 93.46  ? 7    ARG A CZ  1 
ATOM   40   N NH1 . ARG A 1 7  ? -5.803  -29.190 -10.682 1.00 93.64  ? 7    ARG A NH1 1 
ATOM   41   N NH2 . ARG A 1 7  ? -7.763  -29.622 -11.822 1.00 93.57  ? 7    ARG A NH2 1 
ATOM   42   N N   . PRO A 1 8  ? -8.413  -22.303 -5.784  1.00 72.53  ? 8    PRO A N   1 
ATOM   43   C CA  . PRO A 1 8  ? -8.007  -21.542 -4.614  1.00 69.58  ? 8    PRO A CA  1 
ATOM   44   C C   . PRO A 1 8  ? -6.752  -22.089 -3.972  1.00 66.13  ? 8    PRO A C   1 
ATOM   45   O O   . PRO A 1 8  ? -6.561  -23.281 -3.844  1.00 65.57  ? 8    PRO A O   1 
ATOM   46   C CB  . PRO A 1 8  ? -9.194  -21.693 -3.679  1.00 69.88  ? 8    PRO A CB  1 
ATOM   47   C CG  . PRO A 1 8  ? -10.341 -21.799 -4.589  1.00 71.13  ? 8    PRO A CG  1 
ATOM   48   C CD  . PRO A 1 8  ? -9.855  -22.572 -5.773  1.00 72.41  ? 8    PRO A CD  1 
ATOM   49   N N   . ASN A 1 9  ? -5.919  -21.158 -3.549  1.00 62.31  ? 9    ASN A N   1 
ATOM   50   C CA  . ASN A 1 9  ? -4.557  -21.401 -3.128  1.00 59.06  ? 9    ASN A CA  1 
ATOM   51   C C   . ASN A 1 9  ? -4.264  -20.398 -2.033  1.00 56.24  ? 9    ASN A C   1 
ATOM   52   O O   . ASN A 1 9  ? -4.811  -19.306 -2.051  1.00 56.07  ? 9    ASN A O   1 
ATOM   53   C CB  . ASN A 1 9  ? -3.658  -21.097 -4.321  1.00 59.01  ? 9    ASN A CB  1 
ATOM   54   C CG  . ASN A 1 9  ? -2.330  -21.767 -4.253  1.00 57.03  ? 9    ASN A CG  1 
ATOM   55   O OD1 . ASN A 1 9  ? -1.670  -21.821 -3.233  1.00 54.04  ? 9    ASN A OD1 1 
ATOM   56   N ND2 . ASN A 1 9  ? -1.911  -22.251 -5.377  1.00 58.91  ? 9    ASN A ND2 1 
ATOM   57   N N   . HIS A 1 10 ? -3.391  -20.737 -1.101  1.00 53.05  ? 10   HIS A N   1 
ATOM   58   C CA  . HIS A 1 10 ? -3.006  -19.774 -0.081  1.00 51.40  ? 10   HIS A CA  1 
ATOM   59   C C   . HIS A 1 10 ? -1.945  -18.758 -0.539  1.00 48.25  ? 10   HIS A C   1 
ATOM   60   O O   . HIS A 1 10 ? -1.631  -17.825 0.177   1.00 47.39  ? 10   HIS A O   1 
ATOM   61   C CB  . HIS A 1 10 ? -2.644  -20.463 1.246   1.00 52.34  ? 10   HIS A CB  1 
ATOM   62   C CG  . HIS A 1 10 ? -1.361  -21.229 1.230   1.00 55.35  ? 10   HIS A CG  1 
ATOM   63   N ND1 . HIS A 1 10 ? -0.942  -21.962 0.143   1.00 59.23  ? 10   HIS A ND1 1 
ATOM   64   C CD2 . HIS A 1 10 ? -0.410  -21.388 2.181   1.00 58.81  ? 10   HIS A CD2 1 
ATOM   65   C CE1 . HIS A 1 10 ? 0.217   -22.532 0.421   1.00 60.89  ? 10   HIS A CE1 1 
ATOM   66   N NE2 . HIS A 1 10 ? 0.563   -22.198 1.651   1.00 60.33  ? 10   HIS A NE2 1 
ATOM   67   N N   . THR A 1 11 ? -1.462  -18.916 -1.762  1.00 45.45  ? 11   THR A N   1 
ATOM   68   C CA  . THR A 1 11 ? -0.494  -18.013 -2.348  1.00 43.61  ? 11   THR A CA  1 
ATOM   69   C C   . THR A 1 11 ? -1.115  -17.279 -3.520  1.00 42.39  ? 11   THR A C   1 
ATOM   70   O O   . THR A 1 11 ? -1.687  -17.911 -4.417  1.00 41.73  ? 11   THR A O   1 
ATOM   71   C CB  . THR A 1 11 ? 0.717   -18.815 -2.857  1.00 43.47  ? 11   THR A CB  1 
ATOM   72   O OG1 . THR A 1 11 ? 1.398   -19.410 -1.745  1.00 42.75  ? 11   THR A OG1 1 
ATOM   73   C CG2 . THR A 1 11 ? 1.760   -17.884 -3.524  1.00 42.25  ? 11   THR A CG2 1 
ATOM   74   N N   . ILE A 1 12 ? -0.996  -15.953 -3.519  1.00 40.93  ? 12   ILE A N   1 
ATOM   75   C CA  . ILE A 1 12 ? -1.381  -15.173 -4.668  1.00 40.04  ? 12   ILE A CA  1 
ATOM   76   C C   . ILE A 1 12 ? -0.168  -14.719 -5.444  1.00 39.81  ? 12   ILE A C   1 
ATOM   77   O O   . ILE A 1 12 ? 0.871   -14.386 -4.894  1.00 38.36  ? 12   ILE A O   1 
ATOM   78   C CB  . ILE A 1 12 ? -2.295  -13.978 -4.324  1.00 39.70  ? 12   ILE A CB  1 
ATOM   79   C CG1 . ILE A 1 12 ? -1.685  -13.083 -3.257  1.00 40.98  ? 12   ILE A CG1 1 
ATOM   80   C CG2 . ILE A 1 12 ? -3.641  -14.472 -3.889  1.00 40.28  ? 12   ILE A CG2 1 
ATOM   81   C CD1 . ILE A 1 12 ? -2.323  -11.731 -3.214  1.00 41.26  ? 12   ILE A CD1 1 
ATOM   82   N N   . TYR A 1 13 ? -0.357  -14.734 -6.749  1.00 40.20  ? 13   TYR A N   1 
ATOM   83   C CA  . TYR A 1 13 ? 0.607   -14.301 -7.706  1.00 40.93  ? 13   TYR A CA  1 
ATOM   84   C C   . TYR A 1 13 ? 0.186   -12.934 -8.222  1.00 40.86  ? 13   TYR A C   1 
ATOM   85   O O   . TYR A 1 13 ? -0.940  -12.754 -8.700  1.00 40.17  ? 13   TYR A O   1 
ATOM   86   C CB  . TYR A 1 13 ? 0.653   -15.327 -8.840  1.00 41.19  ? 13   TYR A CB  1 
ATOM   87   C CG  . TYR A 1 13 ? 1.398   -14.863 -10.066 1.00 43.22  ? 13   TYR A CG  1 
ATOM   88   C CD1 . TYR A 1 13 ? 2.721   -14.452 -9.988  1.00 45.48  ? 13   TYR A CD1 1 
ATOM   89   C CD2 . TYR A 1 13 ? 0.785   -14.880 -11.313 1.00 46.52  ? 13   TYR A CD2 1 
ATOM   90   C CE1 . TYR A 1 13 ? 3.399   -14.038 -11.108 1.00 47.27  ? 13   TYR A CE1 1 
ATOM   91   C CE2 . TYR A 1 13 ? 1.448   -14.469 -12.439 1.00 47.59  ? 13   TYR A CE2 1 
ATOM   92   C CZ  . TYR A 1 13 ? 2.750   -14.044 -12.337 1.00 49.13  ? 13   TYR A CZ  1 
ATOM   93   O OH  . TYR A 1 13 ? 3.376   -13.615 -13.482 1.00 52.76  ? 13   TYR A OH  1 
ATOM   94   N N   . ILE A 1 14 ? 1.114   -11.988 -8.153  1.00 41.03  ? 14   ILE A N   1 
ATOM   95   C CA  . ILE A 1 14 ? 0.876   -10.638 -8.596  1.00 41.92  ? 14   ILE A CA  1 
ATOM   96   C C   . ILE A 1 14 ? 1.789   -10.272 -9.763  1.00 43.34  ? 14   ILE A C   1 
ATOM   97   O O   . ILE A 1 14 ? 3.013   -10.402 -9.685  1.00 43.79  ? 14   ILE A O   1 
ATOM   98   C CB  . ILE A 1 14 ? 1.098   -9.648  -7.410  1.00 41.72  ? 14   ILE A CB  1 
ATOM   99   C CG1 . ILE A 1 14 ? 0.277   -10.080 -6.200  1.00 40.94  ? 14   ILE A CG1 1 
ATOM   100  C CG2 . ILE A 1 14 ? 0.716   -8.222  -7.804  1.00 40.26  ? 14   ILE A CG2 1 
ATOM   101  C CD1 . ILE A 1 14 ? 0.614   -9.352  -4.931  1.00 40.93  ? 14   ILE A CD1 1 
ATOM   102  N N   . ASN A 1 15 ? 1.211   -9.776  -10.843 1.00 44.53  ? 15   ASN A N   1 
ATOM   103  C CA  . ASN A 1 15 ? 2.036   -9.105  -11.838 1.00 45.88  ? 15   ASN A CA  1 
ATOM   104  C C   . ASN A 1 15 ? 1.471   -7.720  -12.205 1.00 45.79  ? 15   ASN A C   1 
ATOM   105  O O   . ASN A 1 15 ? 0.589   -7.206  -11.507 1.00 45.76  ? 15   ASN A O   1 
ATOM   106  C CB  . ASN A 1 15 ? 2.315   -10.032 -13.037 1.00 46.21  ? 15   ASN A CB  1 
ATOM   107  C CG  . ASN A 1 15 ? 1.099   -10.316 -13.852 1.00 47.75  ? 15   ASN A CG  1 
ATOM   108  O OD1 . ASN A 1 15 ? 0.071   -9.660  -13.723 1.00 50.66  ? 15   ASN A OD1 1 
ATOM   109  N ND2 . ASN A 1 15 ? 1.210   -11.295 -14.731 1.00 52.81  ? 15   ASN A ND2 1 
ATOM   110  N N   . ASN A 1 16 ? 2.002   -7.125  -13.273 1.00 45.75  ? 16   ASN A N   1 
ATOM   111  C CA  . ASN A 1 16 ? 1.831   -5.705  -13.576 1.00 45.89  ? 16   ASN A CA  1 
ATOM   112  C C   . ASN A 1 16 ? 2.387   -4.787  -12.502 1.00 45.30  ? 16   ASN A C   1 
ATOM   113  O O   . ASN A 1 16 ? 1.863   -3.703  -12.283 1.00 45.03  ? 16   ASN A O   1 
ATOM   114  C CB  . ASN A 1 16 ? 0.366   -5.336  -13.865 1.00 46.69  ? 16   ASN A CB  1 
ATOM   115  C CG  . ASN A 1 16 ? 0.247   -3.993  -14.609 1.00 48.89  ? 16   ASN A CG  1 
ATOM   116  O OD1 . ASN A 1 16 ? 1.072   -3.684  -15.460 1.00 52.35  ? 16   ASN A OD1 1 
ATOM   117  N ND2 . ASN A 1 16 ? -0.756  -3.202  -14.274 1.00 50.38  ? 16   ASN A ND2 1 
ATOM   118  N N   . LEU A 1 17 ? 3.464   -5.210  -11.846 1.00 45.25  ? 17   LEU A N   1 
ATOM   119  C CA  . LEU A 1 17 ? 4.086   -4.394  -10.815 1.00 45.37  ? 17   LEU A CA  1 
ATOM   120  C C   . LEU A 1 17 ? 5.046   -3.363  -11.407 1.00 46.12  ? 17   LEU A C   1 
ATOM   121  O O   . LEU A 1 17 ? 5.626   -3.556  -12.481 1.00 45.22  ? 17   LEU A O   1 
ATOM   122  C CB  . LEU A 1 17 ? 4.791   -5.260  -9.769  1.00 45.20  ? 17   LEU A CB  1 
ATOM   123  C CG  . LEU A 1 17 ? 3.871   -6.135  -8.886  1.00 44.73  ? 17   LEU A CG  1 
ATOM   124  C CD1 . LEU A 1 17 ? 4.666   -7.113  -8.090  1.00 44.46  ? 17   LEU A CD1 1 
ATOM   125  C CD2 . LEU A 1 17 ? 3.048   -5.300  -7.928  1.00 44.43  ? 17   LEU A CD2 1 
ATOM   126  N N   . ASN A 1 18 ? 5.186   -2.255  -10.687 1.00 47.41  ? 18   ASN A N   1 
ATOM   127  C CA  . ASN A 1 18 ? 6.090   -1.165  -11.063 1.00 48.56  ? 18   ASN A CA  1 
ATOM   128  C C   . ASN A 1 18 ? 7.551   -1.619  -11.015 1.00 49.42  ? 18   ASN A C   1 
ATOM   129  O O   . ASN A 1 18 ? 8.112   -1.853  -9.942  1.00 48.62  ? 18   ASN A O   1 
ATOM   130  C CB  . ASN A 1 18 ? 5.859   0.039   -10.151 1.00 48.41  ? 18   ASN A CB  1 
ATOM   131  C CG  . ASN A 1 18 ? 6.380   1.339   -10.748 1.00 50.11  ? 18   ASN A CG  1 
ATOM   132  O OD1 . ASN A 1 18 ? 7.521   1.420   -11.217 1.00 52.80  ? 18   ASN A OD1 1 
ATOM   133  N ND2 . ASN A 1 18 ? 5.550   2.367   -10.721 1.00 48.95  ? 18   ASN A ND2 1 
ATOM   134  N N   . GLU A 1 19 ? 8.159   -1.737  -12.197 1.00 51.29  ? 19   GLU A N   1 
ATOM   135  C CA  . GLU A 1 19 ? 9.491   -2.341  -12.336 1.00 52.31  ? 19   GLU A CA  1 
ATOM   136  C C   . GLU A 1 19 ? 10.599  -1.431  -11.792 1.00 52.59  ? 19   GLU A C   1 
ATOM   137  O O   . GLU A 1 19 ? 11.673  -1.905  -11.486 1.00 53.33  ? 19   GLU A O   1 
ATOM   138  C CB  . GLU A 1 19 ? 9.756   -2.757  -13.795 1.00 52.73  ? 19   GLU A CB  1 
ATOM   139  C CG  . GLU A 1 19 ? 9.162   -4.118  -14.161 1.00 54.62  ? 19   GLU A CG  1 
ATOM   140  C CD  . GLU A 1 19 ? 8.579   -4.216  -15.579 1.00 58.74  ? 19   GLU A CD  1 
ATOM   141  O OE1 . GLU A 1 19 ? 9.096   -5.033  -16.364 1.00 63.35  ? 19   GLU A OE1 1 
ATOM   142  O OE2 . GLU A 1 19 ? 7.580   -3.526  -15.918 1.00 60.05  ? 19   GLU A OE2 1 
ATOM   143  N N   . LYS A 1 20 ? 10.312  -0.149  -11.607 1.00 52.81  ? 20   LYS A N   1 
ATOM   144  C CA  . LYS A 1 20 ? 11.305  0.825   -11.130 1.00 53.39  ? 20   LYS A CA  1 
ATOM   145  C C   . LYS A 1 20 ? 11.547  0.815   -9.623  1.00 52.84  ? 20   LYS A C   1 
ATOM   146  O O   . LYS A 1 20 ? 12.315  1.629   -9.137  1.00 52.35  ? 20   LYS A O   1 
ATOM   147  C CB  . LYS A 1 20 ? 10.858  2.263   -11.486 1.00 53.85  ? 20   LYS A CB  1 
ATOM   148  C CG  . LYS A 1 20 ? 10.873  2.629   -12.989 1.00 56.46  ? 20   LYS A CG  1 
ATOM   149  C CD  . LYS A 1 20 ? 10.681  4.166   -13.256 1.00 60.34  ? 20   LYS A CD  1 
ATOM   150  C CE  . LYS A 1 20 ? 10.117  4.951   -12.012 1.00 62.49  ? 20   LYS A CE  1 
ATOM   151  N NZ  . LYS A 1 20 ? 10.062  6.441   -12.214 1.00 64.31  ? 20   LYS A NZ  1 
ATOM   152  N N   . ILE A 1 21 ? 10.876  -0.064  -8.885  1.00 52.46  ? 21   ILE A N   1 
ATOM   153  C CA  . ILE A 1 21 ? 10.892  -0.007  -7.428  1.00 51.94  ? 21   ILE A CA  1 
ATOM   154  C C   . ILE A 1 21 ? 11.876  -1.037  -6.882  1.00 51.72  ? 21   ILE A C   1 
ATOM   155  O O   . ILE A 1 21 ? 11.943  -2.153  -7.373  1.00 50.94  ? 21   ILE A O   1 
ATOM   156  C CB  . ILE A 1 21 ? 9.462   -0.264  -6.876  1.00 52.01  ? 21   ILE A CB  1 
ATOM   157  C CG1 . ILE A 1 21 ? 8.488   0.802   -7.387  1.00 51.65  ? 21   ILE A CG1 1 
ATOM   158  C CG2 . ILE A 1 21 ? 9.455   -0.308  -5.334  1.00 51.74  ? 21   ILE A CG2 1 
ATOM   159  C CD1 . ILE A 1 21 ? 8.802   2.229   -6.944  1.00 51.16  ? 21   ILE A CD1 1 
ATOM   160  N N   . LYS A 1 22 ? 12.629  -0.659  -5.858  1.00 51.94  ? 22   LYS A N   1 
ATOM   161  C CA  . LYS A 1 22 ? 13.637  -1.559  -5.305  1.00 52.86  ? 22   LYS A CA  1 
ATOM   162  C C   . LYS A 1 22 ? 12.961  -2.702  -4.544  1.00 52.43  ? 22   LYS A C   1 
ATOM   163  O O   . LYS A 1 22 ? 12.005  -2.487  -3.801  1.00 51.77  ? 22   LYS A O   1 
ATOM   164  C CB  . LYS A 1 22 ? 14.618  -0.808  -4.392  1.00 53.37  ? 22   LYS A CB  1 
ATOM   165  C CG  . LYS A 1 22 ? 15.880  -0.347  -5.139  1.00 56.97  ? 22   LYS A CG  1 
ATOM   166  C CD  . LYS A 1 22 ? 16.329  1.066   -4.731  1.00 60.52  ? 22   LYS A CD  1 
ATOM   167  C CE  . LYS A 1 22 ? 17.171  1.732   -5.845  1.00 62.79  ? 22   LYS A CE  1 
ATOM   168  N NZ  . LYS A 1 22 ? 18.319  2.549   -5.311  1.00 63.95  ? 22   LYS A NZ  1 
ATOM   169  N N   . LYS A 1 23 ? 13.490  -3.904  -4.718  1.00 52.11  ? 23   LYS A N   1 
ATOM   170  C CA  . LYS A 1 23 ? 12.835  -5.102  -4.229  1.00 52.19  ? 23   LYS A CA  1 
ATOM   171  C C   . LYS A 1 23 ? 12.577  -5.128  -2.731  1.00 51.08  ? 23   LYS A C   1 
ATOM   172  O O   . LYS A 1 23 ? 11.577  -5.689  -2.320  1.00 50.80  ? 23   LYS A O   1 
ATOM   173  C CB  . LYS A 1 23 ? 13.605  -6.351  -4.656  1.00 52.84  ? 23   LYS A CB  1 
ATOM   174  C CG  . LYS A 1 23 ? 13.761  -6.521  -6.195  1.00 55.53  ? 23   LYS A CG  1 
ATOM   175  C CD  . LYS A 1 23 ? 12.456  -6.328  -6.980  1.00 57.74  ? 23   LYS A CD  1 
ATOM   176  C CE  . LYS A 1 23 ? 12.546  -6.884  -8.418  1.00 59.35  ? 23   LYS A CE  1 
ATOM   177  N NZ  . LYS A 1 23 ? 11.196  -7.369  -8.937  1.00 60.02  ? 23   LYS A NZ  1 
ATOM   178  N N   . ASP A 1 24 ? 13.439  -4.527  -1.917  1.00 50.08  ? 24   ASP A N   1 
ATOM   179  C CA  . ASP A 1 24 ? 13.191  -4.507  -0.474  1.00 50.12  ? 24   ASP A CA  1 
ATOM   180  C C   . ASP A 1 24 ? 11.983  -3.646  -0.180  1.00 48.06  ? 24   ASP A C   1 
ATOM   181  O O   . ASP A 1 24 ? 11.146  -4.038  0.620   1.00 47.74  ? 24   ASP A O   1 
ATOM   182  C CB  . ASP A 1 24 ? 14.371  -3.965  0.350   1.00 51.20  ? 24   ASP A CB  1 
ATOM   183  C CG  . ASP A 1 24 ? 15.648  -4.790  0.184   1.00 57.09  ? 24   ASP A CG  1 
ATOM   184  O OD1 . ASP A 1 24 ? 15.666  -5.997  0.572   1.00 62.12  ? 24   ASP A OD1 1 
ATOM   185  O OD2 . ASP A 1 24 ? 16.700  -4.297  -0.325  1.00 65.37  ? 24   ASP A OD2 1 
ATOM   186  N N   . GLU A 1 25 ? 11.922  -2.472  -0.818  1.00 45.88  ? 25   GLU A N   1 
ATOM   187  C CA  . GLU A 1 25 ? 10.806  -1.541  -0.666  1.00 44.65  ? 25   GLU A CA  1 
ATOM   188  C C   . GLU A 1 25 ? 9.484   -2.136  -1.127  1.00 42.80  ? 25   GLU A C   1 
ATOM   189  O O   . GLU A 1 25 ? 8.465   -1.946  -0.517  1.00 42.19  ? 25   GLU A O   1 
ATOM   190  C CB  . GLU A 1 25 ? 11.058  -0.257  -1.447  1.00 44.67  ? 25   GLU A CB  1 
ATOM   191  C CG  . GLU A 1 25 ? 10.010  0.819   -1.193  1.00 45.02  ? 25   GLU A CG  1 
ATOM   192  C CD  . GLU A 1 25 ? 10.223  2.076   -2.025  1.00 46.56  ? 25   GLU A CD  1 
ATOM   193  O OE1 . GLU A 1 25 ? 9.221   2.665   -2.524  1.00 45.99  ? 25   GLU A OE1 1 
ATOM   194  O OE2 . GLU A 1 25 ? 11.395  2.489   -2.154  1.00 46.51  ? 25   GLU A OE2 1 
ATOM   195  N N   . LEU A 1 26 ? 9.529   -2.871  -2.207  1.00 41.76  ? 26   LEU A N   1 
ATOM   196  C CA  . LEU A 1 26 ? 8.347   -3.425  -2.802  1.00 41.73  ? 26   LEU A CA  1 
ATOM   197  C C   . LEU A 1 26 ? 7.730   -4.490  -1.901  1.00 41.49  ? 26   LEU A C   1 
ATOM   198  O O   . LEU A 1 26 ? 6.536   -4.555  -1.738  1.00 41.10  ? 26   LEU A O   1 
ATOM   199  C CB  . LEU A 1 26 ? 8.736   -4.048  -4.113  1.00 41.39  ? 26   LEU A CB  1 
ATOM   200  C CG  . LEU A 1 26 ? 7.597   -4.627  -4.915  1.00 43.74  ? 26   LEU A CG  1 
ATOM   201  C CD1 . LEU A 1 26 ? 6.658   -3.531  -5.421  1.00 43.25  ? 26   LEU A CD1 1 
ATOM   202  C CD2 . LEU A 1 26 ? 8.227   -5.431  -6.059  1.00 46.12  ? 26   LEU A CD2 1 
ATOM   203  N N   . LYS A 1 27 ? 8.584   -5.333  -1.337  1.00 41.23  ? 27   LYS A N   1 
ATOM   204  C CA  . LYS A 1 27 ? 8.188   -6.320  -0.345  1.00 40.70  ? 27   LYS A CA  1 
ATOM   205  C C   . LYS A 1 27 ? 7.518   -5.677  0.874   1.00 38.47  ? 27   LYS A C   1 
ATOM   206  O O   . LYS A 1 27 ? 6.480   -6.149  1.315   1.00 37.65  ? 27   LYS A O   1 
ATOM   207  C CB  . LYS A 1 27 ? 9.420   -7.107  0.070   1.00 41.32  ? 27   LYS A CB  1 
ATOM   208  C CG  . LYS A 1 27 ? 9.192   -8.187  1.079   1.00 45.65  ? 27   LYS A CG  1 
ATOM   209  C CD  . LYS A 1 27 ? 10.525  -8.558  1.798   1.00 52.59  ? 27   LYS A CD  1 
ATOM   210  C CE  . LYS A 1 27 ? 11.004  -9.984  1.445   1.00 55.97  ? 27   LYS A CE  1 
ATOM   211  N NZ  . LYS A 1 27 ? 12.441  -10.243 1.874   1.00 59.38  ? 27   LYS A NZ  1 
ATOM   212  N N   . LYS A 1 28 ? 8.111   -4.621  1.425   1.00 36.46  ? 28   LYS A N   1 
ATOM   213  C CA  . LYS A 1 28 ? 7.545   -3.953  2.593   1.00 35.68  ? 28   LYS A CA  1 
ATOM   214  C C   . LYS A 1 28 ? 6.194   -3.264  2.258   1.00 34.44  ? 28   LYS A C   1 
ATOM   215  O O   . LYS A 1 28 ? 5.275   -3.296  3.036   1.00 32.67  ? 28   LYS A O   1 
ATOM   216  C CB  . LYS A 1 28 ? 8.514   -2.913  3.146   1.00 36.41  ? 28   LYS A CB  1 
ATOM   217  C CG  . LYS A 1 28 ? 9.932   -3.430  3.560   1.00 40.09  ? 28   LYS A CG  1 
ATOM   218  C CD  . LYS A 1 28 ? 9.895   -4.128  4.906   1.00 47.00  ? 28   LYS A CD  1 
ATOM   219  C CE  . LYS A 1 28 ? 11.049  -5.189  5.081   1.00 52.02  ? 28   LYS A CE  1 
ATOM   220  N NZ  . LYS A 1 28 ? 10.608  -6.657  5.217   1.00 53.60  ? 28   LYS A NZ  1 
ATOM   221  N N   . SER A 1 29 ? 6.099   -2.669  1.069   1.00 33.13  ? 29   SER A N   1 
ATOM   222  C CA  . SER A 1 29 ? 4.927   -1.933  0.677   1.00 32.81  ? 29   SER A CA  1 
ATOM   223  C C   . SER A 1 29 ? 3.796   -2.927  0.413   1.00 31.82  ? 29   SER A C   1 
ATOM   224  O O   . SER A 1 29 ? 2.666   -2.682  0.780   1.00 31.68  ? 29   SER A O   1 
ATOM   225  C CB  . SER A 1 29 ? 5.220   -1.061  -0.553  1.00 32.95  ? 29   SER A CB  1 
ATOM   226  O OG  . SER A 1 29 ? 6.043   0.025   -0.175  1.00 34.51  ? 29   SER A OG  1 
ATOM   227  N N   . LEU A 1 30 ? 4.116   -4.061  -0.180  1.00 30.76  ? 30   LEU A N   1 
ATOM   228  C CA  . LEU A 1 30 ? 3.158   -5.148  -0.310  1.00 30.98  ? 30   LEU A CA  1 
ATOM   229  C C   . LEU A 1 30 ? 2.586   -5.579  1.056   1.00 31.20  ? 30   LEU A C   1 
ATOM   230  O O   . LEU A 1 30 ? 1.385   -5.785  1.212   1.00 30.71  ? 30   LEU A O   1 
ATOM   231  C CB  . LEU A 1 30 ? 3.824   -6.325  -0.995  1.00 30.50  ? 30   LEU A CB  1 
ATOM   232  C CG  . LEU A 1 30 ? 3.954   -6.191  -2.506  1.00 31.11  ? 30   LEU A CG  1 
ATOM   233  C CD1 . LEU A 1 30 ? 4.831   -7.284  -3.123  1.00 32.54  ? 30   LEU A CD1 1 
ATOM   234  C CD2 . LEU A 1 30 ? 2.625   -6.189  -3.171  1.00 30.63  ? 30   LEU A CD2 1 
ATOM   235  N N   . TYR A 1 31 ? 3.454   -5.660  2.052   1.00 31.23  ? 31   TYR A N   1 
ATOM   236  C CA  . TYR A 1 31 ? 3.044   -6.048  3.384   1.00 31.04  ? 31   TYR A CA  1 
ATOM   237  C C   . TYR A 1 31 ? 2.065   -5.032  3.954   1.00 29.95  ? 31   TYR A C   1 
ATOM   238  O O   . TYR A 1 31 ? 1.043   -5.390  4.519   1.00 29.09  ? 31   TYR A O   1 
ATOM   239  C CB  . TYR A 1 31 ? 4.261   -6.176  4.309   1.00 31.85  ? 31   TYR A CB  1 
ATOM   240  C CG  . TYR A 1 31 ? 3.893   -6.843  5.607   1.00 33.42  ? 31   TYR A CG  1 
ATOM   241  C CD1 . TYR A 1 31 ? 3.849   -8.238  5.715   1.00 36.23  ? 31   TYR A CD1 1 
ATOM   242  C CD2 . TYR A 1 31 ? 3.514   -6.083  6.693   1.00 35.46  ? 31   TYR A CD2 1 
ATOM   243  C CE1 . TYR A 1 31 ? 3.438   -8.838  6.901   1.00 38.88  ? 31   TYR A CE1 1 
ATOM   244  C CE2 . TYR A 1 31 ? 3.112   -6.655  7.872   1.00 37.04  ? 31   TYR A CE2 1 
ATOM   245  C CZ  . TYR A 1 31 ? 3.090   -8.023  7.982   1.00 39.39  ? 31   TYR A CZ  1 
ATOM   246  O OH  . TYR A 1 31 ? 2.709   -8.547  9.178   1.00 42.25  ? 31   TYR A OH  1 
ATOM   247  N N   . ALA A 1 32 ? 2.379   -3.761  3.774   1.00 28.95  ? 32   ALA A N   1 
ATOM   248  C CA  . ALA A 1 32 ? 1.514   -2.674  4.212   1.00 27.94  ? 32   ALA A CA  1 
ATOM   249  C C   . ALA A 1 32 ? 0.049   -2.775  3.745   1.00 27.51  ? 32   ALA A C   1 
ATOM   250  O O   . ALA A 1 32 ? -0.843  -2.391  4.471   1.00 27.70  ? 32   ALA A O   1 
ATOM   251  C CB  . ALA A 1 32 ? 2.088   -1.382  3.745   1.00 27.45  ? 32   ALA A CB  1 
ATOM   252  N N   . ILE A 1 33 ? -0.190  -3.227  2.524   1.00 27.77  ? 33   ILE A N   1 
ATOM   253  C CA  . ILE A 1 33 ? -1.556  -3.263  1.963   1.00 28.02  ? 33   ILE A CA  1 
ATOM   254  C C   . ILE A 1 33 ? -2.253  -4.630  2.069   1.00 27.93  ? 33   ILE A C   1 
ATOM   255  O O   . ILE A 1 33 ? -3.502  -4.696  2.035   1.00 28.12  ? 33   ILE A O   1 
ATOM   256  C CB  . ILE A 1 33 ? -1.588  -2.754  0.487   1.00 27.95  ? 33   ILE A CB  1 
ATOM   257  C CG1 . ILE A 1 33 ? -0.702  -3.600  -0.400  1.00 29.12  ? 33   ILE A CG1 1 
ATOM   258  C CG2 . ILE A 1 33 ? -1.146  -1.301  0.386   1.00 28.86  ? 33   ILE A CG2 1 
ATOM   259  C CD1 . ILE A 1 33 ? -0.977  -3.473  -1.873  1.00 29.04  ? 33   ILE A CD1 1 
ATOM   260  N N   . PHE A 1 34 ? -1.461  -5.700  2.186   1.00 27.78  ? 34   PHE A N   1 
ATOM   261  C CA  . PHE A 1 34 ? -1.960  -7.075  2.238   1.00 27.61  ? 34   PHE A CA  1 
ATOM   262  C C   . PHE A 1 34 ? -2.065  -7.647  3.639   1.00 28.12  ? 34   PHE A C   1 
ATOM   263  O O   . PHE A 1 34 ? -2.829  -8.581  3.840   1.00 29.60  ? 34   PHE A O   1 
ATOM   264  C CB  . PHE A 1 34 ? -1.148  -8.005  1.368   1.00 26.78  ? 34   PHE A CB  1 
ATOM   265  C CG  . PHE A 1 34 ? -1.503  -7.921  -0.090  1.00 27.82  ? 34   PHE A CG  1 
ATOM   266  C CD1 . PHE A 1 34 ? -0.605  -7.392  -1.020  1.00 29.88  ? 34   PHE A CD1 1 
ATOM   267  C CD2 . PHE A 1 34 ? -2.734  -8.376  -0.549  1.00 29.10  ? 34   PHE A CD2 1 
ATOM   268  C CE1 . PHE A 1 34 ? -0.943  -7.306  -2.397  1.00 30.04  ? 34   PHE A CE1 1 
ATOM   269  C CE2 . PHE A 1 34 ? -3.086  -8.284  -1.906  1.00 28.20  ? 34   PHE A CE2 1 
ATOM   270  C CZ  . PHE A 1 34 ? -2.192  -7.748  -2.826  1.00 30.66  ? 34   PHE A CZ  1 
ATOM   271  N N   . SER A 1 35 ? -1.392  -7.066  4.620   1.00 28.36  ? 35   SER A N   1 
ATOM   272  C CA  . SER A 1 35 ? -1.467  -7.591  5.972   1.00 28.92  ? 35   SER A CA  1 
ATOM   273  C C   . SER A 1 35 ? -2.866  -7.534  6.535   1.00 29.31  ? 35   SER A C   1 
ATOM   274  O O   . SER A 1 35 ? -3.219  -8.339  7.402   1.00 29.65  ? 35   SER A O   1 
ATOM   275  C CB  . SER A 1 35 ? -0.492  -6.902  6.927   1.00 28.76  ? 35   SER A CB  1 
ATOM   276  O OG  . SER A 1 35 ? -0.733  -5.529  7.014   1.00 30.41  ? 35   SER A OG  1 
ATOM   277  N N   . GLN A 1 36 ? -3.689  -6.629  6.015   1.00 30.18  ? 36   GLN A N   1 
ATOM   278  C CA  . GLN A 1 36 ? -5.092  -6.493  6.472   1.00 30.73  ? 36   GLN A CA  1 
ATOM   279  C C   . GLN A 1 36 ? -5.966  -7.748  6.284   1.00 30.46  ? 36   GLN A C   1 
ATOM   280  O O   . GLN A 1 36 ? -7.043  -7.792  6.817   1.00 31.01  ? 36   GLN A O   1 
ATOM   281  C CB  . GLN A 1 36 ? -5.785  -5.338  5.737   1.00 30.41  ? 36   GLN A CB  1 
ATOM   282  C CG  . GLN A 1 36 ? -5.849  -5.505  4.204   1.00 31.23  ? 36   GLN A CG  1 
ATOM   283  C CD  . GLN A 1 36 ? -6.666  -4.377  3.508   1.00 31.71  ? 36   GLN A CD  1 
ATOM   284  O OE1 . GLN A 1 36 ? -7.849  -4.234  3.787   1.00 34.66  ? 36   GLN A OE1 1 
ATOM   285  N NE2 . GLN A 1 36 ? -6.031  -3.599  2.624   1.00 25.19  ? 36   GLN A NE2 1 
ATOM   286  N N   . PHE A 1 37 ? -5.533  -8.712  5.485   1.00 30.80  ? 37   PHE A N   1 
ATOM   287  C CA  . PHE A 1 37 ? -6.349  -9.860  5.134   1.00 31.67  ? 37   PHE A CA  1 
ATOM   288  C C   . PHE A 1 37 ? -6.023  -11.085 5.948   1.00 32.47  ? 37   PHE A C   1 
ATOM   289  O O   . PHE A 1 37 ? -6.667  -12.106 5.787   1.00 32.26  ? 37   PHE A O   1 
ATOM   290  C CB  . PHE A 1 37 ? -6.226  -10.169 3.644   1.00 31.77  ? 37   PHE A CB  1 
ATOM   291  C CG  . PHE A 1 37 ? -6.706  -9.060  2.784   1.00 32.31  ? 37   PHE A CG  1 
ATOM   292  C CD1 . PHE A 1 37 ? -5.805  -8.293  2.058   1.00 34.47  ? 37   PHE A CD1 1 
ATOM   293  C CD2 . PHE A 1 37 ? -8.057  -8.720  2.765   1.00 34.05  ? 37   PHE A CD2 1 
ATOM   294  C CE1 . PHE A 1 37 ? -6.236  -7.235  1.299   1.00 33.95  ? 37   PHE A CE1 1 
ATOM   295  C CE2 . PHE A 1 37 ? -8.507  -7.663  1.994   1.00 34.67  ? 37   PHE A CE2 1 
ATOM   296  C CZ  . PHE A 1 37 ? -7.583  -6.916  1.258   1.00 35.56  ? 37   PHE A CZ  1 
ATOM   297  N N   . GLY A 1 38 ? -5.048  -10.951 6.847   1.00 34.24  ? 38   GLY A N   1 
ATOM   298  C CA  . GLY A 1 38 ? -4.598  -12.018 7.726   1.00 35.23  ? 38   GLY A CA  1 
ATOM   299  C C   . GLY A 1 38 ? -3.102  -12.242 7.662   1.00 36.31  ? 38   GLY A C   1 
ATOM   300  O O   . GLY A 1 38 ? -2.362  -11.498 7.007   1.00 37.35  ? 38   GLY A O   1 
ATOM   301  N N   . GLN A 1 39 ? -2.674  -13.306 8.315   1.00 37.83  ? 39   GLN A N   1 
ATOM   302  C CA  . GLN A 1 39 ? -1.273  -13.595 8.553   1.00 39.41  ? 39   GLN A CA  1 
ATOM   303  C C   . GLN A 1 39 ? -0.596  -14.035 7.266   1.00 38.63  ? 39   GLN A C   1 
ATOM   304  O O   . GLN A 1 39 ? -1.055  -14.958 6.600   1.00 38.22  ? 39   GLN A O   1 
ATOM   305  C CB  . GLN A 1 39 ? -1.136  -14.660 9.669   1.00 40.66  ? 39   GLN A CB  1 
ATOM   306  C CG  . GLN A 1 39 ? 0.301   -14.830 10.266  1.00 46.42  ? 39   GLN A CG  1 
ATOM   307  C CD  . GLN A 1 39 ? 0.627   -16.288 10.699  1.00 51.79  ? 39   GLN A CD  1 
ATOM   308  O OE1 . GLN A 1 39 ? -0.214  -16.961 11.317  1.00 56.12  ? 39   GLN A OE1 1 
ATOM   309  N NE2 . GLN A 1 39 ? 1.843   -16.763 10.376  1.00 54.85  ? 39   GLN A NE2 1 
ATOM   310  N N   . ILE A 1 40 ? 0.482   -13.325 6.931   1.00 38.57  ? 40   ILE A N   1 
ATOM   311  C CA  . ILE A 1 40 ? 1.333   -13.592 5.782   1.00 38.87  ? 40   ILE A CA  1 
ATOM   312  C C   . ILE A 1 40 ? 2.567   -14.382 6.272   1.00 39.30  ? 40   ILE A C   1 
ATOM   313  O O   . ILE A 1 40 ? 3.247   -13.952 7.203   1.00 39.36  ? 40   ILE A O   1 
ATOM   314  C CB  . ILE A 1 40 ? 1.771   -12.221 5.134   1.00 39.15  ? 40   ILE A CB  1 
ATOM   315  C CG1 . ILE A 1 40 ? 0.594   -11.522 4.436   1.00 39.13  ? 40   ILE A CG1 1 
ATOM   316  C CG2 . ILE A 1 40 ? 2.931   -12.381 4.137   1.00 38.78  ? 40   ILE A CG2 1 
ATOM   317  C CD1 . ILE A 1 40 ? 0.743   -9.999  4.407   1.00 39.87  ? 40   ILE A CD1 1 
ATOM   318  N N   . LEU A 1 41 ? 2.839   -15.526 5.664   1.00 39.66  ? 41   LEU A N   1 
ATOM   319  C CA  . LEU A 1 41 ? 4.071   -16.272 5.935   1.00 41.18  ? 41   LEU A CA  1 
ATOM   320  C C   . LEU A 1 41 ? 5.293   -15.653 5.302   1.00 41.81  ? 41   LEU A C   1 
ATOM   321  O O   . LEU A 1 41 ? 6.345   -15.589 5.921   1.00 41.44  ? 41   LEU A O   1 
ATOM   322  C CB  . LEU A 1 41 ? 3.974   -17.700 5.397   1.00 41.20  ? 41   LEU A CB  1 
ATOM   323  C CG  . LEU A 1 41 ? 2.811   -18.469 6.014   1.00 41.80  ? 41   LEU A CG  1 
ATOM   324  C CD1 . LEU A 1 41 ? 2.692   -19.820 5.326   1.00 44.97  ? 41   LEU A CD1 1 
ATOM   325  C CD2 . LEU A 1 41 ? 3.009   -18.615 7.500   1.00 41.73  ? 41   LEU A CD2 1 
ATOM   326  N N   . ASP A 1 42 ? 5.140   -15.241 4.041   1.00 42.69  ? 42   ASP A N   1 
ATOM   327  C CA  . ASP A 1 42 ? 6.221   -14.625 3.279   1.00 42.59  ? 42   ASP A CA  1 
ATOM   328  C C   . ASP A 1 42 ? 5.730   -13.892 2.040   1.00 42.45  ? 42   ASP A C   1 
ATOM   329  O O   . ASP A 1 42 ? 4.650   -14.163 1.535   1.00 42.19  ? 42   ASP A O   1 
ATOM   330  C CB  . ASP A 1 42 ? 7.178   -15.721 2.812   1.00 42.84  ? 42   ASP A CB  1 
ATOM   331  C CG  . ASP A 1 42 ? 8.632   -15.318 2.899   1.00 43.19  ? 42   ASP A CG  1 
ATOM   332  O OD1 . ASP A 1 42 ? 8.935   -14.128 3.173   1.00 41.19  ? 42   ASP A OD1 1 
ATOM   333  O OD2 . ASP A 1 42 ? 9.539   -16.165 2.699   1.00 45.16  ? 42   ASP A OD2 1 
ATOM   334  N N   . ILE A 1 43 ? 6.579   -13.002 1.543   1.00 42.54  ? 43   ILE A N   1 
ATOM   335  C CA  . ILE A 1 43 ? 6.415   -12.329 0.266   1.00 43.01  ? 43   ILE A CA  1 
ATOM   336  C C   . ILE A 1 43 ? 7.696   -12.548 -0.562  1.00 44.16  ? 43   ILE A C   1 
ATOM   337  O O   . ILE A 1 43 ? 8.777   -12.116 -0.181  1.00 43.78  ? 43   ILE A O   1 
ATOM   338  C CB  . ILE A 1 43 ? 6.175   -10.818 0.522   1.00 42.55  ? 43   ILE A CB  1 
ATOM   339  C CG1 . ILE A 1 43 ? 4.929   -10.633 1.412   1.00 41.18  ? 43   ILE A CG1 1 
ATOM   340  C CG2 . ILE A 1 43 ? 6.099   -10.053 -0.798  1.00 42.10  ? 43   ILE A CG2 1 
ATOM   341  C CD1 . ILE A 1 43 ? 4.535   -9.193  1.662   1.00 40.66  ? 43   ILE A CD1 1 
ATOM   342  N N   . LEU A 1 44 ? 7.569   -13.215 -1.693  1.00 46.29  ? 44   LEU A N   1 
ATOM   343  C CA  . LEU A 1 44 ? 8.707   -13.483 -2.569  1.00 48.52  ? 44   LEU A CA  1 
ATOM   344  C C   . LEU A 1 44 ? 8.798   -12.501 -3.714  1.00 49.87  ? 44   LEU A C   1 
ATOM   345  O O   . LEU A 1 44 ? 7.904   -12.436 -4.535  1.00 49.15  ? 44   LEU A O   1 
ATOM   346  C CB  . LEU A 1 44 ? 8.605   -14.884 -3.177  1.00 48.61  ? 44   LEU A CB  1 
ATOM   347  C CG  . LEU A 1 44 ? 8.413   -16.037 -2.207  1.00 50.73  ? 44   LEU A CG  1 
ATOM   348  C CD1 . LEU A 1 44 ? 8.195   -17.314 -3.011  1.00 53.30  ? 44   LEU A CD1 1 
ATOM   349  C CD2 . LEU A 1 44 ? 9.590   -16.184 -1.241  1.00 50.66  ? 44   LEU A CD2 1 
ATOM   350  N N   . VAL A 1 45 ? 9.896   -11.763 -3.767  1.00 52.65  ? 45   VAL A N   1 
ATOM   351  C CA  . VAL A 1 45 ? 10.243  -10.950 -4.927  1.00 55.28  ? 45   VAL A CA  1 
ATOM   352  C C   . VAL A 1 45 ? 11.656  -11.330 -5.376  1.00 57.86  ? 45   VAL A C   1 
ATOM   353  O O   . VAL A 1 45 ? 12.546  -11.467 -4.552  1.00 58.44  ? 45   VAL A O   1 
ATOM   354  C CB  . VAL A 1 45 ? 10.137  -9.425  -4.618  1.00 55.25  ? 45   VAL A CB  1 
ATOM   355  C CG1 . VAL A 1 45 ? 8.706   -9.067  -4.214  1.00 55.13  ? 45   VAL A CG1 1 
ATOM   356  C CG2 . VAL A 1 45 ? 11.100  -9.002  -3.515  1.00 55.65  ? 45   VAL A CG2 1 
ATOM   357  N N   . SER A 1 46 ? 11.863  -11.529 -6.671  1.00 60.93  ? 46   SER A N   1 
ATOM   358  C CA  . SER A 1 46 ? 13.206  -11.802 -7.163  1.00 63.42  ? 46   SER A CA  1 
ATOM   359  C C   . SER A 1 46 ? 13.784  -10.677 -8.019  1.00 65.10  ? 46   SER A C   1 
ATOM   360  O O   . SER A 1 46 ? 13.067  -10.044 -8.797  1.00 64.90  ? 46   SER A O   1 
ATOM   361  C CB  . SER A 1 46 ? 13.213  -13.095 -7.963  1.00 63.73  ? 46   SER A CB  1 
ATOM   362  O OG  . SER A 1 46 ? 14.547  -13.475 -8.263  1.00 66.51  ? 46   SER A OG  1 
ATOM   363  N N   . ARG A 1 47 ? 15.093  -10.460 -7.877  1.00 67.28  ? 47   ARG A N   1 
ATOM   364  C CA  . ARG A 1 47 ? 15.843  -9.573  -8.764  1.00 69.02  ? 47   ARG A CA  1 
ATOM   365  C C   . ARG A 1 47 ? 16.168  -10.284 -10.096 1.00 69.95  ? 47   ARG A C   1 
ATOM   366  O O   . ARG A 1 47 ? 16.684  -9.655  -11.022 1.00 69.83  ? 47   ARG A O   1 
ATOM   367  C CB  . ARG A 1 47 ? 17.129  -9.064  -8.094  1.00 69.28  ? 47   ARG A CB  1 
ATOM   368  C CG  . ARG A 1 47 ? 16.918  -7.969  -7.041  1.00 72.05  ? 47   ARG A CG  1 
ATOM   369  C CD  . ARG A 1 47 ? 18.152  -7.042  -6.793  1.00 75.58  ? 47   ARG A CD  1 
ATOM   370  N NE  . ARG A 1 47 ? 17.926  -6.047  -5.719  1.00 78.96  ? 47   ARG A NE  1 
ATOM   371  C CZ  . ARG A 1 47 ? 17.332  -4.835  -5.860  1.00 80.28  ? 47   ARG A CZ  1 
ATOM   372  N NH1 . ARG A 1 47 ? 16.868  -4.398  -7.038  1.00 80.35  ? 47   ARG A NH1 1 
ATOM   373  N NH2 . ARG A 1 47 ? 17.189  -4.050  -4.797  1.00 80.25  ? 47   ARG A NH2 1 
ATOM   374  N N   . SER A 1 48 ? 15.866  -11.583 -10.191 1.00 71.22  ? 48   SER A N   1 
ATOM   375  C CA  . SER A 1 48 ? 15.968  -12.331 -11.457 1.00 72.50  ? 48   SER A CA  1 
ATOM   376  C C   . SER A 1 48 ? 15.222  -11.622 -12.596 1.00 73.67  ? 48   SER A C   1 
ATOM   377  O O   . SER A 1 48 ? 14.274  -10.841 -12.361 1.00 74.00  ? 48   SER A O   1 
ATOM   378  C CB  . SER A 1 48 ? 15.434  -13.769 -11.293 1.00 72.93  ? 48   SER A CB  1 
ATOM   379  O OG  . SER A 1 48 ? 14.934  -14.315 -12.510 1.00 73.07  ? 48   SER A OG  1 
ATOM   380  N N   . LEU A 1 49 ? 15.657  -11.897 -13.829 1.00 74.50  ? 49   LEU A N   1 
ATOM   381  C CA  . LEU A 1 49 ? 15.176  -11.156 -14.996 1.00 75.05  ? 49   LEU A CA  1 
ATOM   382  C C   . LEU A 1 49 ? 13.750  -11.524 -15.353 1.00 75.10  ? 49   LEU A C   1 
ATOM   383  O O   . LEU A 1 49 ? 12.939  -10.656 -15.685 1.00 75.59  ? 49   LEU A O   1 
ATOM   384  C CB  . LEU A 1 49 ? 16.072  -11.383 -16.219 1.00 75.29  ? 49   LEU A CB  1 
ATOM   385  C CG  . LEU A 1 49 ? 15.817  -10.374 -17.347 1.00 76.15  ? 49   LEU A CG  1 
ATOM   386  C CD1 . LEU A 1 49 ? 16.574  -9.065  -17.072 1.00 76.21  ? 49   LEU A CD1 1 
ATOM   387  C CD2 . LEU A 1 49 ? 16.174  -10.967 -18.719 1.00 77.31  ? 49   LEU A CD2 1 
ATOM   388  N N   . LYS A 1 50 ? 13.433  -12.807 -15.288 1.00 74.97  ? 50   LYS A N   1 
ATOM   389  C CA  . LYS A 1 50 ? 12.092  -13.232 -15.647 1.00 75.04  ? 50   LYS A CA  1 
ATOM   390  C C   . LYS A 1 50 ? 11.088  -13.020 -14.497 1.00 74.29  ? 50   LYS A C   1 
ATOM   391  O O   . LYS A 1 50 ? 9.943   -13.457 -14.592 1.00 74.48  ? 50   LYS A O   1 
ATOM   392  C CB  . LYS A 1 50 ? 12.117  -14.665 -16.210 1.00 75.42  ? 50   LYS A CB  1 
ATOM   393  C CG  . LYS A 1 50 ? 12.632  -14.684 -17.685 1.00 77.04  ? 50   LYS A CG  1 
ATOM   394  C CD  . LYS A 1 50 ? 12.691  -16.088 -18.322 1.00 79.27  ? 50   LYS A CD  1 
ATOM   395  C CE  . LYS A 1 50 ? 13.654  -16.142 -19.546 1.00 79.90  ? 50   LYS A CE  1 
ATOM   396  N NZ  . LYS A 1 50 ? 14.099  -17.548 -19.879 1.00 81.07  ? 50   LYS A NZ  1 
ATOM   397  N N   . MET A 1 51 ? 11.507  -12.300 -13.446 1.00 73.36  ? 51   MET A N   1 
ATOM   398  C CA  . MET A 1 51 ? 10.640  -11.959 -12.308 1.00 72.59  ? 51   MET A CA  1 
ATOM   399  C C   . MET A 1 51 ? 10.371  -10.448 -12.191 1.00 71.10  ? 51   MET A C   1 
ATOM   400  O O   . MET A 1 51 ? 10.081  -9.945  -11.105 1.00 70.59  ? 51   MET A O   1 
ATOM   401  C CB  . MET A 1 51 ? 11.256  -12.490 -11.009 1.00 72.60  ? 51   MET A CB  1 
ATOM   402  C CG  . MET A 1 51 ? 10.240  -12.710 -9.880  1.00 74.31  ? 51   MET A CG  1 
ATOM   403  S SD  . MET A 1 51 ? 8.925   -14.000 -10.109 1.00 77.15  ? 51   MET A SD  1 
ATOM   404  C CE  . MET A 1 51 ? 9.525   -14.993 -11.506 1.00 77.66  ? 51   MET A CE  1 
ATOM   405  N N   . ARG A 1 52 ? 10.419  -9.755  -13.326 1.00 69.69  ? 52   ARG A N   1 
ATOM   406  C CA  . ARG A 1 52 ? 10.449  -8.286  -13.368 1.00 68.71  ? 52   ARG A CA  1 
ATOM   407  C C   . ARG A 1 52 ? 9.376   -7.568  -12.515 1.00 65.83  ? 52   ARG A C   1 
ATOM   408  O O   . ARG A 1 52 ? 9.694   -6.971  -11.478 1.00 66.95  ? 52   ARG A O   1 
ATOM   409  C CB  . ARG A 1 52 ? 10.380  -7.784  -14.825 1.00 69.71  ? 52   ARG A CB  1 
ATOM   410  C CG  . ARG A 1 52 ? 11.747  -7.656  -15.549 1.00 73.30  ? 52   ARG A CG  1 
ATOM   411  C CD  . ARG A 1 52 ? 11.853  -6.437  -16.502 1.00 77.66  ? 52   ARG A CD  1 
ATOM   412  N NE  . ARG A 1 52 ? 12.267  -6.785  -17.867 1.00 82.22  ? 52   ARG A NE  1 
ATOM   413  C CZ  . ARG A 1 52 ? 12.343  -5.910  -18.891 1.00 85.53  ? 52   ARG A CZ  1 
ATOM   414  N NH1 . ARG A 1 52 ? 12.024  -4.623  -18.715 1.00 86.81  ? 52   ARG A NH1 1 
ATOM   415  N NH2 . ARG A 1 52 ? 12.743  -6.326  -20.099 1.00 85.09  ? 52   ARG A NH2 1 
ATOM   416  N N   . GLY A 1 53 ? 8.128   -7.584  -12.949 1.00 61.64  ? 53   GLY A N   1 
ATOM   417  C CA  . GLY A 1 53 ? 7.084   -6.888  -12.217 1.00 58.36  ? 53   GLY A CA  1 
ATOM   418  C C   . GLY A 1 53 ? 6.192   -7.902  -11.554 1.00 55.23  ? 53   GLY A C   1 
ATOM   419  O O   . GLY A 1 53 ? 5.001   -7.895  -11.752 1.00 54.97  ? 53   GLY A O   1 
ATOM   420  N N   . GLN A 1 54 ? 6.788   -8.782  -10.765 1.00 52.30  ? 54   GLN A N   1 
ATOM   421  C CA  . GLN A 1 54 ? 6.081   -9.941  -10.212 1.00 50.17  ? 54   GLN A CA  1 
ATOM   422  C C   . GLN A 1 54 ? 6.369   -10.185 -8.745  1.00 47.42  ? 54   GLN A C   1 
ATOM   423  O O   . GLN A 1 54 ? 7.435   -9.853  -8.252  1.00 47.03  ? 54   GLN A O   1 
ATOM   424  C CB  . GLN A 1 54 ? 6.451   -11.202 -10.966 1.00 49.96  ? 54   GLN A CB  1 
ATOM   425  C CG  . GLN A 1 54 ? 5.643   -11.435 -12.215 1.00 52.27  ? 54   GLN A CG  1 
ATOM   426  C CD  . GLN A 1 54 ? 6.363   -12.378 -13.151 1.00 52.97  ? 54   GLN A CD  1 
ATOM   427  O OE1 . GLN A 1 54 ? 7.314   -11.974 -13.789 1.00 55.87  ? 54   GLN A OE1 1 
ATOM   428  N NE2 . GLN A 1 54 ? 5.959   -13.633 -13.181 1.00 53.47  ? 54   GLN A NE2 1 
ATOM   429  N N   . ALA A 1 55 ? 5.405   -10.795 -8.059  1.00 44.71  ? 55   ALA A N   1 
ATOM   430  C CA  . ALA A 1 55 ? 5.580   -11.179 -6.662  1.00 42.46  ? 55   ALA A CA  1 
ATOM   431  C C   . ALA A 1 55 ? 4.611   -12.277 -6.261  1.00 40.46  ? 55   ALA A C   1 
ATOM   432  O O   . ALA A 1 55 ? 3.574   -12.485 -6.889  1.00 39.77  ? 55   ALA A O   1 
ATOM   433  C CB  . ALA A 1 55 ? 5.416   -9.966  -5.740  1.00 41.97  ? 55   ALA A CB  1 
ATOM   434  N N   . PHE A 1 56 ? 4.977   -12.979 -5.202  1.00 38.31  ? 56   PHE A N   1 
ATOM   435  C CA  . PHE A 1 56 ? 4.106   -13.951 -4.602  1.00 37.54  ? 56   PHE A CA  1 
ATOM   436  C C   . PHE A 1 56 ? 3.903   -13.565 -3.171  1.00 36.31  ? 56   PHE A C   1 
ATOM   437  O O   . PHE A 1 56 ? 4.827   -13.193 -2.500  1.00 35.16  ? 56   PHE A O   1 
ATOM   438  C CB  . PHE A 1 56 ? 4.681   -15.350 -4.691  1.00 37.65  ? 56   PHE A CB  1 
ATOM   439  C CG  . PHE A 1 56 ? 4.905   -15.829 -6.101  1.00 38.41  ? 56   PHE A CG  1 
ATOM   440  C CD1 . PHE A 1 56 ? 6.051   -15.456 -6.802  1.00 39.73  ? 56   PHE A CD1 1 
ATOM   441  C CD2 . PHE A 1 56 ? 3.986   -16.658 -6.719  1.00 39.93  ? 56   PHE A CD2 1 
ATOM   442  C CE1 . PHE A 1 56 ? 6.262   -15.889 -8.096  1.00 40.21  ? 56   PHE A CE1 1 
ATOM   443  C CE2 . PHE A 1 56 ? 4.205   -17.141 -8.025  1.00 41.00  ? 56   PHE A CE2 1 
ATOM   444  C CZ  . PHE A 1 56 ? 5.335   -16.744 -8.714  1.00 41.08  ? 56   PHE A CZ  1 
ATOM   445  N N   . VAL A 1 57 ? 2.656   -13.590 -2.738  1.00 35.95  ? 57   VAL A N   1 
ATOM   446  C CA  . VAL A 1 57 ? 2.315   -13.351 -1.358  1.00 36.21  ? 57   VAL A CA  1 
ATOM   447  C C   . VAL A 1 57 ? 1.743   -14.652 -0.859  1.00 36.16  ? 57   VAL A C   1 
ATOM   448  O O   . VAL A 1 57 ? 0.851   -15.242 -1.483  1.00 36.24  ? 57   VAL A O   1 
ATOM   449  C CB  . VAL A 1 57 ? 1.295   -12.215 -1.222  1.00 36.42  ? 57   VAL A CB  1 
ATOM   450  C CG1 . VAL A 1 57 ? 0.934   -12.005 0.223   1.00 37.10  ? 57   VAL A CG1 1 
ATOM   451  C CG2 . VAL A 1 57 ? 1.857   -10.940 -1.826  1.00 36.17  ? 57   VAL A CG2 1 
ATOM   452  N N   . ILE A 1 58 ? 2.290   -15.127 0.247   1.00 36.31  ? 58   ILE A N   1 
ATOM   453  C CA  . ILE A 1 58 ? 1.918   -16.428 0.781   1.00 35.96  ? 58   ILE A CA  1 
ATOM   454  C C   . ILE A 1 58 ? 1.231   -16.191 2.074   1.00 34.95  ? 58   ILE A C   1 
ATOM   455  O O   . ILE A 1 58 ? 1.850   -15.729 3.019   1.00 34.21  ? 58   ILE A O   1 
ATOM   456  C CB  . ILE A 1 58 ? 3.146   -17.303 1.014   1.00 36.43  ? 58   ILE A CB  1 
ATOM   457  C CG1 . ILE A 1 58 ? 3.897   -17.513 -0.298  1.00 37.36  ? 58   ILE A CG1 1 
ATOM   458  C CG2 . ILE A 1 58 ? 2.736   -18.665 1.592   1.00 37.16  ? 58   ILE A CG2 1 
ATOM   459  C CD1 . ILE A 1 58 ? 5.256   -18.054 -0.098  1.00 38.93  ? 58   ILE A CD1 1 
ATOM   460  N N   . PHE A 1 59 ? -0.058  -16.511 2.110   1.00 34.67  ? 59   PHE A N   1 
ATOM   461  C CA  . PHE A 1 59 ? -0.827  -16.415 3.345   1.00 34.38  ? 59   PHE A CA  1 
ATOM   462  C C   . PHE A 1 59 ? -0.873  -17.751 4.079   1.00 35.10  ? 59   PHE A C   1 
ATOM   463  O O   . PHE A 1 59 ? -0.833  -18.800 3.454   1.00 33.76  ? 59   PHE A O   1 
ATOM   464  C CB  . PHE A 1 59 ? -2.257  -15.968 3.047   1.00 34.14  ? 59   PHE A CB  1 
ATOM   465  C CG  . PHE A 1 59 ? -2.366  -14.594 2.478   1.00 30.25  ? 59   PHE A CG  1 
ATOM   466  C CD1 . PHE A 1 59 ? -2.477  -14.408 1.115   1.00 28.65  ? 59   PHE A CD1 1 
ATOM   467  C CD2 . PHE A 1 59 ? -2.433  -13.502 3.294   1.00 28.91  ? 59   PHE A CD2 1 
ATOM   468  C CE1 . PHE A 1 59 ? -2.600  -13.141 0.564   1.00 26.07  ? 59   PHE A CE1 1 
ATOM   469  C CE2 . PHE A 1 59 ? -2.567  -12.203 2.738   1.00 29.39  ? 59   PHE A CE2 1 
ATOM   470  C CZ  . PHE A 1 59 ? -2.633  -12.053 1.362   1.00 26.20  ? 59   PHE A CZ  1 
ATOM   471  N N   . LYS A 1 60 ? -0.979  -17.697 5.402   1.00 36.83  ? 60   LYS A N   1 
ATOM   472  C CA  . LYS A 1 60 ? -1.281  -18.899 6.202   1.00 39.09  ? 60   LYS A CA  1 
ATOM   473  C C   . LYS A 1 60 ? -2.589  -19.617 5.772   1.00 39.70  ? 60   LYS A C   1 
ATOM   474  O O   . LYS A 1 60 ? -2.577  -20.838 5.574   1.00 39.96  ? 60   LYS A O   1 
ATOM   475  C CB  . LYS A 1 60 ? -1.369  -18.553 7.677   1.00 39.52  ? 60   LYS A CB  1 
ATOM   476  C CG  . LYS A 1 60 ? -1.468  -19.786 8.565   1.00 44.16  ? 60   LYS A CG  1 
ATOM   477  C CD  . LYS A 1 60 ? -1.119  -19.468 10.037  1.00 49.08  ? 60   LYS A CD  1 
ATOM   478  C CE  . LYS A 1 60 ? -1.803  -20.446 11.042  1.00 52.92  ? 60   LYS A CE  1 
ATOM   479  N NZ  . LYS A 1 60 ? -3.337  -20.571 10.878  1.00 54.94  ? 60   LYS A NZ  1 
ATOM   480  N N   . GLU A 1 61 ? -3.686  -18.852 5.597   1.00 39.59  ? 61   GLU A N   1 
ATOM   481  C CA  . GLU A 1 61 ? -5.003  -19.402 5.238   1.00 39.55  ? 61   GLU A CA  1 
ATOM   482  C C   . GLU A 1 61 ? -5.447  -19.083 3.826   1.00 38.12  ? 61   GLU A C   1 
ATOM   483  O O   . GLU A 1 61 ? -5.299  -17.973 3.337   1.00 38.51  ? 61   GLU A O   1 
ATOM   484  C CB  . GLU A 1 61 ? -6.066  -18.883 6.203   1.00 40.84  ? 61   GLU A CB  1 
ATOM   485  C CG  . GLU A 1 61 ? -5.772  -19.134 7.672   1.00 43.67  ? 61   GLU A CG  1 
ATOM   486  C CD  . GLU A 1 61 ? -5.669  -20.621 7.991   1.00 49.14  ? 61   GLU A CD  1 
ATOM   487  O OE1 . GLU A 1 61 ? -6.324  -21.431 7.266   1.00 52.04  ? 61   GLU A OE1 1 
ATOM   488  O OE2 . GLU A 1 61 ? -4.927  -20.975 8.958   1.00 51.67  ? 61   GLU A OE2 1 
ATOM   489  N N   . VAL A 1 62 ? -6.008  -20.069 3.162   1.00 37.20  ? 62   VAL A N   1 
ATOM   490  C CA  . VAL A 1 62 ? -6.559  -19.882 1.833   1.00 36.94  ? 62   VAL A CA  1 
ATOM   491  C C   . VAL A 1 62 ? -7.621  -18.779 1.790   1.00 36.40  ? 62   VAL A C   1 
ATOM   492  O O   . VAL A 1 62 ? -7.781  -18.142 0.756   1.00 36.50  ? 62   VAL A O   1 
ATOM   493  C CB  . VAL A 1 62 ? -7.195  -21.194 1.290   1.00 37.28  ? 62   VAL A CB  1 
ATOM   494  C CG1 . VAL A 1 62 ? -7.709  -21.009 -0.143  1.00 36.37  ? 62   VAL A CG1 1 
ATOM   495  C CG2 . VAL A 1 62 ? -6.166  -22.336 1.346   1.00 38.44  ? 62   VAL A CG2 1 
ATOM   496  N N   . SER A 1 63 ? -8.338  -18.556 2.896   1.00 35.18  ? 63   SER A N   1 
ATOM   497  C CA  . SER A 1 63 ? -9.412  -17.590 2.910   1.00 34.71  ? 63   SER A CA  1 
ATOM   498  C C   . SER A 1 63 ? -8.866  -16.157 2.912   1.00 34.23  ? 63   SER A C   1 
ATOM   499  O O   . SER A 1 63 ? -9.519  -15.238 2.432   1.00 33.67  ? 63   SER A O   1 
ATOM   500  C CB  . SER A 1 63 ? -10.321 -17.828 4.104   1.00 34.75  ? 63   SER A CB  1 
ATOM   501  O OG  . SER A 1 63 ? -9.597  -17.689 5.316   1.00 37.04  ? 63   SER A OG  1 
ATOM   502  N N   . SER A 1 64 ? -7.680  -15.960 3.480   1.00 33.52  ? 64   SER A N   1 
ATOM   503  C CA  . SER A 1 64 ? -7.001  -14.663 3.410   1.00 32.25  ? 64   SER A CA  1 
ATOM   504  C C   . SER A 1 64 ? -6.626  -14.348 1.976   1.00 32.07  ? 64   SER A C   1 
ATOM   505  O O   . SER A 1 64 ? -6.887  -13.268 1.485   1.00 33.23  ? 64   SER A O   1 
ATOM   506  C CB  . SER A 1 64 ? -5.795  -14.675 4.337   1.00 32.31  ? 64   SER A CB  1 
ATOM   507  O OG  . SER A 1 64 ? -6.231  -14.790 5.692   1.00 29.08  ? 64   SER A OG  1 
ATOM   508  N N   . ALA A 1 65 ? -6.098  -15.326 1.270   1.00 32.04  ? 65   ALA A N   1 
ATOM   509  C CA  . ALA A 1 65 ? -5.726  -15.159 -0.119  1.00 31.66  ? 65   ALA A CA  1 
ATOM   510  C C   . ALA A 1 65 ? -6.912  -14.812 -1.012  1.00 31.39  ? 65   ALA A C   1 
ATOM   511  O O   . ALA A 1 65 ? -6.828  -13.926 -1.862  1.00 31.86  ? 65   ALA A O   1 
ATOM   512  C CB  . ALA A 1 65 ? -5.044  -16.432 -0.611  1.00 32.22  ? 65   ALA A CB  1 
ATOM   513  N N   . THR A 1 66 ? -8.026  -15.490 -0.803  1.00 31.01  ? 66   THR A N   1 
ATOM   514  C CA  . THR A 1 66 ? -9.260  -15.250 -1.565  1.00 30.62  ? 66   THR A CA  1 
ATOM   515  C C   . THR A 1 66 ? -9.847  -13.855 -1.351  1.00 29.34  ? 66   THR A C   1 
ATOM   516  O O   . THR A 1 66 ? -10.192 -13.178 -2.276  1.00 28.65  ? 66   THR A O   1 
ATOM   517  C CB  . THR A 1 66 ? -10.312 -16.308 -1.203  1.00 30.58  ? 66   THR A CB  1 
ATOM   518  O OG1 . THR A 1 66 ? -9.865  -17.584 -1.664  1.00 31.46  ? 66   THR A OG1 1 
ATOM   519  C CG2 . THR A 1 66 ? -11.597 -16.072 -1.991  1.00 31.67  ? 66   THR A CG2 1 
ATOM   520  N N   . ASN A 1 67 ? -9.951  -13.438 -0.118  1.00 29.26  ? 67   ASN A N   1 
ATOM   521  C CA  . ASN A 1 67 ? -10.338 -12.071 0.177   1.00 29.81  ? 67   ASN A CA  1 
ATOM   522  C C   . ASN A 1 67 ? -9.379  -11.006 -0.352  1.00 29.50  ? 67   ASN A C   1 
ATOM   523  O O   . ASN A 1 67 ? -9.813  -9.934  -0.772  1.00 28.58  ? 67   ASN A O   1 
ATOM   524  C CB  . ASN A 1 67 ? -10.490 -11.937 1.671   1.00 29.95  ? 67   ASN A CB  1 
ATOM   525  C CG  . ASN A 1 67 ? -11.698 -12.680 2.170   1.00 34.00  ? 67   ASN A CG  1 
ATOM   526  O OD1 . ASN A 1 67 ? -11.689 -13.230 3.270   1.00 38.19  ? 67   ASN A OD1 1 
ATOM   527  N ND2 . ASN A 1 67 ? -12.782 -12.667 1.370   1.00 35.27  ? 67   ASN A ND2 1 
ATOM   528  N N   . ALA A 1 68 ? -8.089  -11.320 -0.359  1.00 29.59  ? 68   ALA A N   1 
ATOM   529  C CA  . ALA A 1 68 ? -7.081  -10.374 -0.828  1.00 30.21  ? 68   ALA A CA  1 
ATOM   530  C C   . ALA A 1 68 ? -7.199  -10.248 -2.315  1.00 30.34  ? 68   ALA A C   1 
ATOM   531  O O   . ALA A 1 68 ? -7.144  -9.154  -2.841  1.00 31.20  ? 68   ALA A O   1 
ATOM   532  C CB  . ALA A 1 68 ? -5.660  -10.821 -0.431  1.00 30.37  ? 68   ALA A CB  1 
ATOM   533  N N   . LEU A 1 69 ? -7.433  -11.359 -2.992  1.00 30.93  ? 69   LEU A N   1 
ATOM   534  C CA  . LEU A 1 69 ? -7.593  -11.343 -4.443  1.00 31.68  ? 69   LEU A CA  1 
ATOM   535  C C   . LEU A 1 69 ? -8.870  -10.602 -4.860  1.00 32.14  ? 69   LEU A C   1 
ATOM   536  O O   . LEU A 1 69 ? -8.885  -9.856  -5.847  1.00 32.88  ? 69   LEU A O   1 
ATOM   537  C CB  . LEU A 1 69 ? -7.583  -12.785 -4.979  1.00 32.16  ? 69   LEU A CB  1 
ATOM   538  C CG  . LEU A 1 69 ? -7.855  -13.115 -6.453  1.00 33.07  ? 69   LEU A CG  1 
ATOM   539  C CD1 . LEU A 1 69 ? -7.208  -14.378 -6.860  1.00 34.44  ? 69   LEU A CD1 1 
ATOM   540  C CD2 . LEU A 1 69 ? -9.320  -13.303 -6.649  1.00 37.53  ? 69   LEU A CD2 1 
ATOM   541  N N   . ARG A 1 70 ? -9.939  -10.815 -4.104  1.00 31.63  ? 70   ARG A N   1 
ATOM   542  C CA  . ARG A 1 70 ? -11.218 -10.193 -4.400  1.00 31.58  ? 70   ARG A CA  1 
ATOM   543  C C   . ARG A 1 70 ? -11.197 -8.682  -4.163  1.00 31.29  ? 70   ARG A C   1 
ATOM   544  O O   . ARG A 1 70 ? -11.644 -7.913  -5.001  1.00 31.39  ? 70   ARG A O   1 
ATOM   545  C CB  . ARG A 1 70 ? -12.311 -10.866 -3.586  1.00 31.56  ? 70   ARG A CB  1 
ATOM   546  C CG  . ARG A 1 70 ? -12.725 -12.228 -4.161  1.00 32.50  ? 70   ARG A CG  1 
ATOM   547  C CD  . ARG A 1 70 ? -13.702 -12.936 -3.298  1.00 32.72  ? 70   ARG A CD  1 
ATOM   548  N NE  . ARG A 1 70 ? -14.031 -14.287 -3.751  1.00 31.13  ? 70   ARG A NE  1 
ATOM   549  C CZ  . ARG A 1 70 ? -14.570 -15.211 -2.951  1.00 30.72  ? 70   ARG A CZ  1 
ATOM   550  N NH1 . ARG A 1 70 ? -14.810 -14.932 -1.684  1.00 30.76  ? 70   ARG A NH1 1 
ATOM   551  N NH2 . ARG A 1 70 ? -14.851 -16.425 -3.402  1.00 32.30  ? 70   ARG A NH2 1 
ATOM   552  N N   . SER A 1 71 ? -10.628 -8.262  -3.048  1.00 30.36  ? 71   SER A N   1 
ATOM   553  C CA  . SER A 1 71 ? -10.613 -6.857  -2.710  1.00 30.35  ? 71   SER A CA  1 
ATOM   554  C C   . SER A 1 71 ? -9.619  -6.012  -3.488  1.00 30.14  ? 71   SER A C   1 
ATOM   555  O O   . SER A 1 71 ? -9.927  -4.879  -3.763  1.00 30.03  ? 71   SER A O   1 
ATOM   556  C CB  . SER A 1 71 ? -10.333 -6.686  -1.242  1.00 29.93  ? 71   SER A CB  1 
ATOM   557  O OG  . SER A 1 71 ? -11.204 -7.541  -0.535  1.00 33.07  ? 71   SER A OG  1 
ATOM   558  N N   . MET A 1 72 ? -8.441  -6.561  -3.816  1.00 30.01  ? 72   MET A N   1 
ATOM   559  C CA  . MET A 1 72 ? -7.313  -5.773  -4.302  1.00 29.82  ? 72   MET A CA  1 
ATOM   560  C C   . MET A 1 72 ? -7.084  -5.897  -5.797  1.00 29.37  ? 72   MET A C   1 
ATOM   561  O O   . MET A 1 72 ? -6.140  -5.310  -6.332  1.00 27.84  ? 72   MET A O   1 
ATOM   562  C CB  . MET A 1 72 ? -6.029  -6.155  -3.556  1.00 30.32  ? 72   MET A CB  1 
ATOM   563  C CG  . MET A 1 72 ? -6.033  -5.841  -2.053  1.00 31.51  ? 72   MET A CG  1 
ATOM   564  S SD  . MET A 1 72 ? -6.293  -4.124  -1.586  1.00 36.07  ? 72   MET A SD  1 
ATOM   565  C CE  . MET A 1 72 ? -4.713  -3.445  -1.838  1.00 35.47  ? 72   MET A CE  1 
ATOM   566  N N   . GLN A 1 73 ? -7.936  -6.664  -6.477  1.00 30.11  ? 73   GLN A N   1 
ATOM   567  C CA  . GLN A 1 73 ? -7.898  -6.699  -7.935  1.00 30.70  ? 73   GLN A CA  1 
ATOM   568  C C   . GLN A 1 73 ? -7.979  -5.272  -8.479  1.00 31.28  ? 73   GLN A C   1 
ATOM   569  O O   . GLN A 1 73 ? -8.884  -4.543  -8.159  1.00 32.43  ? 73   GLN A O   1 
ATOM   570  C CB  . GLN A 1 73 ? -9.057  -7.518  -8.495  1.00 30.76  ? 73   GLN A CB  1 
ATOM   571  C CG  . GLN A 1 73 ? -8.872  -7.959  -9.928  1.00 30.32  ? 73   GLN A CG  1 
ATOM   572  C CD  . GLN A 1 73 ? -7.656  -8.871  -10.067 1.00 34.00  ? 73   GLN A CD  1 
ATOM   573  O OE1 . GLN A 1 73 ? -6.567  -8.408  -10.450 1.00 33.49  ? 73   GLN A OE1 1 
ATOM   574  N NE2 . GLN A 1 73 ? -7.826  -10.161 -9.725  1.00 33.00  ? 73   GLN A NE2 1 
ATOM   575  N N   . GLY A 1 74 ? -6.989  -4.857  -9.246  1.00 32.07  ? 74   GLY A N   1 
ATOM   576  C CA  . GLY A 1 74 ? -7.005  -3.556  -9.886  1.00 31.98  ? 74   GLY A CA  1 
ATOM   577  C C   . GLY A 1 74 ? -6.425  -2.420  -9.069  1.00 32.24  ? 74   GLY A C   1 
ATOM   578  O O   . GLY A 1 74 ? -6.272  -1.312  -9.588  1.00 32.55  ? 74   GLY A O   1 
ATOM   579  N N   . PHE A 1 75 ? -6.085  -2.671  -7.803  1.00 31.59  ? 75   PHE A N   1 
ATOM   580  C CA  . PHE A 1 75 ? -5.678  -1.589  -6.928  1.00 31.12  ? 75   PHE A CA  1 
ATOM   581  C C   . PHE A 1 75 ? -4.452  -0.883  -7.509  1.00 30.78  ? 75   PHE A C   1 
ATOM   582  O O   . PHE A 1 75 ? -3.478  -1.557  -7.792  1.00 30.83  ? 75   PHE A O   1 
ATOM   583  C CB  . PHE A 1 75 ? -5.356  -2.104  -5.535  1.00 30.72  ? 75   PHE A CB  1 
ATOM   584  C CG  . PHE A 1 75 ? -5.073  -1.000  -4.558  1.00 30.73  ? 75   PHE A CG  1 
ATOM   585  C CD1 . PHE A 1 75 ? -6.102  -0.295  -3.993  1.00 28.92  ? 75   PHE A CD1 1 
ATOM   586  C CD2 . PHE A 1 75 ? -3.757  -0.608  -4.272  1.00 31.94  ? 75   PHE A CD2 1 
ATOM   587  C CE1 . PHE A 1 75 ? -5.839  0.741   -3.138  1.00 31.43  ? 75   PHE A CE1 1 
ATOM   588  C CE2 . PHE A 1 75 ? -3.495  0.430   -3.376  1.00 32.26  ? 75   PHE A CE2 1 
ATOM   589  C CZ  . PHE A 1 75 ? -4.527  1.097   -2.811  1.00 31.24  ? 75   PHE A CZ  1 
ATOM   590  N N   . PRO A 1 76 ? -4.489  0.438   -7.696  1.00 30.91  ? 76   PRO A N   1 
ATOM   591  C CA  . PRO A 1 76 ? -3.317  1.167   -8.234  1.00 31.40  ? 76   PRO A CA  1 
ATOM   592  C C   . PRO A 1 76 ? -2.211  1.305   -7.191  1.00 31.43  ? 76   PRO A C   1 
ATOM   593  O O   . PRO A 1 76 ? -2.308  2.115   -6.250  1.00 32.46  ? 76   PRO A O   1 
ATOM   594  C CB  . PRO A 1 76 ? -3.903  2.552   -8.636  1.00 31.28  ? 76   PRO A CB  1 
ATOM   595  C CG  . PRO A 1 76 ? -5.416  2.378   -8.527  1.00 30.71  ? 76   PRO A CG  1 
ATOM   596  C CD  . PRO A 1 76 ? -5.619  1.365   -7.456  1.00 30.84  ? 76   PRO A CD  1 
ATOM   597  N N   . PHE A 1 77 ? -1.182  0.483   -7.355  1.00 31.30  ? 77   PHE A N   1 
ATOM   598  C CA  . PHE A 1 77 ? -0.101  0.336   -6.392  1.00 31.00  ? 77   PHE A CA  1 
ATOM   599  C C   . PHE A 1 77 ? 1.153   0.915   -7.055  1.00 31.37  ? 77   PHE A C   1 
ATOM   600  O O   . PHE A 1 77 ? 1.549   0.479   -8.136  1.00 30.55  ? 77   PHE A O   1 
ATOM   601  C CB  . PHE A 1 77 ? 0.042   -1.148  -6.080  1.00 31.01  ? 77   PHE A CB  1 
ATOM   602  C CG  . PHE A 1 77 ? 1.115   -1.496  -5.042  1.00 29.29  ? 77   PHE A CG  1 
ATOM   603  C CD1 . PHE A 1 77 ? 0.953   -1.160  -3.714  1.00 26.51  ? 77   PHE A CD1 1 
ATOM   604  C CD2 . PHE A 1 77 ? 2.236   -2.227  -5.418  1.00 28.63  ? 77   PHE A CD2 1 
ATOM   605  C CE1 . PHE A 1 77 ? 1.904   -1.532  -2.765  1.00 28.37  ? 77   PHE A CE1 1 
ATOM   606  C CE2 . PHE A 1 77 ? 3.207   -2.612  -4.479  1.00 29.72  ? 77   PHE A CE2 1 
ATOM   607  C CZ  . PHE A 1 77 ? 3.044   -2.270  -3.158  1.00 28.98  ? 77   PHE A CZ  1 
ATOM   608  N N   . TYR A 1 78 ? 1.740   1.929   -6.430  1.00 31.84  ? 78   TYR A N   1 
ATOM   609  C CA  . TYR A 1 78 ? 2.710   2.793   -7.129  1.00 33.02  ? 78   TYR A CA  1 
ATOM   610  C C   . TYR A 1 78 ? 2.127   3.233   -8.463  1.00 34.14  ? 78   TYR A C   1 
ATOM   611  O O   . TYR A 1 78 ? 2.766   3.141   -9.512  1.00 34.55  ? 78   TYR A O   1 
ATOM   612  C CB  . TYR A 1 78 ? 4.064   2.077   -7.341  1.00 32.84  ? 78   TYR A CB  1 
ATOM   613  C CG  . TYR A 1 78 ? 4.846   1.831   -6.064  1.00 31.41  ? 78   TYR A CG  1 
ATOM   614  C CD1 . TYR A 1 78 ? 4.831   0.574   -5.447  1.00 31.20  ? 78   TYR A CD1 1 
ATOM   615  C CD2 . TYR A 1 78 ? 5.616   2.840   -5.481  1.00 29.17  ? 78   TYR A CD2 1 
ATOM   616  C CE1 . TYR A 1 78 ? 5.553   0.326   -4.291  1.00 28.92  ? 78   TYR A CE1 1 
ATOM   617  C CE2 . TYR A 1 78 ? 6.345   2.600   -4.301  1.00 28.13  ? 78   TYR A CE2 1 
ATOM   618  C CZ  . TYR A 1 78 ? 6.306   1.345   -3.719  1.00 28.08  ? 78   TYR A CZ  1 
ATOM   619  O OH  . TYR A 1 78 ? 6.990   1.093   -2.543  1.00 27.28  ? 78   TYR A OH  1 
ATOM   620  N N   . ASP A 1 79 ? 0.865   3.649   -8.414  1.00 35.44  ? 79   ASP A N   1 
ATOM   621  C CA  . ASP A 1 79 ? 0.125   4.116   -9.586  1.00 35.63  ? 79   ASP A CA  1 
ATOM   622  C C   . ASP A 1 79 ? -0.001  3.156   -10.735 1.00 35.79  ? 79   ASP A C   1 
ATOM   623  O O   . ASP A 1 79 ? -0.141  3.582   -11.863 1.00 36.85  ? 79   ASP A O   1 
ATOM   624  C CB  . ASP A 1 79 ? 0.730   5.418   -10.096 1.00 35.91  ? 79   ASP A CB  1 
ATOM   625  C CG  . ASP A 1 79 ? -0.258  6.242   -10.919 1.00 37.17  ? 79   ASP A CG  1 
ATOM   626  O OD1 . ASP A 1 79 ? -1.488  6.066   -10.808 1.00 38.58  ? 79   ASP A OD1 1 
ATOM   627  O OD2 . ASP A 1 79 ? 0.123   7.105   -11.716 1.00 40.36  ? 79   ASP A OD2 1 
ATOM   628  N N   . LYS A 1 80 ? 0.004   1.866   -10.462 1.00 36.03  ? 80   LYS A N   1 
ATOM   629  C CA  . LYS A 1 80 ? -0.105  0.853   -11.503 1.00 36.86  ? 80   LYS A CA  1 
ATOM   630  C C   . LYS A 1 80 ? -1.073  -0.242  -11.010 1.00 37.04  ? 80   LYS A C   1 
ATOM   631  O O   . LYS A 1 80 ? -0.846  -0.869  -9.958  1.00 36.46  ? 80   LYS A O   1 
ATOM   632  C CB  . LYS A 1 80 ? 1.287   0.292   -11.775 1.00 37.78  ? 80   LYS A CB  1 
ATOM   633  C CG  . LYS A 1 80 ? 1.475   -0.317  -13.142 1.00 41.56  ? 80   LYS A CG  1 
ATOM   634  C CD  . LYS A 1 80 ? 2.969   -0.538  -13.450 1.00 46.30  ? 80   LYS A CD  1 
ATOM   635  C CE  . LYS A 1 80 ? 3.163   -1.128  -14.864 1.00 49.34  ? 80   LYS A CE  1 
ATOM   636  N NZ  . LYS A 1 80 ? 4.221   -2.190  -14.896 1.00 51.09  ? 80   LYS A NZ  1 
ATOM   637  N N   . PRO A 1 81 ? -2.183  -0.435  -11.702 1.00 36.86  ? 81   PRO A N   1 
ATOM   638  C CA  . PRO A 1 81 ? -3.212  -1.349  -11.194 1.00 37.22  ? 81   PRO A CA  1 
ATOM   639  C C   . PRO A 1 81 ? -2.726  -2.770  -11.150 1.00 37.31  ? 81   PRO A C   1 
ATOM   640  O O   . PRO A 1 81 ? -2.301  -3.251  -12.171 1.00 36.39  ? 81   PRO A O   1 
ATOM   641  C CB  . PRO A 1 81 ? -4.365  -1.208  -12.191 1.00 36.95  ? 81   PRO A CB  1 
ATOM   642  C CG  . PRO A 1 81 ? -3.765  -0.589  -13.393 1.00 38.06  ? 81   PRO A CG  1 
ATOM   643  C CD  . PRO A 1 81 ? -2.578  0.215   -12.962 1.00 37.18  ? 81   PRO A CD  1 
ATOM   644  N N   . MET A 1 82 ? -2.803  -3.447  -10.004 1.00 38.32  ? 82   MET A N   1 
ATOM   645  C CA  . MET A 1 82 ? -2.239  -4.778  -9.986  1.00 39.50  ? 82   MET A CA  1 
ATOM   646  C C   . MET A 1 82 ? -3.186  -5.847  -10.508 1.00 39.54  ? 82   MET A C   1 
ATOM   647  O O   . MET A 1 82 ? -4.417  -5.707  -10.468 1.00 39.49  ? 82   MET A O   1 
ATOM   648  C CB  . MET A 1 82 ? -1.555  -5.142  -8.665  1.00 39.70  ? 82   MET A CB  1 
ATOM   649  C CG  . MET A 1 82 ? -2.291  -5.018  -7.431  1.00 41.30  ? 82   MET A CG  1 
ATOM   650  S SD  . MET A 1 82 ? -1.124  -5.030  -6.013  1.00 40.09  ? 82   MET A SD  1 
ATOM   651  C CE  . MET A 1 82 ? -2.258  -4.463  -4.856  1.00 40.66  ? 82   MET A CE  1 
ATOM   652  N N   . ARG A 1 83 ? -2.580  -6.867  -11.095 1.00 39.95  ? 83   ARG A N   1 
ATOM   653  C CA  . ARG A 1 83 ? -3.300  -7.997  -11.648 1.00 41.33  ? 83   ARG A CA  1 
ATOM   654  C C   . ARG A 1 83 ? -2.929  -9.160  -10.744 1.00 41.32  ? 83   ARG A C   1 
ATOM   655  O O   . ARG A 1 83 ? -1.751  -9.478  -10.600 1.00 41.23  ? 83   ARG A O   1 
ATOM   656  C CB  . ARG A 1 83 ? -2.873  -8.239  -13.103 1.00 41.95  ? 83   ARG A CB  1 
ATOM   657  C CG  . ARG A 1 83 ? -3.384  -9.568  -13.708 1.00 47.96  ? 83   ARG A CG  1 
ATOM   658  C CD  . ARG A 1 83 ? -3.322  -9.681  -15.254 1.00 54.66  ? 83   ARG A CD  1 
ATOM   659  N NE  . ARG A 1 83 ? -1.960  -9.477  -15.779 1.00 60.25  ? 83   ARG A NE  1 
ATOM   660  C CZ  . ARG A 1 83 ? -1.482  -8.322  -16.280 1.00 63.09  ? 83   ARG A CZ  1 
ATOM   661  N NH1 . ARG A 1 83 ? -2.244  -7.219  -16.341 1.00 64.05  ? 83   ARG A NH1 1 
ATOM   662  N NH2 . ARG A 1 83 ? -0.225  -8.272  -16.720 1.00 63.52  ? 83   ARG A NH2 1 
ATOM   663  N N   . ILE A 1 84 ? -3.930  -9.764  -10.114 1.00 41.64  ? 84   ILE A N   1 
ATOM   664  C CA  . ILE A 1 84 ? -3.734  -10.804 -9.116  1.00 41.71  ? 84   ILE A CA  1 
ATOM   665  C C   . ILE A 1 84 ? -4.454  -12.088 -9.540  1.00 43.35  ? 84   ILE A C   1 
ATOM   666  O O   . ILE A 1 84 ? -5.614  -12.043 -9.953  1.00 43.04  ? 84   ILE A O   1 
ATOM   667  C CB  . ILE A 1 84 ? -4.319  -10.345 -7.777  1.00 41.50  ? 84   ILE A CB  1 
ATOM   668  C CG1 . ILE A 1 84 ? -3.809  -8.949  -7.385  1.00 40.07  ? 84   ILE A CG1 1 
ATOM   669  C CG2 . ILE A 1 84 ? -3.999  -11.366 -6.688  1.00 42.07  ? 84   ILE A CG2 1 
ATOM   670  C CD1 . ILE A 1 84 ? -4.475  -8.388  -6.149  1.00 38.79  ? 84   ILE A CD1 1 
ATOM   671  N N   . GLN A 1 85 ? -3.760  -13.224 -9.426  1.00 45.25  ? 85   GLN A N   1 
ATOM   672  C CA  . GLN A 1 85 ? -4.348  -14.569 -9.519  1.00 46.56  ? 85   GLN A CA  1 
ATOM   673  C C   . GLN A 1 85 ? -3.847  -15.474 -8.393  1.00 47.36  ? 85   GLN A C   1 
ATOM   674  O O   . GLN A 1 85 ? -2.841  -15.196 -7.748  1.00 46.20  ? 85   GLN A O   1 
ATOM   675  C CB  . GLN A 1 85 ? -3.958  -15.254 -10.831 1.00 47.10  ? 85   GLN A CB  1 
ATOM   676  C CG  . GLN A 1 85 ? -4.067  -14.411 -12.095 1.00 49.95  ? 85   GLN A CG  1 
ATOM   677  C CD  . GLN A 1 85 ? -2.853  -14.583 -13.018 1.00 54.37  ? 85   GLN A CD  1 
ATOM   678  O OE1 . GLN A 1 85 ? -2.567  -15.705 -13.471 1.00 56.70  ? 85   GLN A OE1 1 
ATOM   679  N NE2 . GLN A 1 85 ? -2.149  -13.482 -13.302 1.00 54.81  ? 85   GLN A NE2 1 
ATOM   680  N N   . TYR A 1 86 ? -4.539  -16.583 -8.183  1.00 48.95  ? 86   TYR A N   1 
ATOM   681  C CA  . TYR A 1 86 ? -3.990  -17.670 -7.384  1.00 50.78  ? 86   TYR A CA  1 
ATOM   682  C C   . TYR A 1 86 ? -2.716  -18.200 -8.046  1.00 53.54  ? 86   TYR A C   1 
ATOM   683  O O   . TYR A 1 86 ? -2.653  -18.319 -9.249  1.00 53.33  ? 86   TYR A O   1 
ATOM   684  C CB  . TYR A 1 86 ? -5.014  -18.808 -7.227  1.00 50.29  ? 86   TYR A CB  1 
ATOM   685  C CG  . TYR A 1 86 ? -6.218  -18.462 -6.375  1.00 47.26  ? 86   TYR A CG  1 
ATOM   686  C CD1 . TYR A 1 86 ? -7.493  -18.490 -6.898  1.00 45.42  ? 86   TYR A CD1 1 
ATOM   687  C CD2 . TYR A 1 86 ? -6.066  -18.079 -5.059  1.00 45.55  ? 86   TYR A CD2 1 
ATOM   688  C CE1 . TYR A 1 86 ? -8.589  -18.152 -6.122  1.00 45.20  ? 86   TYR A CE1 1 
ATOM   689  C CE2 . TYR A 1 86 ? -7.146  -17.737 -4.280  1.00 45.13  ? 86   TYR A CE2 1 
ATOM   690  C CZ  . TYR A 1 86 ? -8.405  -17.774 -4.814  1.00 44.89  ? 86   TYR A CZ  1 
ATOM   691  O OH  . TYR A 1 86 ? -9.480  -17.464 -4.019  1.00 44.23  ? 86   TYR A OH  1 
ATOM   692  N N   . ALA A 1 87 ? -1.688  -18.483 -7.259  1.00 57.84  ? 87   ALA A N   1 
ATOM   693  C CA  . ALA A 1 87 ? -0.480  -19.139 -7.771  1.00 61.29  ? 87   ALA A CA  1 
ATOM   694  C C   . ALA A 1 87 ? -0.776  -20.541 -8.328  1.00 65.00  ? 87   ALA A C   1 
ATOM   695  O O   . ALA A 1 87 ? -1.738  -21.180 -7.904  1.00 64.78  ? 87   ALA A O   1 
ATOM   696  C CB  . ALA A 1 87 ? 0.559   -19.219 -6.678  1.00 60.99  ? 87   ALA A CB  1 
ATOM   697  N N   . LYS A 1 88 ? 0.048   -20.987 -9.285  1.00 70.17  ? 88   LYS A N   1 
ATOM   698  C CA  . LYS A 1 88 ? 0.021   -22.358 -9.840  1.00 74.13  ? 88   LYS A CA  1 
ATOM   699  C C   . LYS A 1 88 ? 1.166   -23.228 -9.294  1.00 77.42  ? 88   LYS A C   1 
ATOM   700  O O   . LYS A 1 88 ? 2.340   -22.888 -9.481  1.00 78.05  ? 88   LYS A O   1 
ATOM   701  C CB  . LYS A 1 88 ? 0.123   -22.319 -11.372 1.00 74.26  ? 88   LYS A CB  1 
ATOM   702  C CG  . LYS A 1 88 ? -1.178  -21.889 -12.046 1.00 76.05  ? 88   LYS A CG  1 
ATOM   703  C CD  . LYS A 1 88 ? -1.321  -22.424 -13.483 1.00 77.25  ? 88   LYS A CD  1 
ATOM   704  C CE  . LYS A 1 88 ? -2.583  -21.857 -14.164 1.00 77.84  ? 88   LYS A CE  1 
ATOM   705  N NZ  . LYS A 1 88 ? -2.409  -20.457 -14.705 1.00 77.79  ? 88   LYS A NZ  1 
ATOM   706  N N   . THR A 1 89 ? 0.812   -24.362 -8.670  1.00 81.58  ? 89   THR A N   1 
ATOM   707  C CA  . THR A 1 89 ? 1.770   -25.306 -8.002  1.00 84.65  ? 89   THR A CA  1 
ATOM   708  C C   . THR A 1 89 ? 3.167   -25.564 -8.654  1.00 86.75  ? 89   THR A C   1 
ATOM   709  O O   . THR A 1 89 ? 3.301   -26.369 -9.598  1.00 87.21  ? 89   THR A O   1 
ATOM   710  C CB  . THR A 1 89 ? 1.088   -26.724 -7.711  1.00 85.09  ? 89   THR A CB  1 
ATOM   711  O OG1 . THR A 1 89 ? -0.345  -26.610 -7.606  1.00 85.81  ? 89   THR A OG1 1 
ATOM   712  C CG2 . THR A 1 89 ? 1.527   -27.302 -6.336  1.00 85.30  ? 89   THR A CG2 1 
ATOM   713  N N   . ASP A 1 90 ? 4.174   -24.841 -8.139  1.00 89.07  ? 90   ASP A N   1 
ATOM   714  C CA  . ASP A 1 90 ? 5.595   -25.249 -8.134  1.00 90.65  ? 90   ASP A CA  1 
ATOM   715  C C   . ASP A 1 90 ? 6.024   -25.302 -6.653  1.00 91.43  ? 90   ASP A C   1 
ATOM   716  O O   . ASP A 1 90 ? 5.211   -24.990 -5.776  1.00 91.73  ? 90   ASP A O   1 
ATOM   717  C CB  . ASP A 1 90 ? 6.456   -24.265 -8.932  1.00 91.08  ? 90   ASP A CB  1 
ATOM   718  C CG  . ASP A 1 90 ? 6.312   -24.458 -10.443 1.00 92.82  ? 90   ASP A CG  1 
ATOM   719  O OD1 . ASP A 1 90 ? 6.709   -25.542 -10.936 1.00 94.23  ? 90   ASP A OD1 1 
ATOM   720  O OD2 . ASP A 1 90 ? 5.806   -23.596 -11.209 1.00 94.19  ? 90   ASP A OD2 1 
ATOM   721  N N   . SER A 1 91 ? 7.267   -25.685 -6.352  1.00 92.21  ? 91   SER A N   1 
ATOM   722  C CA  . SER A 1 91 ? 7.610   -26.075 -4.962  1.00 92.90  ? 91   SER A CA  1 
ATOM   723  C C   . SER A 1 91 ? 7.780   -24.930 -3.941  1.00 93.12  ? 91   SER A C   1 
ATOM   724  O O   . SER A 1 91 ? 7.905   -25.192 -2.741  1.00 93.15  ? 91   SER A O   1 
ATOM   725  C CB  . SER A 1 91 ? 8.849   -26.994 -4.921  1.00 93.08  ? 91   SER A CB  1 
ATOM   726  O OG  . SER A 1 91 ? 9.960   -26.361 -4.278  1.00 93.38  ? 91   SER A OG  1 
ATOM   727  N N   . ASP A 1 92 ? 7.764   -23.682 -4.411  1.00 93.46  ? 92   ASP A N   1 
ATOM   728  C CA  . ASP A 1 92 ? 8.065   -22.517 -3.570  1.00 93.61  ? 92   ASP A CA  1 
ATOM   729  C C   . ASP A 1 92 ? 6.853   -21.964 -2.834  1.00 93.55  ? 92   ASP A C   1 
ATOM   730  O O   . ASP A 1 92 ? 7.013   -21.176 -1.904  1.00 93.49  ? 92   ASP A O   1 
ATOM   731  C CB  . ASP A 1 92 ? 8.659   -21.404 -4.420  1.00 93.74  ? 92   ASP A CB  1 
ATOM   732  C CG  . ASP A 1 92 ? 9.953   -21.804 -5.072  1.00 93.82  ? 92   ASP A CG  1 
ATOM   733  O OD1 . ASP A 1 92 ? 10.040  -22.921 -5.640  1.00 93.62  ? 92   ASP A OD1 1 
ATOM   734  O OD2 . ASP A 1 92 ? 10.941  -21.050 -5.063  1.00 94.58  ? 92   ASP A OD2 1 
ATOM   735  N N   . THR B 1 6  ? -11.073 20.894  7.434   1.00 69.58  ? 6    THR B N   1 
ATOM   736  C CA  . THR B 1 6  ? -12.435 21.040  6.824   1.00 69.87  ? 6    THR B CA  1 
ATOM   737  C C   . THR B 1 6  ? -12.383 21.744  5.460   1.00 68.89  ? 6    THR B C   1 
ATOM   738  O O   . THR B 1 6  ? -12.995 21.272  4.485   1.00 69.39  ? 6    THR B O   1 
ATOM   739  C CB  . THR B 1 6  ? -13.395 21.787  7.810   1.00 70.32  ? 6    THR B CB  1 
ATOM   740  O OG1 . THR B 1 6  ? -14.020 20.829  8.683   1.00 71.52  ? 6    THR B OG1 1 
ATOM   741  C CG2 . THR B 1 6  ? -14.587 22.488  7.087   1.00 70.63  ? 6    THR B CG2 1 
ATOM   742  N N   . ARG B 1 7  ? -11.678 22.872  5.394   1.00 67.03  ? 7    ARG B N   1 
ATOM   743  C CA  . ARG B 1 7  ? -11.521 23.572  4.128   1.00 65.52  ? 7    ARG B CA  1 
ATOM   744  C C   . ARG B 1 7  ? -10.428 22.874  3.329   1.00 62.69  ? 7    ARG B C   1 
ATOM   745  O O   . ARG B 1 7  ? -9.389  22.538  3.886   1.00 62.59  ? 7    ARG B O   1 
ATOM   746  C CB  . ARG B 1 7  ? -11.133 25.024  4.360   1.00 66.26  ? 7    ARG B CB  1 
ATOM   747  C CG  . ARG B 1 7  ? -11.068 25.829  3.075   1.00 69.61  ? 7    ARG B CG  1 
ATOM   748  C CD  . ARG B 1 7  ? -11.048 27.319  3.307   1.00 75.22  ? 7    ARG B CD  1 
ATOM   749  N NE  . ARG B 1 7  ? -11.063 28.047  2.042   1.00 79.93  ? 7    ARG B NE  1 
ATOM   750  C CZ  . ARG B 1 7  ? -10.930 29.368  1.928   1.00 83.29  ? 7    ARG B CZ  1 
ATOM   751  N NH1 . ARG B 1 7  ? -10.764 30.138  3.010   1.00 83.88  ? 7    ARG B NH1 1 
ATOM   752  N NH2 . ARG B 1 7  ? -10.965 29.921  0.716   1.00 84.33  ? 7    ARG B NH2 1 
ATOM   753  N N   . PRO B 1 8  ? -10.629 22.672  2.030   1.00 59.20  ? 8    PRO B N   1 
ATOM   754  C CA  . PRO B 1 8  ? -9.643  21.943  1.237   1.00 56.79  ? 8    PRO B CA  1 
ATOM   755  C C   . PRO B 1 8  ? -8.315  22.625  1.211   1.00 54.05  ? 8    PRO B C   1 
ATOM   756  O O   . PRO B 1 8  ? -8.186  23.806  1.450   1.00 54.58  ? 8    PRO B O   1 
ATOM   757  C CB  . PRO B 1 8  ? -10.249 21.919  -0.156  1.00 56.67  ? 8    PRO B CB  1 
ATOM   758  C CG  . PRO B 1 8  ? -11.650 22.106  0.077   1.00 58.06  ? 8    PRO B CG  1 
ATOM   759  C CD  . PRO B 1 8  ? -11.777 23.076  1.207   1.00 59.01  ? 8    PRO B CD  1 
ATOM   760  N N   . ASN B 1 9  ? -7.324  21.846  0.852   1.00 51.11  ? 9    ASN B N   1 
ATOM   761  C CA  . ASN B 1 9  ? -5.945  22.152  1.135   1.00 48.50  ? 9    ASN B CA  1 
ATOM   762  C C   . ASN B 1 9  ? -5.121  21.048  0.468   1.00 45.47  ? 9    ASN B C   1 
ATOM   763  O O   . ASN B 1 9  ? -5.576  19.904  0.436   1.00 44.37  ? 9    ASN B O   1 
ATOM   764  C CB  . ASN B 1 9  ? -5.832  22.099  2.651   1.00 49.26  ? 9    ASN B CB  1 
ATOM   765  C CG  . ASN B 1 9  ? -4.487  22.341  3.141   1.00 49.42  ? 9    ASN B CG  1 
ATOM   766  O OD1 . ASN B 1 9  ? -3.543  22.534  2.390   1.00 50.86  ? 9    ASN B OD1 1 
ATOM   767  N ND2 . ASN B 1 9  ? -4.368  22.305  4.437   1.00 53.07  ? 9    ASN B ND2 1 
ATOM   768  N N   . HIS B 1 10 ? -3.939  21.364  -0.058  1.00 42.05  ? 10   HIS B N   1 
ATOM   769  C CA  . HIS B 1 10 ? -3.171  20.357  -0.788  1.00 40.46  ? 10   HIS B CA  1 
ATOM   770  C C   . HIS B 1 10 ? -2.370  19.383  0.088   1.00 38.36  ? 10   HIS B C   1 
ATOM   771  O O   . HIS B 1 10 ? -1.724  18.480  -0.419  1.00 36.72  ? 10   HIS B O   1 
ATOM   772  C CB  . HIS B 1 10 ? -2.317  21.006  -1.864  1.00 40.93  ? 10   HIS B CB  1 
ATOM   773  C CG  . HIS B 1 10 ? -1.076  21.679  -1.364  1.00 45.04  ? 10   HIS B CG  1 
ATOM   774  N ND1 . HIS B 1 10 ? 0.027   21.869  -2.165  1.00 48.70  ? 10   HIS B ND1 1 
ATOM   775  C CD2 . HIS B 1 10 ? -0.768  22.226  -0.167  1.00 48.20  ? 10   HIS B CD2 1 
ATOM   776  C CE1 . HIS B 1 10 ? 0.971   22.480  -1.476  1.00 49.56  ? 10   HIS B CE1 1 
ATOM   777  N NE2 . HIS B 1 10 ? 0.518   22.697  -0.256  1.00 49.47  ? 10   HIS B NE2 1 
ATOM   778  N N   . THR B 1 11 ? -2.454  19.560  1.403   1.00 37.01  ? 11   THR B N   1 
ATOM   779  C CA  . THR B 1 11 ? -1.765  18.716  2.353   1.00 36.30  ? 11   THR B CA  1 
ATOM   780  C C   . THR B 1 11 ? -2.761  17.928  3.200   1.00 35.77  ? 11   THR B C   1 
ATOM   781  O O   . THR B 1 11 ? -3.594  18.498  3.916   1.00 34.95  ? 11   THR B O   1 
ATOM   782  C CB  . THR B 1 11 ? -0.921  19.593  3.277   1.00 36.47  ? 11   THR B CB  1 
ATOM   783  O OG1 . THR B 1 11 ? 0.148   20.204  2.532   1.00 36.02  ? 11   THR B OG1 1 
ATOM   784  C CG2 . THR B 1 11 ? -0.272  18.747  4.357   1.00 35.54  ? 11   THR B CG2 1 
ATOM   785  N N   . ILE B 1 12 ? -2.684  16.614  3.122   1.00 35.34  ? 12   ILE B N   1 
ATOM   786  C CA  . ILE B 1 12 ? -3.473  15.803  4.026   1.00 35.86  ? 12   ILE B CA  1 
ATOM   787  C C   . ILE B 1 12 ? -2.632  15.355  5.209   1.00 36.87  ? 12   ILE B C   1 
ATOM   788  O O   . ILE B 1 12 ? -1.437  15.139  5.113   1.00 36.11  ? 12   ILE B O   1 
ATOM   789  C CB  . ILE B 1 12 ? -4.131  14.598  3.309   1.00 35.36  ? 12   ILE B CB  1 
ATOM   790  C CG1 . ILE B 1 12 ? -3.076  13.701  2.671   1.00 34.26  ? 12   ILE B CG1 1 
ATOM   791  C CG2 . ILE B 1 12 ? -5.120  15.095  2.289   1.00 34.82  ? 12   ILE B CG2 1 
ATOM   792  C CD1 . ILE B 1 12 ? -3.566  12.373  2.267   1.00 34.71  ? 12   ILE B CD1 1 
ATOM   793  N N   . TYR B 1 13 ? -3.316  15.208  6.323   1.00 38.71  ? 13   TYR B N   1 
ATOM   794  C CA  . TYR B 1 13 ? -2.766  14.830  7.604   1.00 39.89  ? 13   TYR B CA  1 
ATOM   795  C C   . TYR B 1 13 ? -3.410  13.479  7.956   1.00 40.11  ? 13   TYR B C   1 
ATOM   796  O O   . TYR B 1 13 ? -4.629  13.352  7.991   1.00 40.21  ? 13   TYR B O   1 
ATOM   797  C CB  . TYR B 1 13 ? -3.146  15.954  8.600   1.00 40.34  ? 13   TYR B CB  1 
ATOM   798  C CG  . TYR B 1 13 ? -3.083  15.597  10.058  1.00 43.40  ? 13   TYR B CG  1 
ATOM   799  C CD1 . TYR B 1 13 ? -1.891  15.162  10.621  1.00 48.19  ? 13   TYR B CD1 1 
ATOM   800  C CD2 . TYR B 1 13 ? -4.197  15.714  10.874  1.00 46.40  ? 13   TYR B CD2 1 
ATOM   801  C CE1 . TYR B 1 13 ? -1.798  14.846  11.956  1.00 51.46  ? 13   TYR B CE1 1 
ATOM   802  C CE2 . TYR B 1 13 ? -4.136  15.380  12.206  1.00 50.10  ? 13   TYR B CE2 1 
ATOM   803  C CZ  . TYR B 1 13 ? -2.926  14.949  12.756  1.00 53.21  ? 13   TYR B CZ  1 
ATOM   804  O OH  . TYR B 1 13 ? -2.821  14.608  14.090  1.00 55.47  ? 13   TYR B OH  1 
ATOM   805  N N   . ILE B 1 14 ? -2.588  12.467  8.178   1.00 40.66  ? 14   ILE B N   1 
ATOM   806  C CA  . ILE B 1 14 ? -3.036  11.142  8.541   1.00 40.91  ? 14   ILE B CA  1 
ATOM   807  C C   . ILE B 1 14 ? -2.599  10.860  9.964   1.00 42.41  ? 14   ILE B C   1 
ATOM   808  O O   . ILE B 1 14 ? -1.446  11.034  10.298  1.00 42.03  ? 14   ILE B O   1 
ATOM   809  C CB  . ILE B 1 14 ? -2.401  10.094  7.609   1.00 40.50  ? 14   ILE B CB  1 
ATOM   810  C CG1 . ILE B 1 14 ? -2.756  10.369  6.148   1.00 41.37  ? 14   ILE B CG1 1 
ATOM   811  C CG2 . ILE B 1 14 ? -2.897  8.723   7.945   1.00 40.69  ? 14   ILE B CG2 1 
ATOM   812  C CD1 . ILE B 1 14 ? -1.640  10.104  5.201   1.00 41.81  ? 14   ILE B CD1 1 
ATOM   813  N N   . ASN B 1 15 ? -3.519  10.421  10.809  1.00 44.28  ? 15   ASN B N   1 
ATOM   814  C CA  . ASN B 1 15 ? -3.149  9.828   12.086  1.00 46.16  ? 15   ASN B CA  1 
ATOM   815  C C   . ASN B 1 15 ? -3.760  8.418   12.272  1.00 46.97  ? 15   ASN B C   1 
ATOM   816  O O   . ASN B 1 15 ? -4.494  7.869   11.407  1.00 47.66  ? 15   ASN B O   1 
ATOM   817  C CB  . ASN B 1 15 ? -3.482  10.788  13.243  1.00 46.67  ? 15   ASN B CB  1 
ATOM   818  C CG  . ASN B 1 15 ? -4.970  10.974  13.450  1.00 49.07  ? 15   ASN B CG  1 
ATOM   819  O OD1 . ASN B 1 15 ? -5.777  10.151  13.009  1.00 51.53  ? 15   ASN B OD1 1 
ATOM   820  N ND2 . ASN B 1 15 ? -5.352  12.070  14.132  1.00 51.14  ? 15   ASN B ND2 1 
ATOM   821  N N   . ASN B 1 16 ? -3.451  7.818   13.399  1.00 47.47  ? 16   ASN B N   1 
ATOM   822  C CA  . ASN B 1 16 ? -3.853  6.437   13.651  1.00 48.13  ? 16   ASN B CA  1 
ATOM   823  C C   . ASN B 1 16 ? -2.937  5.554   12.838  1.00 47.77  ? 16   ASN B C   1 
ATOM   824  O O   . ASN B 1 16 ? -3.339  4.506   12.371  1.00 47.57  ? 16   ASN B O   1 
ATOM   825  C CB  . ASN B 1 16 ? -5.336  6.155   13.328  1.00 47.96  ? 16   ASN B CB  1 
ATOM   826  C CG  . ASN B 1 16 ? -5.833  4.813   13.933  1.00 50.77  ? 16   ASN B CG  1 
ATOM   827  O OD1 . ASN B 1 16 ? -5.415  4.401   15.029  1.00 52.41  ? 16   ASN B OD1 1 
ATOM   828  N ND2 . ASN B 1 16 ? -6.707  4.120   13.197  1.00 52.38  ? 16   ASN B ND2 1 
ATOM   829  N N   . LEU B 1 17 ? -1.693  5.988   12.668  1.00 48.25  ? 17   LEU B N   1 
ATOM   830  C CA  . LEU B 1 17 ? -0.715  5.165   11.972  1.00 48.86  ? 17   LEU B CA  1 
ATOM   831  C C   . LEU B 1 17 ? -0.096  4.200   12.951  1.00 49.96  ? 17   LEU B C   1 
ATOM   832  O O   . LEU B 1 17 ? 0.002   4.493   14.133  1.00 50.28  ? 17   LEU B O   1 
ATOM   833  C CB  . LEU B 1 17 ? 0.364   5.996   11.296  1.00 48.21  ? 17   LEU B CB  1 
ATOM   834  C CG  . LEU B 1 17 ? -0.107  6.846   10.123  1.00 47.41  ? 17   LEU B CG  1 
ATOM   835  C CD1 . LEU B 1 17 ? 1.036   7.714   9.606   1.00 46.34  ? 17   LEU B CD1 1 
ATOM   836  C CD2 . LEU B 1 17 ? -0.682  5.974   9.010   1.00 46.59  ? 17   LEU B CD2 1 
ATOM   837  N N   . ASN B 1 18 ? 0.288   3.043   12.431  1.00 51.92  ? 18   ASN B N   1 
ATOM   838  C CA  . ASN B 1 18 ? 0.923   1.984   13.186  1.00 53.79  ? 18   ASN B CA  1 
ATOM   839  C C   . ASN B 1 18 ? 2.244   2.468   13.780  1.00 55.22  ? 18   ASN B C   1 
ATOM   840  O O   . ASN B 1 18 ? 3.180   2.775   13.044  1.00 54.44  ? 18   ASN B O   1 
ATOM   841  C CB  . ASN B 1 18 ? 1.171   0.774   12.271  1.00 53.81  ? 18   ASN B CB  1 
ATOM   842  C CG  . ASN B 1 18 ? 1.458   -0.520  13.059  1.00 55.11  ? 18   ASN B CG  1 
ATOM   843  O OD1 . ASN B 1 18 ? 2.243   -0.528  14.028  1.00 54.81  ? 18   ASN B OD1 1 
ATOM   844  N ND2 . ASN B 1 18 ? 0.812   -1.620  12.639  1.00 53.43  ? 18   ASN B ND2 1 
ATOM   845  N N   . GLU B 1 19 ? 2.297   2.514   15.111  1.00 57.37  ? 19   GLU B N   1 
ATOM   846  C CA  . GLU B 1 19 ? 3.472   2.990   15.869  1.00 59.37  ? 19   GLU B CA  1 
ATOM   847  C C   . GLU B 1 19 ? 4.761   2.167   15.603  1.00 59.52  ? 19   GLU B C   1 
ATOM   848  O O   . GLU B 1 19 ? 5.854   2.721   15.517  1.00 59.52  ? 19   GLU B O   1 
ATOM   849  C CB  . GLU B 1 19 ? 3.191   2.948   17.395  1.00 60.45  ? 19   GLU B CB  1 
ATOM   850  C CG  . GLU B 1 19 ? 1.813   3.446   17.878  1.00 63.33  ? 19   GLU B CG  1 
ATOM   851  C CD  . GLU B 1 19 ? 1.723   4.967   17.928  1.00 67.54  ? 19   GLU B CD  1 
ATOM   852  O OE1 . GLU B 1 19 ? 2.451   5.617   17.129  1.00 69.10  ? 19   GLU B OE1 1 
ATOM   853  O OE2 . GLU B 1 19 ? 0.934   5.504   18.760  1.00 69.24  ? 19   GLU B OE2 1 
ATOM   854  N N   . LYS B 1 20 ? 4.619   0.849   15.471  1.00 59.83  ? 20   LYS B N   1 
ATOM   855  C CA  . LYS B 1 20 ? 5.775   -0.048  15.413  1.00 59.99  ? 20   LYS B CA  1 
ATOM   856  C C   . LYS B 1 20 ? 6.576   0.002   14.127  1.00 59.12  ? 20   LYS B C   1 
ATOM   857  O O   . LYS B 1 20 ? 7.610   -0.659  14.049  1.00 59.39  ? 20   LYS B O   1 
ATOM   858  C CB  . LYS B 1 20 ? 5.331   -1.504  15.619  1.00 60.63  ? 20   LYS B CB  1 
ATOM   859  C CG  . LYS B 1 20 ? 4.949   -1.862  17.061  1.00 63.25  ? 20   LYS B CG  1 
ATOM   860  C CD  . LYS B 1 20 ? 3.419   -1.772  17.297  1.00 66.13  ? 20   LYS B CD  1 
ATOM   861  C CE  . LYS B 1 20 ? 2.840   -3.065  17.904  1.00 67.58  ? 20   LYS B CE  1 
ATOM   862  N NZ  . LYS B 1 20 ? 1.979   -2.790  19.103  1.00 68.06  ? 20   LYS B NZ  1 
ATOM   863  N N   . ILE B 1 21 ? 6.117   0.741   13.117  1.00 57.73  ? 21   ILE B N   1 
ATOM   864  C CA  . ILE B 1 21 ? 6.745   0.682   11.805  1.00 56.73  ? 21   ILE B CA  1 
ATOM   865  C C   . ILE B 1 21 ? 7.820   1.753   11.716  1.00 56.83  ? 21   ILE B C   1 
ATOM   866  O O   . ILE B 1 21 ? 7.621   2.889   12.132  1.00 57.03  ? 21   ILE B O   1 
ATOM   867  C CB  . ILE B 1 21 ? 5.676   0.826   10.692  1.00 56.37  ? 21   ILE B CB  1 
ATOM   868  C CG1 . ILE B 1 21 ? 4.615   -0.253  10.843  1.00 56.15  ? 21   ILE B CG1 1 
ATOM   869  C CG2 . ILE B 1 21 ? 6.290   0.738   9.279   1.00 55.62  ? 21   ILE B CG2 1 
ATOM   870  C CD1 . ILE B 1 21 ? 5.152   -1.659  10.667  1.00 55.98  ? 21   ILE B CD1 1 
ATOM   871  N N   . LYS B 1 22 ? 8.977   1.387   11.186  1.00 56.88  ? 22   LYS B N   1 
ATOM   872  C CA  . LYS B 1 22 ? 10.058  2.341   11.042  1.00 57.38  ? 22   LYS B CA  1 
ATOM   873  C C   . LYS B 1 22 ? 9.642   3.486   10.111  1.00 56.53  ? 22   LYS B C   1 
ATOM   874  O O   . LYS B 1 22 ? 9.158   3.251   9.018   1.00 56.24  ? 22   LYS B O   1 
ATOM   875  C CB  . LYS B 1 22 ? 11.316  1.653   10.511  1.00 57.99  ? 22   LYS B CB  1 
ATOM   876  C CG  . LYS B 1 22 ? 12.150  0.997   11.612  1.00 61.54  ? 22   LYS B CG  1 
ATOM   877  C CD  . LYS B 1 22 ? 13.290  0.126   11.028  1.00 66.13  ? 22   LYS B CD  1 
ATOM   878  C CE  . LYS B 1 22 ? 13.520  -1.172  11.842  1.00 68.89  ? 22   LYS B CE  1 
ATOM   879  N NZ  . LYS B 1 22 ? 14.542  -2.088  11.202  1.00 69.92  ? 22   LYS B NZ  1 
ATOM   880  N N   . LYS B 1 23 ? 9.865   4.715   10.563  1.00 55.30  ? 23   LYS B N   1 
ATOM   881  C CA  . LYS B 1 23 ? 9.528   5.936   9.833   1.00 54.47  ? 23   LYS B CA  1 
ATOM   882  C C   . LYS B 1 23 ? 9.806   5.924   8.350   1.00 53.04  ? 23   LYS B C   1 
ATOM   883  O O   . LYS B 1 23 ? 9.014   6.438   7.571   1.00 52.62  ? 23   LYS B O   1 
ATOM   884  C CB  . LYS B 1 23 ? 10.274  7.131   10.443  1.00 54.83  ? 23   LYS B CB  1 
ATOM   885  C CG  . LYS B 1 23 ? 9.452   7.968   11.421  1.00 56.50  ? 23   LYS B CG  1 
ATOM   886  C CD  . LYS B 1 23 ? 8.789   7.121   12.503  1.00 58.93  ? 23   LYS B CD  1 
ATOM   887  C CE  . LYS B 1 23 ? 7.580   7.819   13.117  1.00 60.97  ? 23   LYS B CE  1 
ATOM   888  N NZ  . LYS B 1 23 ? 6.304   7.452   12.422  1.00 61.51  ? 23   LYS B NZ  1 
ATOM   889  N N   . ASP B 1 24 ? 10.941  5.368   7.975   1.00 51.88  ? 24   ASP B N   1 
ATOM   890  C CA  . ASP B 1 24 ? 11.409  5.372   6.581   1.00 51.55  ? 24   ASP B CA  1 
ATOM   891  C C   . ASP B 1 24 ? 10.630  4.367   5.722   1.00 49.51  ? 24   ASP B C   1 
ATOM   892  O O   . ASP B 1 24 ? 10.356  4.625   4.551   1.00 49.08  ? 24   ASP B O   1 
ATOM   893  C CB  . ASP B 1 24 ? 12.903  5.030   6.570   1.00 52.30  ? 24   ASP B CB  1 
ATOM   894  C CG  . ASP B 1 24 ? 13.491  4.914   5.180   1.00 56.70  ? 24   ASP B CG  1 
ATOM   895  O OD1 . ASP B 1 24 ? 13.196  5.778   4.305   1.00 61.97  ? 24   ASP B OD1 1 
ATOM   896  O OD2 . ASP B 1 24 ? 14.293  3.978   4.889   1.00 62.10  ? 24   ASP B OD2 1 
ATOM   897  N N   . GLU B 1 25 ? 10.319  3.207   6.309   1.00 47.28  ? 25   GLU B N   1 
ATOM   898  C CA  . GLU B 1 25 ? 9.372   2.267   5.732   1.00 45.58  ? 25   GLU B CA  1 
ATOM   899  C C   . GLU B 1 25 ? 7.987   2.922   5.571   1.00 43.90  ? 25   GLU B C   1 
ATOM   900  O O   . GLU B 1 25 ? 7.345   2.810   4.545   1.00 42.95  ? 25   GLU B O   1 
ATOM   901  C CB  . GLU B 1 25 ? 9.241   1.030   6.617   1.00 45.49  ? 25   GLU B CB  1 
ATOM   902  C CG  . GLU B 1 25 ? 8.559   -0.139  5.920   1.00 45.97  ? 25   GLU B CG  1 
ATOM   903  C CD  . GLU B 1 25 ? 8.331   -1.330  6.819   1.00 45.38  ? 25   GLU B CD  1 
ATOM   904  O OE1 . GLU B 1 25 ? 7.214   -1.896  6.777   1.00 45.97  ? 25   GLU B OE1 1 
ATOM   905  O OE2 . GLU B 1 25 ? 9.273   -1.722  7.541   1.00 44.73  ? 25   GLU B OE2 1 
ATOM   906  N N   . LEU B 1 26 ? 7.556   3.616   6.604   1.00 42.75  ? 26   LEU B N   1 
ATOM   907  C CA  . LEU B 1 26 ? 6.241   4.208   6.651   1.00 42.74  ? 26   LEU B CA  1 
ATOM   908  C C   . LEU B 1 26 ? 6.067   5.223   5.514   1.00 42.18  ? 26   LEU B C   1 
ATOM   909  O O   . LEU B 1 26 ? 5.020   5.231   4.843   1.00 41.94  ? 26   LEU B O   1 
ATOM   910  C CB  . LEU B 1 26 ? 6.035   4.868   7.983   1.00 42.34  ? 26   LEU B CB  1 
ATOM   911  C CG  . LEU B 1 26 ? 4.601   5.236   8.291   1.00 45.27  ? 26   LEU B CG  1 
ATOM   912  C CD1 . LEU B 1 26 ? 3.761   4.017   8.609   1.00 46.82  ? 26   LEU B CD1 1 
ATOM   913  C CD2 . LEU B 1 26 ? 4.623   6.180   9.472   1.00 47.04  ? 26   LEU B CD2 1 
ATOM   914  N N   . LYS B 1 27 ? 7.122   6.009   5.274   1.00 40.53  ? 27   LYS B N   1 
ATOM   915  C CA  . LYS B 1 27 ? 7.151   7.036   4.244   1.00 39.95  ? 27   LYS B CA  1 
ATOM   916  C C   . LYS B 1 27 ? 7.025   6.417   2.855   1.00 38.14  ? 27   LYS B C   1 
ATOM   917  O O   . LYS B 1 27 ? 6.327   6.920   1.998   1.00 37.13  ? 27   LYS B O   1 
ATOM   918  C CB  . LYS B 1 27 ? 8.446   7.870   4.390   1.00 40.68  ? 27   LYS B CB  1 
ATOM   919  C CG  . LYS B 1 27 ? 8.761   8.892   3.262   1.00 43.68  ? 27   LYS B CG  1 
ATOM   920  C CD  . LYS B 1 27 ? 9.953   9.817   3.680   1.00 47.90  ? 27   LYS B CD  1 
ATOM   921  C CE  . LYS B 1 27 ? 10.224  10.978  2.702   1.00 50.04  ? 27   LYS B CE  1 
ATOM   922  N NZ  . LYS B 1 27 ? 10.386  12.325  3.424   1.00 52.22  ? 27   LYS B NZ  1 
ATOM   923  N N   . LYS B 1 28 ? 7.690   5.304   2.641   1.00 37.20  ? 28   LYS B N   1 
ATOM   924  C CA  . LYS B 1 28 ? 7.695   4.660   1.336   1.00 36.58  ? 28   LYS B CA  1 
ATOM   925  C C   . LYS B 1 28 ? 6.393   3.918   1.052   1.00 34.83  ? 28   LYS B C   1 
ATOM   926  O O   . LYS B 1 28 ? 5.916   3.926   -0.064  1.00 34.64  ? 28   LYS B O   1 
ATOM   927  C CB  . LYS B 1 28 ? 8.905   3.716   1.204   1.00 37.08  ? 28   LYS B CB  1 
ATOM   928  C CG  . LYS B 1 28 ? 10.190  4.434   0.755   1.00 41.17  ? 28   LYS B CG  1 
ATOM   929  C CD  . LYS B 1 28 ? 11.438  3.636   1.128   1.00 47.78  ? 28   LYS B CD  1 
ATOM   930  C CE  . LYS B 1 28 ? 12.775  4.340   0.711   1.00 50.84  ? 28   LYS B CE  1 
ATOM   931  N NZ  . LYS B 1 28 ? 13.649  3.470   -0.221  1.00 51.06  ? 28   LYS B NZ  1 
ATOM   932  N N   . SER B 1 29 ? 5.853   3.259   2.068   1.00 33.69  ? 29   SER B N   1 
ATOM   933  C CA  . SER B 1 29 ? 4.589   2.547   1.974   1.00 32.95  ? 29   SER B CA  1 
ATOM   934  C C   . SER B 1 29 ? 3.437   3.537   1.749   1.00 31.83  ? 29   SER B C   1 
ATOM   935  O O   . SER B 1 29 ? 2.498   3.225   1.057   1.00 30.43  ? 29   SER B O   1 
ATOM   936  C CB  . SER B 1 29 ? 4.337   1.754   3.245   1.00 32.53  ? 29   SER B CB  1 
ATOM   937  O OG  . SER B 1 29 ? 5.152   0.612   3.247   1.00 33.86  ? 29   SER B OG  1 
ATOM   938  N N   . LEU B 1 30 ? 3.562   4.732   2.315   1.00 31.60  ? 30   LEU B N   1 
ATOM   939  C CA  . LEU B 1 30 ? 2.583   5.798   2.120   1.00 31.53  ? 30   LEU B CA  1 
ATOM   940  C C   . LEU B 1 30 ? 2.623   6.283   0.684   1.00 31.71  ? 30   LEU B C   1 
ATOM   941  O O   . LEU B 1 30 ? 1.597   6.523   0.086   1.00 31.64  ? 30   LEU B O   1 
ATOM   942  C CB  . LEU B 1 30 ? 2.822   6.960   3.079   1.00 30.94  ? 30   LEU B CB  1 
ATOM   943  C CG  . LEU B 1 30 ? 2.345   6.722   4.500   1.00 29.84  ? 30   LEU B CG  1 
ATOM   944  C CD1 . LEU B 1 30 ? 2.873   7.800   5.402   1.00 31.78  ? 30   LEU B CD1 1 
ATOM   945  C CD2 . LEU B 1 30 ? 0.834   6.669   4.643   1.00 29.46  ? 30   LEU B CD2 1 
ATOM   946  N N   . TYR B 1 31 ? 3.814   6.359   0.121   1.00 31.81  ? 31   TYR B N   1 
ATOM   947  C CA  . TYR B 1 31 ? 3.995   6.735   -1.271  1.00 31.83  ? 31   TYR B CA  1 
ATOM   948  C C   . TYR B 1 31 ? 3.369   5.660   -2.216  1.00 31.30  ? 31   TYR B C   1 
ATOM   949  O O   . TYR B 1 31 ? 2.751   5.971   -3.277  1.00 30.82  ? 31   TYR B O   1 
ATOM   950  C CB  . TYR B 1 31 ? 5.526   6.921   -1.553  1.00 32.81  ? 31   TYR B CB  1 
ATOM   951  C CG  . TYR B 1 31 ? 5.768   7.558   -2.864  1.00 33.94  ? 31   TYR B CG  1 
ATOM   952  C CD1 . TYR B 1 31 ? 5.784   8.961   -2.997  1.00 36.90  ? 31   TYR B CD1 1 
ATOM   953  C CD2 . TYR B 1 31 ? 5.853   6.770   -4.017  1.00 37.05  ? 31   TYR B CD2 1 
ATOM   954  C CE1 . TYR B 1 31 ? 5.905   9.550   -4.261  1.00 38.67  ? 31   TYR B CE1 1 
ATOM   955  C CE2 . TYR B 1 31 ? 5.988   7.339   -5.281  1.00 38.07  ? 31   TYR B CE2 1 
ATOM   956  C CZ  . TYR B 1 31 ? 6.022   8.723   -5.398  1.00 40.02  ? 31   TYR B CZ  1 
ATOM   957  O OH  . TYR B 1 31 ? 6.175   9.248   -6.658  1.00 44.67  ? 31   TYR B OH  1 
ATOM   958  N N   . ALA B 1 32 ? 3.540   4.397   -1.842  1.00 30.02  ? 32   ALA B N   1 
ATOM   959  C CA  . ALA B 1 32 ? 2.992   3.296   -2.621  1.00 29.61  ? 32   ALA B CA  1 
ATOM   960  C C   . ALA B 1 32 ? 1.502   3.472   -2.846  1.00 29.46  ? 32   ALA B C   1 
ATOM   961  O O   . ALA B 1 32 ? 1.043   3.294   -3.969  1.00 28.61  ? 32   ALA B O   1 
ATOM   962  C CB  . ALA B 1 32 ? 3.243   1.967   -1.941  1.00 29.36  ? 32   ALA B CB  1 
ATOM   963  N N   . ILE B 1 33 ? 0.762   3.825   -1.782  1.00 29.48  ? 33   ILE B N   1 
ATOM   964  C CA  . ILE B 1 33 ? -0.694  3.918   -1.878  1.00 30.10  ? 33   ILE B CA  1 
ATOM   965  C C   . ILE B 1 33 ? -1.279  5.266   -2.312  1.00 29.44  ? 33   ILE B C   1 
ATOM   966  O O   . ILE B 1 33 ? -2.399  5.286   -2.808  1.00 30.60  ? 33   ILE B O   1 
ATOM   967  C CB  . ILE B 1 33 ? -1.410  3.445   -0.570  1.00 30.26  ? 33   ILE B CB  1 
ATOM   968  C CG1 . ILE B 1 33 ? -1.056  4.337   0.611   1.00 31.65  ? 33   ILE B CG1 1 
ATOM   969  C CG2 . ILE B 1 33 ? -1.096  1.983   -0.307  1.00 31.74  ? 33   ILE B CG2 1 
ATOM   970  C CD1 . ILE B 1 33 ? -1.895  4.081   1.855   1.00 33.01  ? 33   ILE B CD1 1 
ATOM   971  N N   . PHE B 1 34 ? -0.563  6.363   -2.091  1.00 28.82  ? 34   PHE B N   1 
ATOM   972  C CA  . PHE B 1 34 ? -1.044  7.711   -2.365  1.00 28.22  ? 34   PHE B CA  1 
ATOM   973  C C   . PHE B 1 34 ? -0.572  8.312   -3.687  1.00 28.89  ? 34   PHE B C   1 
ATOM   974  O O   . PHE B 1 34 ? -1.181  9.261   -4.169  1.00 29.36  ? 34   PHE B O   1 
ATOM   975  C CB  . PHE B 1 34 ? -0.657  8.626   -1.235  1.00 28.12  ? 34   PHE B CB  1 
ATOM   976  C CG  . PHE B 1 34 ? -1.564  8.509   -0.050  1.00 28.17  ? 34   PHE B CG  1 
ATOM   977  C CD1 . PHE B 1 34 ? -1.124  7.957   1.125   1.00 28.40  ? 34   PHE B CD1 1 
ATOM   978  C CD2 . PHE B 1 34 ? -2.876  8.951   -0.122  1.00 28.17  ? 34   PHE B CD2 1 
ATOM   979  C CE1 . PHE B 1 34 ? -1.959  7.860   2.223   1.00 28.51  ? 34   PHE B CE1 1 
ATOM   980  C CE2 . PHE B 1 34 ? -3.717  8.834   0.957   1.00 29.18  ? 34   PHE B CE2 1 
ATOM   981  C CZ  . PHE B 1 34 ? -3.245  8.299   2.149   1.00 28.43  ? 34   PHE B CZ  1 
ATOM   982  N N   . SER B 1 35 ? 0.468   7.746   -4.302  1.00 29.29  ? 35   SER B N   1 
ATOM   983  C CA  . SER B 1 35 ? 1.015   8.301   -5.532  1.00 29.91  ? 35   SER B CA  1 
ATOM   984  C C   . SER B 1 35 ? 0.032   8.222   -6.663  1.00 30.28  ? 35   SER B C   1 
ATOM   985  O O   . SER B 1 35 ? 0.188   8.950   -7.655  1.00 30.61  ? 35   SER B O   1 
ATOM   986  C CB  . SER B 1 35 ? 2.308   7.591   -5.967  1.00 30.07  ? 35   SER B CB  1 
ATOM   987  O OG  . SER B 1 35 ? 2.174   6.187   -5.951  1.00 33.63  ? 35   SER B OG  1 
ATOM   988  N N   . GLN B 1 36 ? -0.982  7.357   -6.531  1.00 30.22  ? 36   GLN B N   1 
ATOM   989  C CA  . GLN B 1 36 ? -1.991  7.145   -7.592  1.00 29.95  ? 36   GLN B CA  1 
ATOM   990  C C   . GLN B 1 36 ? -2.877  8.386   -7.779  1.00 30.09  ? 36   GLN B C   1 
ATOM   991  O O   . GLN B 1 36 ? -3.504  8.532   -8.799  1.00 30.51  ? 36   GLN B O   1 
ATOM   992  C CB  . GLN B 1 36 ? -2.902  5.937   -7.277  1.00 29.61  ? 36   GLN B CB  1 
ATOM   993  C CG  . GLN B 1 36 ? -3.544  6.019   -5.914  1.00 28.87  ? 36   GLN B CG  1 
ATOM   994  C CD  . GLN B 1 36 ? -4.667  5.009   -5.657  1.00 29.15  ? 36   GLN B CD  1 
ATOM   995  O OE1 . GLN B 1 36 ? -5.543  4.849   -6.459  1.00 30.01  ? 36   GLN B OE1 1 
ATOM   996  N NE2 . GLN B 1 36 ? -4.663  4.407   -4.488  1.00 26.07  ? 36   GLN B NE2 1 
ATOM   997  N N   . PHE B 1 37 ? -2.948  9.241   -6.767  1.00 30.29  ? 37   PHE B N   1 
ATOM   998  C CA  . PHE B 1 37 ? -3.796  10.418  -6.790  1.00 31.20  ? 37   PHE B CA  1 
ATOM   999  C C   . PHE B 1 37 ? -3.130  11.639  -7.404  1.00 31.16  ? 37   PHE B C   1 
ATOM   1000 O O   . PHE B 1 37 ? -3.821  12.605  -7.708  1.00 30.82  ? 37   PHE B O   1 
ATOM   1001 C CB  . PHE B 1 37 ? -4.323  10.750  -5.384  1.00 30.45  ? 37   PHE B CB  1 
ATOM   1002 C CG  . PHE B 1 37 ? -5.078  9.621   -4.780  1.00 31.84  ? 37   PHE B CG  1 
ATOM   1003 C CD1 . PHE B 1 37 ? -4.501  8.836   -3.796  1.00 30.50  ? 37   PHE B CD1 1 
ATOM   1004 C CD2 . PHE B 1 37 ? -6.319  9.261   -5.281  1.00 32.84  ? 37   PHE B CD2 1 
ATOM   1005 C CE1 . PHE B 1 37 ? -5.150  7.772   -3.295  1.00 30.80  ? 37   PHE B CE1 1 
ATOM   1006 C CE2 . PHE B 1 37 ? -6.989  8.179   -4.755  1.00 32.77  ? 37   PHE B CE2 1 
ATOM   1007 C CZ  . PHE B 1 37 ? -6.396  7.437   -3.752  1.00 32.56  ? 37   PHE B CZ  1 
ATOM   1008 N N   . GLY B 1 38 ? -1.816  11.589  -7.581  1.00 32.41  ? 38   GLY B N   1 
ATOM   1009 C CA  . GLY B 1 38 ? -1.088  12.664  -8.257  1.00 33.47  ? 38   GLY B CA  1 
ATOM   1010 C C   . GLY B 1 38 ? 0.311   12.916  -7.738  1.00 34.36  ? 38   GLY B C   1 
ATOM   1011 O O   . GLY B 1 38 ? 0.829   12.130  -6.974  1.00 35.02  ? 38   GLY B O   1 
ATOM   1012 N N   . GLN B 1 39 ? 0.914   14.031  -8.152  1.00 36.15  ? 39   GLN B N   1 
ATOM   1013 C CA  . GLN B 1 39 ? 2.287   14.350  -7.789  1.00 37.08  ? 39   GLN B CA  1 
ATOM   1014 C C   . GLN B 1 39 ? 2.377   14.626  -6.319  1.00 36.17  ? 39   GLN B C   1 
ATOM   1015 O O   . GLN B 1 39 ? 1.631   15.424  -5.783  1.00 35.23  ? 39   GLN B O   1 
ATOM   1016 C CB  . GLN B 1 39 ? 2.813   15.567  -8.555  1.00 38.71  ? 39   GLN B CB  1 
ATOM   1017 C CG  . GLN B 1 39 ? 4.350   15.780  -8.390  1.00 43.34  ? 39   GLN B CG  1 
ATOM   1018 C CD  . GLN B 1 39 ? 4.925   16.879  -9.311  1.00 50.87  ? 39   GLN B CD  1 
ATOM   1019 O OE1 . GLN B 1 39 ? 4.437   17.105  -10.443 1.00 55.33  ? 39   GLN B OE1 1 
ATOM   1020 N NE2 . GLN B 1 39 ? 5.969   17.555  -8.827  1.00 53.64  ? 39   GLN B NE2 1 
ATOM   1021 N N   . ILE B 1 40 ? 3.289   13.928  -5.671  1.00 36.43  ? 40   ILE B N   1 
ATOM   1022 C CA  . ILE B 1 40 ? 3.589   14.182  -4.275  1.00 36.97  ? 40   ILE B CA  1 
ATOM   1023 C C   . ILE B 1 40 ? 4.894   14.991  -4.202  1.00 37.13  ? 40   ILE B C   1 
ATOM   1024 O O   . ILE B 1 40 ? 5.905   14.603  -4.803  1.00 36.89  ? 40   ILE B O   1 
ATOM   1025 C CB  . ILE B 1 40 ? 3.683   12.873  -3.468  1.00 36.51  ? 40   ILE B CB  1 
ATOM   1026 C CG1 . ILE B 1 40 ? 2.340   12.125  -3.520  1.00 37.07  ? 40   ILE B CG1 1 
ATOM   1027 C CG2 . ILE B 1 40 ? 4.019   13.212  -2.047  1.00 36.52  ? 40   ILE B CG2 1 
ATOM   1028 C CD1 . ILE B 1 40 ? 2.264   10.782  -2.764  1.00 35.57  ? 40   ILE B CD1 1 
ATOM   1029 N N   . LEU B 1 41 ? 4.817   16.121  -3.497  1.00 37.59  ? 41   LEU B N   1 
ATOM   1030 C CA  . LEU B 1 41 ? 5.952   17.009  -3.234  1.00 38.20  ? 41   LEU B CA  1 
ATOM   1031 C C   . LEU B 1 41 ? 6.845   16.410  -2.165  1.00 38.54  ? 41   LEU B C   1 
ATOM   1032 O O   . LEU B 1 41 ? 8.035   16.284  -2.354  1.00 39.78  ? 41   LEU B O   1 
ATOM   1033 C CB  . LEU B 1 41 ? 5.465   18.400  -2.791  1.00 38.06  ? 41   LEU B CB  1 
ATOM   1034 C CG  . LEU B 1 41 ? 4.690   19.236  -3.821  1.00 39.03  ? 41   LEU B CG  1 
ATOM   1035 C CD1 . LEU B 1 41 ? 4.299   20.577  -3.252  1.00 39.84  ? 41   LEU B CD1 1 
ATOM   1036 C CD2 . LEU B 1 41 ? 5.472   19.447  -5.090  1.00 38.87  ? 41   LEU B CD2 1 
ATOM   1037 N N   . ASP B 1 42 ? 6.272   16.030  -1.041  1.00 38.35  ? 42   ASP B N   1 
ATOM   1038 C CA  . ASP B 1 42 ? 7.016   15.278  -0.050  1.00 38.52  ? 42   ASP B CA  1 
ATOM   1039 C C   . ASP B 1 42 ? 6.059   14.587  0.899   1.00 37.86  ? 42   ASP B C   1 
ATOM   1040 O O   . ASP B 1 42 ? 4.897   14.943  0.963   1.00 36.50  ? 42   ASP B O   1 
ATOM   1041 C CB  . ASP B 1 42 ? 7.966   16.211  0.743   1.00 39.00  ? 42   ASP B CB  1 
ATOM   1042 C CG  . ASP B 1 42 ? 9.195   15.467  1.342   1.00 39.30  ? 42   ASP B CG  1 
ATOM   1043 O OD1 . ASP B 1 42 ? 9.354   14.242  1.124   1.00 39.92  ? 42   ASP B OD1 1 
ATOM   1044 O OD2 . ASP B 1 42 ? 10.056  16.047  2.034   1.00 39.33  ? 42   ASP B OD2 1 
ATOM   1045 N N   . ILE B 1 43 ? 6.570   13.595  1.616   1.00 38.70  ? 43   ILE B N   1 
ATOM   1046 C CA  . ILE B 1 43 ? 5.834   12.964  2.708   1.00 40.77  ? 43   ILE B CA  1 
ATOM   1047 C C   . ILE B 1 43 ? 6.620   13.171  3.979   1.00 42.89  ? 43   ILE B C   1 
ATOM   1048 O O   . ILE B 1 43 ? 7.770   12.754  4.094   1.00 43.65  ? 43   ILE B O   1 
ATOM   1049 C CB  . ILE B 1 43 ? 5.575   11.426  2.463   1.00 40.00  ? 43   ILE B CB  1 
ATOM   1050 C CG1 . ILE B 1 43 ? 4.628   11.235  1.284   1.00 39.69  ? 43   ILE B CG1 1 
ATOM   1051 C CG2 . ILE B 1 43 ? 4.996   10.780  3.701   1.00 38.85  ? 43   ILE B CG2 1 
ATOM   1052 C CD1 . ILE B 1 43 ? 4.671   9.901   0.679   1.00 40.34  ? 43   ILE B CD1 1 
ATOM   1053 N N   . LEU B 1 44 ? 5.976   13.799  4.930   1.00 45.66  ? 44   LEU B N   1 
ATOM   1054 C CA  . LEU B 1 44 ? 6.587   14.125  6.165   1.00 48.91  ? 44   LEU B CA  1 
ATOM   1055 C C   . LEU B 1 44 ? 6.070   13.243  7.282   1.00 51.66  ? 44   LEU B C   1 
ATOM   1056 O O   . LEU B 1 44 ? 5.029   13.491  7.886   1.00 51.43  ? 44   LEU B O   1 
ATOM   1057 C CB  . LEU B 1 44 ? 6.295   15.574  6.468   1.00 49.23  ? 44   LEU B CB  1 
ATOM   1058 C CG  . LEU B 1 44 ? 7.142   16.176  7.554   1.00 51.36  ? 44   LEU B CG  1 
ATOM   1059 C CD1 . LEU B 1 44 ? 8.555   16.345  7.074   1.00 53.50  ? 44   LEU B CD1 1 
ATOM   1060 C CD2 . LEU B 1 44 ? 6.545   17.506  7.892   1.00 53.93  ? 44   LEU B CD2 1 
ATOM   1061 N N   . VAL B 1 45 ? 6.809   12.189  7.539   1.00 55.66  ? 45   VAL B N   1 
ATOM   1062 C CA  . VAL B 1 45 ? 6.718   11.512  8.815   1.00 59.59  ? 45   VAL B CA  1 
ATOM   1063 C C   . VAL B 1 45 ? 8.142   11.363  9.254   1.00 63.03  ? 45   VAL B C   1 
ATOM   1064 O O   . VAL B 1 45 ? 8.957   10.725  8.553   1.00 64.61  ? 45   VAL B O   1 
ATOM   1065 C CB  . VAL B 1 45 ? 6.059   10.142  8.746   1.00 59.68  ? 45   VAL B CB  1 
ATOM   1066 C CG1 . VAL B 1 45 ? 6.670   9.271   7.650   1.00 59.45  ? 45   VAL B CG1 1 
ATOM   1067 C CG2 . VAL B 1 45 ? 6.129   9.484   10.133  1.00 60.58  ? 45   VAL B CG2 1 
ATOM   1068 N N   . SER B 1 46 ? 8.449   11.982  10.388  1.00 66.19  ? 46   SER B N   1 
ATOM   1069 C CA  . SER B 1 46 ? 9.838   12.161  10.825  1.00 68.32  ? 46   SER B CA  1 
ATOM   1070 C C   . SER B 1 46 ? 9.830   12.155  12.343  1.00 70.79  ? 46   SER B C   1 
ATOM   1071 O O   . SER B 1 46 ? 8.952   12.752  12.964  1.00 70.43  ? 46   SER B O   1 
ATOM   1072 C CB  . SER B 1 46 ? 10.420  13.484  10.280  1.00 68.36  ? 46   SER B CB  1 
ATOM   1073 O OG  . SER B 1 46 ? 11.644  13.866  10.912  1.00 66.56  ? 46   SER B OG  1 
ATOM   1074 N N   . ARG B 1 47 ? 10.793  11.455  12.933  1.00 73.77  ? 47   ARG B N   1 
ATOM   1075 C CA  . ARG B 1 47 ? 10.898  11.372  14.387  1.00 76.44  ? 47   ARG B CA  1 
ATOM   1076 C C   . ARG B 1 47 ? 10.806  12.763  15.040  1.00 77.33  ? 47   ARG B C   1 
ATOM   1077 O O   . ARG B 1 47 ? 10.208  12.922  16.107  1.00 77.21  ? 47   ARG B O   1 
ATOM   1078 C CB  . ARG B 1 47 ? 12.211  10.679  14.769  1.00 77.28  ? 47   ARG B CB  1 
ATOM   1079 C CG  . ARG B 1 47 ? 12.233  10.072  16.171  1.00 81.29  ? 47   ARG B CG  1 
ATOM   1080 C CD  . ARG B 1 47 ? 13.582  9.418   16.527  1.00 86.85  ? 47   ARG B CD  1 
ATOM   1081 N NE  . ARG B 1 47 ? 14.056  9.781   17.871  1.00 90.94  ? 47   ARG B NE  1 
ATOM   1082 C CZ  . ARG B 1 47 ? 15.290  10.224  18.166  1.00 94.66  ? 47   ARG B CZ  1 
ATOM   1083 N NH1 . ARG B 1 47 ? 16.222  10.383  17.213  1.00 95.68  ? 47   ARG B NH1 1 
ATOM   1084 N NH2 . ARG B 1 47 ? 15.597  10.518  19.434  1.00 95.58  ? 47   ARG B NH2 1 
ATOM   1085 N N   . SER B 1 48 ? 11.369  13.768  14.360  1.00 78.74  ? 48   SER B N   1 
ATOM   1086 C CA  . SER B 1 48 ? 11.426  15.148  14.867  1.00 79.87  ? 48   SER B CA  1 
ATOM   1087 C C   . SER B 1 48 ? 10.106  15.941  14.755  1.00 80.74  ? 48   SER B C   1 
ATOM   1088 O O   . SER B 1 48 ? 10.129  17.165  14.708  1.00 80.71  ? 48   SER B O   1 
ATOM   1089 C CB  . SER B 1 48 ? 12.596  15.922  14.199  1.00 79.86  ? 48   SER B CB  1 
ATOM   1090 O OG  . SER B 1 48 ? 12.305  16.318  12.879  1.00 79.07  ? 48   SER B OG  1 
ATOM   1091 N N   . LEU B 1 49 ? 8.972   15.240  14.743  1.00 81.89  ? 49   LEU B N   1 
ATOM   1092 C CA  . LEU B 1 49 ? 7.655   15.865  14.692  1.00 82.77  ? 49   LEU B CA  1 
ATOM   1093 C C   . LEU B 1 49 ? 6.954   15.818  16.057  1.00 82.94  ? 49   LEU B C   1 
ATOM   1094 O O   . LEU B 1 49 ? 5.949   16.518  16.271  1.00 82.72  ? 49   LEU B O   1 
ATOM   1095 C CB  . LEU B 1 49 ? 6.784   15.187  13.601  1.00 83.14  ? 49   LEU B CB  1 
ATOM   1096 C CG  . LEU B 1 49 ? 5.903   16.017  12.625  1.00 84.58  ? 49   LEU B CG  1 
ATOM   1097 C CD1 . LEU B 1 49 ? 6.121   17.515  12.816  1.00 85.97  ? 49   LEU B CD1 1 
ATOM   1098 C CD2 . LEU B 1 49 ? 6.142   15.678  11.143  1.00 84.88  ? 49   LEU B CD2 1 
ATOM   1099 N N   . LYS B 1 50 ? 7.494   15.004  16.972  1.00 83.12  ? 50   LYS B N   1 
ATOM   1100 C CA  . LYS B 1 50 ? 6.874   14.750  18.268  1.00 83.68  ? 50   LYS B CA  1 
ATOM   1101 C C   . LYS B 1 50 ? 5.442   14.252  18.077  1.00 82.99  ? 50   LYS B C   1 
ATOM   1102 O O   . LYS B 1 50 ? 4.530   14.571  18.833  1.00 82.96  ? 50   LYS B O   1 
ATOM   1103 C CB  . LYS B 1 50 ? 6.949   15.986  19.170  1.00 84.30  ? 50   LYS B CB  1 
ATOM   1104 C CG  . LYS B 1 50 ? 8.392   16.387  19.503  1.00 86.67  ? 50   LYS B CG  1 
ATOM   1105 C CD  . LYS B 1 50 ? 8.466   17.315  20.713  1.00 89.67  ? 50   LYS B CD  1 
ATOM   1106 C CE  . LYS B 1 50 ? 9.872   17.344  21.325  1.00 91.00  ? 50   LYS B CE  1 
ATOM   1107 N NZ  . LYS B 1 50 ? 9.880   18.066  22.643  1.00 92.37  ? 50   LYS B NZ  1 
ATOM   1108 N N   . MET B 1 51 ? 5.280   13.465  17.022  1.00 82.39  ? 51   MET B N   1 
ATOM   1109 C CA  . MET B 1 51 ? 4.089   12.692  16.779  1.00 81.53  ? 51   MET B CA  1 
ATOM   1110 C C   . MET B 1 51 ? 4.340   11.291  17.306  1.00 79.98  ? 51   MET B C   1 
ATOM   1111 O O   . MET B 1 51 ? 5.469   10.893  17.629  1.00 80.27  ? 51   MET B O   1 
ATOM   1112 C CB  . MET B 1 51 ? 3.875   12.567  15.279  1.00 82.16  ? 51   MET B CB  1 
ATOM   1113 C CG  . MET B 1 51 ? 4.592   11.340  14.644  1.00 83.89  ? 51   MET B CG  1 
ATOM   1114 S SD  . MET B 1 51 ? 5.855   11.692  13.408  1.00 89.08  ? 51   MET B SD  1 
ATOM   1115 C CE  . MET B 1 51 ? 4.962   12.827  12.277  1.00 89.07  ? 51   MET B CE  1 
ATOM   1116 N N   . ARG B 1 52 ? 3.269   10.534  17.379  1.00 77.88  ? 52   ARG B N   1 
ATOM   1117 C CA  . ARG B 1 52 ? 3.367   9.089   17.273  1.00 75.99  ? 52   ARG B CA  1 
ATOM   1118 C C   . ARG B 1 52 ? 2.235   8.719   16.321  1.00 71.92  ? 52   ARG B C   1 
ATOM   1119 O O   . ARG B 1 52 ? 1.069   9.051   16.562  1.00 71.35  ? 52   ARG B O   1 
ATOM   1120 C CB  . ARG B 1 52 ? 3.245   8.386   18.637  1.00 76.84  ? 52   ARG B CB  1 
ATOM   1121 C CG  . ARG B 1 52 ? 4.501   8.448   19.509  1.00 81.05  ? 52   ARG B CG  1 
ATOM   1122 C CD  . ARG B 1 52 ? 5.809   7.887   18.878  1.00 86.20  ? 52   ARG B CD  1 
ATOM   1123 N NE  . ARG B 1 52 ? 6.996   8.360   19.608  1.00 90.20  ? 52   ARG B NE  1 
ATOM   1124 C CZ  . ARG B 1 52 ? 8.252   7.929   19.420  1.00 93.69  ? 52   ARG B CZ  1 
ATOM   1125 N NH1 . ARG B 1 52 ? 8.535   6.989   18.516  1.00 94.48  ? 52   ARG B NH1 1 
ATOM   1126 N NH2 . ARG B 1 52 ? 9.240   8.450   20.151  1.00 94.49  ? 52   ARG B NH2 1 
ATOM   1127 N N   . GLY B 1 53 ? 2.612   8.085   15.218  1.00 67.18  ? 53   GLY B N   1 
ATOM   1128 C CA  . GLY B 1 53 ? 1.668   7.689   14.207  1.00 63.58  ? 53   GLY B CA  1 
ATOM   1129 C C   . GLY B 1 53 ? 1.030   8.864   13.505  1.00 59.67  ? 53   GLY B C   1 
ATOM   1130 O O   . GLY B 1 53 ? -0.177  8.936   13.434  1.00 58.87  ? 53   GLY B O   1 
ATOM   1131 N N   . GLN B 1 54 ? 1.840   9.776   12.996  1.00 55.65  ? 54   GLN B N   1 
ATOM   1132 C CA  . GLN B 1 54 ? 1.340   10.821  12.126  1.00 53.27  ? 54   GLN B CA  1 
ATOM   1133 C C   . GLN B 1 54 ? 2.184   11.025  10.898  1.00 49.74  ? 54   GLN B C   1 
ATOM   1134 O O   . GLN B 1 54 ? 3.364   10.736  10.869  1.00 49.01  ? 54   GLN B O   1 
ATOM   1135 C CB  . GLN B 1 54 ? 1.266   12.155  12.818  1.00 53.78  ? 54   GLN B CB  1 
ATOM   1136 C CG  . GLN B 1 54 ? 0.390   12.185  14.016  1.00 57.57  ? 54   GLN B CG  1 
ATOM   1137 C CD  . GLN B 1 54 ? 0.245   13.605  14.551  1.00 61.70  ? 54   GLN B CD  1 
ATOM   1138 O OE1 . GLN B 1 54 ? 1.053   14.507  14.212  1.00 63.98  ? 54   GLN B OE1 1 
ATOM   1139 N NE2 . GLN B 1 54 ? -0.789  13.820  15.358  1.00 61.84  ? 54   GLN B NE2 1 
ATOM   1140 N N   . ALA B 1 55 ? 1.546   11.567  9.882   1.00 46.28  ? 55   ALA B N   1 
ATOM   1141 C CA  . ALA B 1 55 ? 2.217   11.891  8.665   1.00 43.70  ? 55   ALA B CA  1 
ATOM   1142 C C   . ALA B 1 55 ? 1.455   12.985  7.925   1.00 41.32  ? 55   ALA B C   1 
ATOM   1143 O O   . ALA B 1 55 ? 0.300   13.274  8.206   1.00 39.53  ? 55   ALA B O   1 
ATOM   1144 C CB  . ALA B 1 55 ? 2.398   10.658  7.825   1.00 43.64  ? 55   ALA B CB  1 
ATOM   1145 N N   . PHE B 1 56 ? 2.181   13.637  7.028   1.00 39.12  ? 56   PHE B N   1 
ATOM   1146 C CA  . PHE B 1 56 ? 1.653   14.693  6.181   1.00 37.26  ? 56   PHE B CA  1 
ATOM   1147 C C   . PHE B 1 56 ? 2.019   14.298  4.812   1.00 35.79  ? 56   PHE B C   1 
ATOM   1148 O O   . PHE B 1 56 ? 3.176   13.980  4.551   1.00 35.57  ? 56   PHE B O   1 
ATOM   1149 C CB  . PHE B 1 56 ? 2.310   16.024  6.486   1.00 36.86  ? 56   PHE B CB  1 
ATOM   1150 C CG  . PHE B 1 56 ? 1.832   16.622  7.737   1.00 37.04  ? 56   PHE B CG  1 
ATOM   1151 C CD1 . PHE B 1 56 ? 2.464   16.327  8.937   1.00 40.25  ? 56   PHE B CD1 1 
ATOM   1152 C CD2 . PHE B 1 56 ? 0.702   17.415  7.750   1.00 37.88  ? 56   PHE B CD2 1 
ATOM   1153 C CE1 . PHE B 1 56 ? 1.995   16.851  10.130  1.00 40.10  ? 56   PHE B CE1 1 
ATOM   1154 C CE2 . PHE B 1 56 ? 0.232   17.955  8.947   1.00 38.45  ? 56   PHE B CE2 1 
ATOM   1155 C CZ  . PHE B 1 56 ? 0.876   17.675  10.131  1.00 38.22  ? 56   PHE B CZ  1 
ATOM   1156 N N   . VAL B 1 57 ? 1.032   14.283  3.934   1.00 33.97  ? 57   VAL B N   1 
ATOM   1157 C CA  . VAL B 1 57 ? 1.298   14.048  2.543   1.00 33.02  ? 57   VAL B CA  1 
ATOM   1158 C C   . VAL B 1 57 ? 1.036   15.368  1.864   1.00 32.24  ? 57   VAL B C   1 
ATOM   1159 O O   . VAL B 1 57 ? -0.042  15.910  1.972   1.00 31.88  ? 57   VAL B O   1 
ATOM   1160 C CB  . VAL B 1 57 ? 0.408   12.896  1.990   1.00 32.77  ? 57   VAL B CB  1 
ATOM   1161 C CG1 . VAL B 1 57 ? 0.739   12.619  0.536   1.00 31.90  ? 57   VAL B CG1 1 
ATOM   1162 C CG2 . VAL B 1 57 ? 0.603   11.646  2.822   1.00 32.33  ? 57   VAL B CG2 1 
ATOM   1163 N N   . ILE B 1 58 ? 2.036   15.894  1.185   1.00 32.36  ? 58   ILE B N   1 
ATOM   1164 C CA  . ILE B 1 58 ? 1.931   17.200  0.562   1.00 32.64  ? 58   ILE B CA  1 
ATOM   1165 C C   . ILE B 1 58 ? 1.852   16.940  -0.935  1.00 32.71  ? 58   ILE B C   1 
ATOM   1166 O O   . ILE B 1 58 ? 2.838   16.535  -1.566  1.00 31.31  ? 58   ILE B O   1 
ATOM   1167 C CB  . ILE B 1 58 ? 3.151   18.067  0.935   1.00 33.42  ? 58   ILE B CB  1 
ATOM   1168 C CG1 . ILE B 1 58 ? 3.204   18.308  2.454   1.00 34.68  ? 58   ILE B CG1 1 
ATOM   1169 C CG2 . ILE B 1 58 ? 3.134   19.402  0.209   1.00 33.35  ? 58   ILE B CG2 1 
ATOM   1170 C CD1 . ILE B 1 58 ? 4.606   18.714  2.953   1.00 35.06  ? 58   ILE B CD1 1 
ATOM   1171 N N   . PHE B 1 59 ? 0.652   17.127  -1.484  1.00 32.79  ? 59   PHE B N   1 
ATOM   1172 C CA  . PHE B 1 59 ? 0.438   16.984  -2.912  1.00 33.35  ? 59   PHE B CA  1 
ATOM   1173 C C   . PHE B 1 59 ? 0.728   18.333  -3.567  1.00 34.24  ? 59   PHE B C   1 
ATOM   1174 O O   . PHE B 1 59 ? 0.581   19.386  -2.935  1.00 34.49  ? 59   PHE B O   1 
ATOM   1175 C CB  . PHE B 1 59 ? -1.037  16.581  -3.212  1.00 33.28  ? 59   PHE B CB  1 
ATOM   1176 C CG  . PHE B 1 59 ? -1.367  15.145  -2.884  1.00 30.15  ? 59   PHE B CG  1 
ATOM   1177 C CD1 . PHE B 1 59 ? -1.986  14.817  -1.687  1.00 28.49  ? 59   PHE B CD1 1 
ATOM   1178 C CD2 . PHE B 1 59 ? -1.071  14.140  -3.758  1.00 27.17  ? 59   PHE B CD2 1 
ATOM   1179 C CE1 . PHE B 1 59 ? -2.266  13.506  -1.384  1.00 25.05  ? 59   PHE B CE1 1 
ATOM   1180 C CE2 . PHE B 1 59 ? -1.384  12.816  -3.439  1.00 28.23  ? 59   PHE B CE2 1 
ATOM   1181 C CZ  . PHE B 1 59 ? -1.974  12.519  -2.263  1.00 25.62  ? 59   PHE B CZ  1 
ATOM   1182 N N   . LYS B 1 60 ? 1.105   18.302  -4.838  1.00 35.14  ? 60   LYS B N   1 
ATOM   1183 C CA  . LYS B 1 60 ? 1.178   19.522  -5.637  1.00 36.36  ? 60   LYS B CA  1 
ATOM   1184 C C   . LYS B 1 60 ? -0.176  20.252  -5.752  1.00 36.90  ? 60   LYS B C   1 
ATOM   1185 O O   . LYS B 1 60 ? -0.241  21.468  -5.562  1.00 36.91  ? 60   LYS B O   1 
ATOM   1186 C CB  . LYS B 1 60 ? 1.674   19.176  -7.017  1.00 36.92  ? 60   LYS B CB  1 
ATOM   1187 C CG  . LYS B 1 60 ? 2.114   20.364  -7.824  1.00 39.94  ? 60   LYS B CG  1 
ATOM   1188 C CD  . LYS B 1 60 ? 2.810   19.891  -9.081  1.00 45.57  ? 60   LYS B CD  1 
ATOM   1189 C CE  . LYS B 1 60 ? 2.973   21.022  -10.114 1.00 50.58  ? 60   LYS B CE  1 
ATOM   1190 N NZ  . LYS B 1 60 ? 4.421   21.166  -10.515 1.00 53.70  ? 60   LYS B NZ  1 
ATOM   1191 N N   . GLU B 1 61 ? -1.247  19.485  -5.998  1.00 36.67  ? 61   GLU B N   1 
ATOM   1192 C CA  . GLU B 1 61 ? -2.583  20.005  -6.283  1.00 36.31  ? 61   GLU B CA  1 
ATOM   1193 C C   . GLU B 1 61 ? -3.603  19.718  -5.215  1.00 34.75  ? 61   GLU B C   1 
ATOM   1194 O O   . GLU B 1 61 ? -3.645  18.633  -4.698  1.00 34.78  ? 61   GLU B O   1 
ATOM   1195 C CB  . GLU B 1 61 ? -3.080  19.364  -7.571  1.00 37.15  ? 61   GLU B CB  1 
ATOM   1196 C CG  . GLU B 1 61 ? -2.217  19.726  -8.779  1.00 40.83  ? 61   GLU B CG  1 
ATOM   1197 C CD  . GLU B 1 61 ? -2.250  21.213  -9.081  1.00 45.69  ? 61   GLU B CD  1 
ATOM   1198 O OE1 . GLU B 1 61 ? -3.324  21.838  -8.875  1.00 48.52  ? 61   GLU B OE1 1 
ATOM   1199 O OE2 . GLU B 1 61 ? -1.203  21.753  -9.507  1.00 48.94  ? 61   GLU B OE2 1 
ATOM   1200 N N   . VAL B 1 62 ? -4.438  20.693  -4.878  1.00 33.85  ? 62   VAL B N   1 
ATOM   1201 C CA  . VAL B 1 62 ? -5.579  20.443  -3.983  1.00 33.14  ? 62   VAL B CA  1 
ATOM   1202 C C   . VAL B 1 62 ? -6.467  19.275  -4.470  1.00 32.10  ? 62   VAL B C   1 
ATOM   1203 O O   . VAL B 1 62 ? -6.917  18.468  -3.662  1.00 31.61  ? 62   VAL B O   1 
ATOM   1204 C CB  . VAL B 1 62 ? -6.455  21.692  -3.802  1.00 33.21  ? 62   VAL B CB  1 
ATOM   1205 C CG1 . VAL B 1 62 ? -7.551  21.447  -2.772  1.00 34.09  ? 62   VAL B CG1 1 
ATOM   1206 C CG2 . VAL B 1 62 ? -5.607  22.868  -3.351  1.00 35.44  ? 62   VAL B CG2 1 
ATOM   1207 N N   . SER B 1 63 ? -6.692  19.166  -5.774  1.00 31.26  ? 63   SER B N   1 
ATOM   1208 C CA  . SER B 1 63 ? -7.594  18.146  -6.313  1.00 31.50  ? 63   SER B CA  1 
ATOM   1209 C C   . SER B 1 63 ? -7.089  16.714  -6.018  1.00 30.89  ? 63   SER B C   1 
ATOM   1210 O O   . SER B 1 63 ? -7.859  15.808  -5.752  1.00 30.89  ? 63   SER B O   1 
ATOM   1211 C CB  . SER B 1 63 ? -7.796  18.339  -7.829  1.00 31.02  ? 63   SER B CB  1 
ATOM   1212 O OG  . SER B 1 63 ? -6.609  18.020  -8.545  1.00 32.19  ? 63   SER B OG  1 
ATOM   1213 N N   . SER B 1 64 ? -5.786  16.508  -6.113  1.00 30.53  ? 64   SER B N   1 
ATOM   1214 C CA  . SER B 1 64 ? -5.166  15.263  -5.658  1.00 29.30  ? 64   SER B CA  1 
ATOM   1215 C C   . SER B 1 64 ? -5.431  14.955  -4.202  1.00 29.18  ? 64   SER B C   1 
ATOM   1216 O O   . SER B 1 64 ? -5.925  13.864  -3.868  1.00 30.54  ? 64   SER B O   1 
ATOM   1217 C CB  . SER B 1 64 ? -3.681  15.342  -5.907  1.00 29.35  ? 64   SER B CB  1 
ATOM   1218 O OG  . SER B 1 64 ? -3.494  15.342  -7.300  1.00 26.38  ? 64   SER B OG  1 
ATOM   1219 N N   . ALA B 1 65 ? -5.160  15.912  -3.330  1.00 28.45  ? 65   ALA B N   1 
ATOM   1220 C CA  . ALA B 1 65 ? -5.439  15.761  -1.900  1.00 28.37  ? 65   ALA B CA  1 
ATOM   1221 C C   . ALA B 1 65 ? -6.891  15.378  -1.599  1.00 28.46  ? 65   ALA B C   1 
ATOM   1222 O O   . ALA B 1 65 ? -7.174  14.563  -0.731  1.00 27.68  ? 65   ALA B O   1 
ATOM   1223 C CB  . ALA B 1 65 ? -5.082  17.066  -1.151  1.00 28.12  ? 65   ALA B CB  1 
ATOM   1224 N N   . THR B 1 66 ? -7.815  16.000  -2.311  1.00 29.02  ? 66   THR B N   1 
ATOM   1225 C CA  . THR B 1 66 ? -9.242  15.842  -2.039  1.00 29.11  ? 66   THR B CA  1 
ATOM   1226 C C   . THR B 1 66 ? -9.698  14.438  -2.465  1.00 29.51  ? 66   THR B C   1 
ATOM   1227 O O   . THR B 1 66 ? -10.425 13.751  -1.745  1.00 27.85  ? 66   THR B O   1 
ATOM   1228 C CB  . THR B 1 66 ? -10.032 16.935  -2.784  1.00 29.41  ? 66   THR B CB  1 
ATOM   1229 O OG1 . THR B 1 66 ? -9.823  18.201  -2.118  1.00 28.68  ? 66   THR B OG1 1 
ATOM   1230 C CG2 . THR B 1 66 ? -11.555 16.667  -2.701  1.00 28.73  ? 66   THR B CG2 1 
ATOM   1231 N N   . ASN B 1 67 ? -9.238  14.027  -3.631  1.00 29.36  ? 67   ASN B N   1 
ATOM   1232 C CA  . ASN B 1 67 ? -9.460  12.675  -4.070  1.00 30.89  ? 67   ASN B CA  1 
ATOM   1233 C C   . ASN B 1 67 ? -8.770  11.623  -3.203  1.00 31.75  ? 67   ASN B C   1 
ATOM   1234 O O   . ASN B 1 67 ? -9.353  10.571  -2.969  1.00 31.48  ? 67   ASN B O   1 
ATOM   1235 C CB  . ASN B 1 67 ? -9.026  12.512  -5.521  1.00 31.18  ? 67   ASN B CB  1 
ATOM   1236 C CG  . ASN B 1 67 ? -9.973  13.225  -6.492  1.00 33.39  ? 67   ASN B CG  1 
ATOM   1237 O OD1 . ASN B 1 67 ? -9.525  13.935  -7.374  1.00 39.59  ? 67   ASN B OD1 1 
ATOM   1238 N ND2 . ASN B 1 67 ? -11.272 13.004  -6.348  1.00 30.96  ? 67   ASN B ND2 1 
ATOM   1239 N N   . ALA B 1 68 ? -7.562  11.912  -2.704  1.00 32.04  ? 68   ALA B N   1 
ATOM   1240 C CA  . ALA B 1 68 ? -6.874  10.966  -1.842  1.00 31.97  ? 68   ALA B CA  1 
ATOM   1241 C C   . ALA B 1 68 ? -7.692  10.754  -0.580  1.00 32.44  ? 68   ALA B C   1 
ATOM   1242 O O   . ALA B 1 68 ? -7.915  9.627   -0.163  1.00 33.27  ? 68   ALA B O   1 
ATOM   1243 C CB  . ALA B 1 68 ? -5.478  11.424  -1.511  1.00 31.48  ? 68   ALA B CB  1 
ATOM   1244 N N   . LEU B 1 69 ? -8.177  11.837  -0.006  1.00 32.88  ? 69   LEU B N   1 
ATOM   1245 C CA  . LEU B 1 69 ? -8.971  11.790  1.223   1.00 33.55  ? 69   LEU B CA  1 
ATOM   1246 C C   . LEU B 1 69 ? -10.286 11.031  1.061   1.00 32.73  ? 69   LEU B C   1 
ATOM   1247 O O   . LEU B 1 69 ? -10.634 10.194  1.877   1.00 32.27  ? 69   LEU B O   1 
ATOM   1248 C CB  . LEU B 1 69 ? -9.284  13.227  1.682   1.00 34.14  ? 69   LEU B CB  1 
ATOM   1249 C CG  . LEU B 1 69 ? -10.287 13.496  2.803   1.00 37.30  ? 69   LEU B CG  1 
ATOM   1250 C CD1 . LEU B 1 69 ? -9.691  13.146  4.082   1.00 41.03  ? 69   LEU B CD1 1 
ATOM   1251 C CD2 . LEU B 1 69 ? -10.591 14.941  2.852   1.00 41.98  ? 69   LEU B CD2 1 
ATOM   1252 N N   . ARG B 1 70 ? -11.036 11.367  0.023   1.00 32.09  ? 70   ARG B N   1 
ATOM   1253 C CA  . ARG B 1 70 ? -12.351 10.764  -0.210  1.00 31.54  ? 70   ARG B CA  1 
ATOM   1254 C C   . ARG B 1 70 ? -12.195 9.258   -0.416  1.00 31.74  ? 70   ARG B C   1 
ATOM   1255 O O   . ARG B 1 70 ? -12.958 8.458   0.082   1.00 31.71  ? 70   ARG B O   1 
ATOM   1256 C CB  . ARG B 1 70 ? -12.978 11.360  -1.447  1.00 30.86  ? 70   ARG B CB  1 
ATOM   1257 C CG  . ARG B 1 70 ? -13.604 12.707  -1.229  1.00 31.24  ? 70   ARG B CG  1 
ATOM   1258 C CD  . ARG B 1 70 ? -14.138 13.277  -2.528  1.00 30.49  ? 70   ARG B CD  1 
ATOM   1259 N NE  . ARG B 1 70 ? -14.709 14.601  -2.335  1.00 29.79  ? 70   ARG B NE  1 
ATOM   1260 C CZ  . ARG B 1 70 ? -14.728 15.556  -3.272  1.00 28.77  ? 70   ARG B CZ  1 
ATOM   1261 N NH1 . ARG B 1 70 ? -14.239 15.344  -4.494  1.00 27.21  ? 70   ARG B NH1 1 
ATOM   1262 N NH2 . ARG B 1 70 ? -15.251 16.735  -2.971  1.00 28.59  ? 70   ARG B NH2 1 
ATOM   1263 N N   . SER B 1 71 ? -11.127 8.904   -1.093  1.00 31.99  ? 71   SER B N   1 
ATOM   1264 C CA  . SER B 1 71 ? -10.920 7.574   -1.583  1.00 32.58  ? 71   SER B CA  1 
ATOM   1265 C C   . SER B 1 71 ? -10.269 6.645   -0.551  1.00 32.06  ? 71   SER B C   1 
ATOM   1266 O O   . SER B 1 71 ? -10.566 5.480   -0.517  1.00 32.08  ? 71   SER B O   1 
ATOM   1267 C CB  . SER B 1 71 ? -9.991  7.691   -2.755  1.00 32.76  ? 71   SER B CB  1 
ATOM   1268 O OG  . SER B 1 71 ? -10.405 6.896   -3.786  1.00 38.88  ? 71   SER B OG  1 
ATOM   1269 N N   . MET B 1 72 ? -9.385  7.164   0.288   1.00 31.77  ? 72   MET B N   1 
ATOM   1270 C CA  . MET B 1 72 ? -8.576  6.317   1.179   1.00 31.77  ? 72   MET B CA  1 
ATOM   1271 C C   . MET B 1 72 ? -8.978  6.410   2.640   1.00 31.43  ? 72   MET B C   1 
ATOM   1272 O O   . MET B 1 72 ? -8.374  5.768   3.494   1.00 29.96  ? 72   MET B O   1 
ATOM   1273 C CB  . MET B 1 72 ? -7.105  6.672   1.059   1.00 31.57  ? 72   MET B CB  1 
ATOM   1274 C CG  . MET B 1 72 ? -6.533  6.405   -0.295  1.00 32.32  ? 72   MET B CG  1 
ATOM   1275 S SD  . MET B 1 72 ? -6.546  4.700   -0.811  1.00 36.13  ? 72   MET B SD  1 
ATOM   1276 C CE  . MET B 1 72 ? -5.353  3.997   0.273   1.00 39.44  ? 72   MET B CE  1 
ATOM   1277 N N   . GLN B 1 73 ? -9.996  7.220   2.927   1.00 31.46  ? 73   GLN B N   1 
ATOM   1278 C CA  . GLN B 1 73 ? -10.522 7.307   4.280   1.00 31.82  ? 73   GLN B CA  1 
ATOM   1279 C C   . GLN B 1 73 ? -10.858 5.900   4.790   1.00 31.91  ? 73   GLN B C   1 
ATOM   1280 O O   . GLN B 1 73 ? -11.548 5.140   4.129   1.00 32.83  ? 73   GLN B O   1 
ATOM   1281 C CB  . GLN B 1 73 ? -11.756 8.214   4.320   1.00 31.34  ? 73   GLN B CB  1 
ATOM   1282 C CG  . GLN B 1 73 ? -12.253 8.486   5.703   1.00 31.45  ? 73   GLN B CG  1 
ATOM   1283 C CD  . GLN B 1 73 ? -11.358 9.416   6.462   1.00 32.73  ? 73   GLN B CD  1 
ATOM   1284 O OE1 . GLN B 1 73 ? -10.525 8.967   7.261   1.00 33.69  ? 73   GLN B OE1 1 
ATOM   1285 N NE2 . GLN B 1 73 ? -11.505 10.710  6.218   1.00 28.80  ? 73   GLN B NE2 1 
ATOM   1286 N N   . GLY B 1 74 ? -10.307 5.540   5.937   1.00 32.53  ? 74   GLY B N   1 
ATOM   1287 C CA  . GLY B 1 74 ? -10.598 4.260   6.573   1.00 32.06  ? 74   GLY B CA  1 
ATOM   1288 C C   . GLY B 1 74 ? -9.887  3.045   6.023   1.00 31.79  ? 74   GLY B C   1 
ATOM   1289 O O   . GLY B 1 74 ? -10.106 1.962   6.499   1.00 32.25  ? 74   GLY B O   1 
ATOM   1290 N N   . PHE B 1 75 ? -9.035  3.215   5.030   1.00 31.70  ? 75   PHE B N   1 
ATOM   1291 C CA  . PHE B 1 75 ? -8.307  2.105   4.433   1.00 31.91  ? 75   PHE B CA  1 
ATOM   1292 C C   . PHE B 1 75 ? -7.344  1.489   5.468   1.00 32.11  ? 75   PHE B C   1 
ATOM   1293 O O   . PHE B 1 75 ? -6.602  2.234   6.135   1.00 31.63  ? 75   PHE B O   1 
ATOM   1294 C CB  . PHE B 1 75 ? -7.538  2.614   3.226   1.00 32.13  ? 75   PHE B CB  1 
ATOM   1295 C CG  . PHE B 1 75 ? -6.803  1.559   2.476   1.00 32.06  ? 75   PHE B CG  1 
ATOM   1296 C CD1 . PHE B 1 75 ? -7.442  0.805   1.514   1.00 33.29  ? 75   PHE B CD1 1 
ATOM   1297 C CD2 . PHE B 1 75 ? -5.442  1.347   2.708   1.00 33.04  ? 75   PHE B CD2 1 
ATOM   1298 C CE1 . PHE B 1 75 ? -6.740  -0.176  0.800   1.00 34.07  ? 75   PHE B CE1 1 
ATOM   1299 C CE2 . PHE B 1 75 ? -4.744  0.366   2.007   1.00 33.98  ? 75   PHE B CE2 1 
ATOM   1300 C CZ  . PHE B 1 75 ? -5.389  -0.400  1.064   1.00 33.67  ? 75   PHE B CZ  1 
ATOM   1301 N N   . PRO B 1 76 ? -7.386  0.160   5.642   1.00 31.90  ? 76   PRO B N   1 
ATOM   1302 C CA  . PRO B 1 76 ? -6.514  -0.520  6.612   1.00 31.91  ? 76   PRO B CA  1 
ATOM   1303 C C   . PRO B 1 76 ? -5.059  -0.671  6.153   1.00 31.90  ? 76   PRO B C   1 
ATOM   1304 O O   . PRO B 1 76 ? -4.704  -1.605  5.450   1.00 32.43  ? 76   PRO B O   1 
ATOM   1305 C CB  . PRO B 1 76 ? -7.197  -1.882  6.823   1.00 32.00  ? 76   PRO B CB  1 
ATOM   1306 C CG  . PRO B 1 76 ? -8.526  -1.766  6.104   1.00 32.44  ? 76   PRO B CG  1 
ATOM   1307 C CD  . PRO B 1 76 ? -8.310  -0.785  5.000   1.00 32.15  ? 76   PRO B CD  1 
ATOM   1308 N N   . PHE B 1 77 ? -4.225  0.266   6.597   1.00 31.53  ? 77   PHE B N   1 
ATOM   1309 C CA  . PHE B 1 77 ? -2.818  0.340   6.252   1.00 30.77  ? 77   PHE B CA  1 
ATOM   1310 C C   . PHE B 1 77 ? -2.070  -0.316  7.400   1.00 30.81  ? 77   PHE B C   1 
ATOM   1311 O O   . PHE B 1 77 ? -2.177  0.127   8.535   1.00 30.65  ? 77   PHE B O   1 
ATOM   1312 C CB  . PHE B 1 77 ? -2.498  1.836   6.151   1.00 31.14  ? 77   PHE B CB  1 
ATOM   1313 C CG  . PHE B 1 77 ? -1.143  2.182   5.590   1.00 29.75  ? 77   PHE B CG  1 
ATOM   1314 C CD1 . PHE B 1 77 ? -0.735  1.718   4.366   1.00 29.13  ? 77   PHE B CD1 1 
ATOM   1315 C CD2 . PHE B 1 77 ? -0.321  3.060   6.273   1.00 30.92  ? 77   PHE B CD2 1 
ATOM   1316 C CE1 . PHE B 1 77 ? 0.485   2.083   3.851   1.00 30.21  ? 77   PHE B CE1 1 
ATOM   1317 C CE2 . PHE B 1 77 ? 0.926   3.423   5.761   1.00 31.11  ? 77   PHE B CE2 1 
ATOM   1318 C CZ  . PHE B 1 77 ? 1.318   2.941   4.555   1.00 29.68  ? 77   PHE B CZ  1 
ATOM   1319 N N   . TYR B 1 78 ? -1.304  -1.364  7.112   1.00 31.38  ? 78   TYR B N   1 
ATOM   1320 C CA  . TYR B 1 78 ? -0.725  -2.213  8.161   1.00 31.96  ? 78   TYR B CA  1 
ATOM   1321 C C   . TYR B 1 78 ? -1.852  -2.622  9.102   1.00 32.42  ? 78   TYR B C   1 
ATOM   1322 O O   . TYR B 1 78 ? -1.742  -2.519  10.297  1.00 31.60  ? 78   TYR B O   1 
ATOM   1323 C CB  . TYR B 1 78 ? 0.413   -1.487  8.933   1.00 32.37  ? 78   TYR B CB  1 
ATOM   1324 C CG  . TYR B 1 78 ? 1.664   -1.252  8.117   1.00 32.11  ? 78   TYR B CG  1 
ATOM   1325 C CD1 . TYR B 1 78 ? 1.939   0.011   7.576   1.00 34.59  ? 78   TYR B CD1 1 
ATOM   1326 C CD2 . TYR B 1 78 ? 2.571   -2.273  7.878   1.00 31.96  ? 78   TYR B CD2 1 
ATOM   1327 C CE1 . TYR B 1 78 ? 3.086   0.238   6.819   1.00 32.68  ? 78   TYR B CE1 1 
ATOM   1328 C CE2 . TYR B 1 78 ? 3.716   -2.051  7.109   1.00 32.91  ? 78   TYR B CE2 1 
ATOM   1329 C CZ  . TYR B 1 78 ? 3.966   -0.788  6.599   1.00 32.33  ? 78   TYR B CZ  1 
ATOM   1330 O OH  . TYR B 1 78 ? 5.077   -0.533  5.836   1.00 33.73  ? 78   TYR B OH  1 
ATOM   1331 N N   . ASP B 1 79 ? -2.971  -3.027  8.514   1.00 34.11  ? 79   ASP B N   1 
ATOM   1332 C CA  . ASP B 1 79 ? -4.145  -3.474  9.235   1.00 35.23  ? 79   ASP B CA  1 
ATOM   1333 C C   . ASP B 1 79 ? -4.798  -2.480  10.198  1.00 35.90  ? 79   ASP B C   1 
ATOM   1334 O O   . ASP B 1 79 ? -5.497  -2.901  11.097  1.00 36.44  ? 79   ASP B O   1 
ATOM   1335 C CB  . ASP B 1 79 ? -3.830  -4.783  9.975   1.00 35.13  ? 79   ASP B CB  1 
ATOM   1336 C CG  . ASP B 1 79 ? -5.076  -5.575  10.280  1.00 36.34  ? 79   ASP B CG  1 
ATOM   1337 O OD1 . ASP B 1 79 ? -6.112  -5.319  9.619   1.00 36.56  ? 79   ASP B OD1 1 
ATOM   1338 O OD2 . ASP B 1 79 ? -5.124  -6.455  11.161  1.00 38.10  ? 79   ASP B OD2 1 
ATOM   1339 N N   . LYS B 1 80 ? -4.587  -1.183  10.016  1.00 36.81  ? 80   LYS B N   1 
ATOM   1340 C CA  . LYS B 1 80 ? -5.222  -0.168  10.865  1.00 38.06  ? 80   LYS B CA  1 
ATOM   1341 C C   . LYS B 1 80 ? -5.862  0.884   9.983   1.00 38.00  ? 80   LYS B C   1 
ATOM   1342 O O   . LYS B 1 80 ? -5.157  1.528   9.220   1.00 38.20  ? 80   LYS B O   1 
ATOM   1343 C CB  . LYS B 1 80 ? -4.191  0.571   11.697  1.00 38.93  ? 80   LYS B CB  1 
ATOM   1344 C CG  . LYS B 1 80 ? -3.818  -0.053  12.976  1.00 42.14  ? 80   LYS B CG  1 
ATOM   1345 C CD  . LYS B 1 80 ? -2.994  0.942   13.810  1.00 47.35  ? 80   LYS B CD  1 
ATOM   1346 C CE  . LYS B 1 80 ? -3.834  1.591   14.921  1.00 49.15  ? 80   LYS B CE  1 
ATOM   1347 N NZ  . LYS B 1 80 ? -3.079  2.689   15.548  1.00 49.11  ? 80   LYS B NZ  1 
ATOM   1348 N N   . PRO B 1 81 ? -7.168  1.092   10.085  1.00 38.07  ? 81   PRO B N   1 
ATOM   1349 C CA  . PRO B 1 81 ? -7.844  2.053   9.199   1.00 37.98  ? 81   PRO B CA  1 
ATOM   1350 C C   . PRO B 1 81 ? -7.339  3.477   9.382   1.00 37.82  ? 81   PRO B C   1 
ATOM   1351 O O   . PRO B 1 81 ? -7.370  3.957   10.504  1.00 38.10  ? 81   PRO B O   1 
ATOM   1352 C CB  . PRO B 1 81 ? -9.321  1.943   9.601   1.00 37.95  ? 81   PRO B CB  1 
ATOM   1353 C CG  . PRO B 1 81 ? -9.433  0.673   10.353  1.00 38.03  ? 81   PRO B CG  1 
ATOM   1354 C CD  . PRO B 1 81 ? -8.108  0.435   11.013  1.00 37.91  ? 81   PRO B CD  1 
ATOM   1355 N N   . MET B 1 82 ? -6.898  4.130   8.305   1.00 37.67  ? 82   MET B N   1 
ATOM   1356 C CA  . MET B 1 82 ? -6.413  5.522   8.365   1.00 37.50  ? 82   MET B CA  1 
ATOM   1357 C C   . MET B 1 82 ? -7.535  6.527   8.602   1.00 37.44  ? 82   MET B C   1 
ATOM   1358 O O   . MET B 1 82 ? -8.608  6.435   7.986   1.00 36.04  ? 82   MET B O   1 
ATOM   1359 C CB  . MET B 1 82 ? -5.741  5.906   7.050   1.00 37.32  ? 82   MET B CB  1 
ATOM   1360 C CG  . MET B 1 82 ? -4.534  5.100   6.738   1.00 38.15  ? 82   MET B CG  1 
ATOM   1361 S SD  . MET B 1 82 ? -3.624  5.640   5.318   1.00 36.60  ? 82   MET B SD  1 
ATOM   1362 C CE  . MET B 1 82 ? -4.582  5.047   4.065   1.00 38.86  ? 82   MET B CE  1 
ATOM   1363 N N   . ARG B 1 83 ? -7.273  7.473   9.502   1.00 38.33  ? 83   ARG B N   1 
ATOM   1364 C CA  . ARG B 1 83 ? -8.120  8.639   9.694   1.00 39.52  ? 83   ARG B CA  1 
ATOM   1365 C C   . ARG B 1 83 ? -7.456  9.763   8.940   1.00 38.23  ? 83   ARG B C   1 
ATOM   1366 O O   . ARG B 1 83 ? -6.361  10.137  9.279   1.00 37.61  ? 83   ARG B O   1 
ATOM   1367 C CB  . ARG B 1 83 ? -8.194  9.035   11.158  1.00 41.12  ? 83   ARG B CB  1 
ATOM   1368 C CG  . ARG B 1 83 ? -9.378  8.486   11.919  1.00 49.25  ? 83   ARG B CG  1 
ATOM   1369 C CD  . ARG B 1 83 ? -9.167  8.395   13.464  1.00 58.62  ? 83   ARG B CD  1 
ATOM   1370 N NE  . ARG B 1 83 ? -9.742  7.163   14.039  1.00 66.10  ? 83   ARG B NE  1 
ATOM   1371 C CZ  . ARG B 1 83 ? -9.908  6.935   15.354  1.00 71.94  ? 83   ARG B CZ  1 
ATOM   1372 N NH1 . ARG B 1 83 ? -9.541  7.851   16.260  1.00 74.59  ? 83   ARG B NH1 1 
ATOM   1373 N NH2 . ARG B 1 83 ? -10.452 5.785   15.770  1.00 72.90  ? 83   ARG B NH2 1 
ATOM   1374 N N   . ILE B 1 84 ? -8.124  10.318  7.944   1.00 37.52  ? 84   ILE B N   1 
ATOM   1375 C CA  . ILE B 1 84 ? -7.533  11.345  7.116   1.00 37.35  ? 84   ILE B CA  1 
ATOM   1376 C C   . ILE B 1 84 ? -8.336  12.628  7.188   1.00 38.21  ? 84   ILE B C   1 
ATOM   1377 O O   . ILE B 1 84 ? -9.582  12.635  7.094   1.00 37.86  ? 84   ILE B O   1 
ATOM   1378 C CB  . ILE B 1 84 ? -7.460  10.875  5.647   1.00 36.99  ? 84   ILE B CB  1 
ATOM   1379 C CG1 . ILE B 1 84 ? -6.830  9.495   5.564   1.00 34.66  ? 84   ILE B CG1 1 
ATOM   1380 C CG2 . ILE B 1 84 ? -6.687  11.908  4.784   1.00 36.05  ? 84   ILE B CG2 1 
ATOM   1381 C CD1 . ILE B 1 84 ? -6.922  8.923   4.204   1.00 33.91  ? 84   ILE B CD1 1 
ATOM   1382 N N   . GLN B 1 85 ? -7.615  13.731  7.312   1.00 39.16  ? 85   GLN B N   1 
ATOM   1383 C CA  . GLN B 1 85 ? -8.225  15.054  7.195   1.00 40.27  ? 85   GLN B CA  1 
ATOM   1384 C C   . GLN B 1 85 ? -7.271  15.998  6.482   1.00 40.37  ? 85   GLN B C   1 
ATOM   1385 O O   . GLN B 1 85 ? -6.147  15.637  6.197   1.00 41.32  ? 85   GLN B O   1 
ATOM   1386 C CB  . GLN B 1 85 ? -8.678  15.570  8.548   1.00 40.67  ? 85   GLN B CB  1 
ATOM   1387 C CG  . GLN B 1 85 ? -7.651  15.644  9.605   1.00 44.37  ? 85   GLN B CG  1 
ATOM   1388 C CD  . GLN B 1 85 ? -8.201  15.317  11.018  1.00 50.89  ? 85   GLN B CD  1 
ATOM   1389 O OE1 . GLN B 1 85 ? -7.515  14.658  11.819  1.00 56.36  ? 85   GLN B OE1 1 
ATOM   1390 N NE2 . GLN B 1 85 ? -9.416  15.781  11.320  1.00 50.82  ? 85   GLN B NE2 1 
ATOM   1391 N N   . TYR B 1 86 ? -7.749  17.158  6.083   1.00 40.91  ? 86   TYR B N   1 
ATOM   1392 C CA  . TYR B 1 86 ? -6.893  18.206  5.532   1.00 41.33  ? 86   TYR B CA  1 
ATOM   1393 C C   . TYR B 1 86 ? -6.101  18.830  6.664   1.00 42.22  ? 86   TYR B C   1 
ATOM   1394 O O   . TYR B 1 86 ? -6.613  18.960  7.744   1.00 41.70  ? 86   TYR B O   1 
ATOM   1395 C CB  . TYR B 1 86 ? -7.749  19.290  4.908   1.00 40.80  ? 86   TYR B CB  1 
ATOM   1396 C CG  . TYR B 1 86 ? -8.543  18.874  3.690   1.00 39.52  ? 86   TYR B CG  1 
ATOM   1397 C CD1 . TYR B 1 86 ? -9.934  18.909  3.695   1.00 37.53  ? 86   TYR B CD1 1 
ATOM   1398 C CD2 . TYR B 1 86 ? -7.897  18.499  2.519   1.00 37.77  ? 86   TYR B CD2 1 
ATOM   1399 C CE1 . TYR B 1 86 ? -10.657 18.571  2.575   1.00 37.60  ? 86   TYR B CE1 1 
ATOM   1400 C CE2 . TYR B 1 86 ? -8.606  18.158  1.401   1.00 37.28  ? 86   TYR B CE2 1 
ATOM   1401 C CZ  . TYR B 1 86 ? -9.991  18.193  1.428   1.00 38.65  ? 86   TYR B CZ  1 
ATOM   1402 O OH  . TYR B 1 86 ? -10.690 17.863  0.293   1.00 37.53  ? 86   TYR B OH  1 
ATOM   1403 N N   . ALA B 1 87 ? -4.857  19.200  6.428   1.00 44.84  ? 87   ALA B N   1 
ATOM   1404 C CA  . ALA B 1 87 ? -4.095  19.996  7.413   1.00 47.46  ? 87   ALA B CA  1 
ATOM   1405 C C   . ALA B 1 87 ? -4.766  21.386  7.677   1.00 50.39  ? 87   ALA B C   1 
ATOM   1406 O O   . ALA B 1 87 ? -5.199  22.056  6.742   1.00 49.57  ? 87   ALA B O   1 
ATOM   1407 C CB  . ALA B 1 87 ? -2.699  20.161  6.932   1.00 46.58  ? 87   ALA B CB  1 
ATOM   1408 N N   . LYS B 1 88 ? -4.884  21.803  8.934   1.00 55.02  ? 88   LYS B N   1 
ATOM   1409 C CA  . LYS B 1 88 ? -5.542  23.096  9.248   1.00 59.42  ? 88   LYS B CA  1 
ATOM   1410 C C   . LYS B 1 88 ? -4.734  24.321  8.750   1.00 62.67  ? 88   LYS B C   1 
ATOM   1411 O O   . LYS B 1 88 ? -3.514  24.360  8.886   1.00 62.73  ? 88   LYS B O   1 
ATOM   1412 C CB  . LYS B 1 88 ? -5.819  23.223  10.754  1.00 59.69  ? 88   LYS B CB  1 
ATOM   1413 C CG  . LYS B 1 88 ? -6.744  22.135  11.336  1.00 62.69  ? 88   LYS B CG  1 
ATOM   1414 C CD  . LYS B 1 88 ? -7.098  22.396  12.837  1.00 66.94  ? 88   LYS B CD  1 
ATOM   1415 C CE  . LYS B 1 88 ? -6.616  21.265  13.819  1.00 68.31  ? 88   LYS B CE  1 
ATOM   1416 N NZ  . LYS B 1 88 ? -6.743  21.655  15.292  1.00 69.05  ? 88   LYS B NZ  1 
ATOM   1417 N N   . THR B 1 89 ? -5.417  25.317  8.180   1.00 67.31  ? 89   THR B N   1 
ATOM   1418 C CA  . THR B 1 89 ? -4.752  26.515  7.621   1.00 70.83  ? 89   THR B CA  1 
ATOM   1419 C C   . THR B 1 89 ? -4.818  27.767  8.499   1.00 73.47  ? 89   THR B C   1 
ATOM   1420 O O   . THR B 1 89 ? -3.826  28.539  8.562   1.00 74.85  ? 89   THR B O   1 
ATOM   1421 C CB  . THR B 1 89 ? -5.336  26.882  6.215   1.00 71.28  ? 89   THR B CB  1 
ATOM   1422 O OG1 . THR B 1 89 ? -4.649  26.144  5.192   1.00 73.05  ? 89   THR B OG1 1 
ATOM   1423 C CG2 . THR B 1 89 ? -5.055  28.373  5.811   1.00 71.69  ? 89   THR B CG2 1 
ATOM   1424 N N   . ASP B 1 90 ? -5.971  28.001  9.132   1.00 75.86  ? 90   ASP B N   1 
ATOM   1425 C CA  . ASP B 1 90 ? -6.307  29.357  9.585   1.00 77.84  ? 90   ASP B CA  1 
ATOM   1426 C C   . ASP B 1 90 ? -5.176  29.972  10.400  1.00 78.95  ? 90   ASP B C   1 
ATOM   1427 O O   . ASP B 1 90 ? -4.579  29.315  11.276  1.00 79.68  ? 90   ASP B O   1 
ATOM   1428 C CB  . ASP B 1 90 ? -7.633  29.395  10.359  1.00 78.35  ? 90   ASP B CB  1 
ATOM   1429 C CG  . ASP B 1 90 ? -8.837  29.157  9.457   1.00 80.25  ? 90   ASP B CG  1 
ATOM   1430 O OD1 . ASP B 1 90 ? -8.797  29.619  8.287   1.00 82.20  ? 90   ASP B OD1 1 
ATOM   1431 O OD2 . ASP B 1 90 ? -9.854  28.509  9.823   1.00 82.74  ? 90   ASP B OD2 1 
ATOM   1432 N N   . SER B 1 91 ? -4.882  31.229  10.079  1.00 79.78  ? 91   SER B N   1 
ATOM   1433 C CA  . SER B 1 91 ? -3.720  31.934  10.606  1.00 80.26  ? 91   SER B CA  1 
ATOM   1434 C C   . SER B 1 91 ? -3.820  32.120  12.121  1.00 80.46  ? 91   SER B C   1 
ATOM   1435 O O   . SER B 1 91 ? -3.360  31.271  12.898  1.00 80.70  ? 91   SER B O   1 
ATOM   1436 C CB  . SER B 1 91 ? -3.555  33.287  9.878   1.00 80.37  ? 91   SER B CB  1 
ATOM   1437 O OG  . SER B 1 91 ? -4.453  34.286  10.335  1.00 81.72  ? 91   SER B OG  1 
HETATM 1438 O O   . HOH C 2 .  ? -14.604 -18.286 -6.309  1.00 76.85  ? 2001 HOH A O   1 
HETATM 1439 O O   . HOH C 2 .  ? -4.605  -21.998 -11.174 1.00 74.56  ? 2002 HOH A O   1 
HETATM 1440 O O   . HOH C 2 .  ? -5.911  -25.475 -1.559  1.00 66.27  ? 2003 HOH A O   1 
HETATM 1441 O O   . HOH C 2 .  ? 12.589  4.629   -6.596  1.00 72.80  ? 2004 HOH A O   1 
HETATM 1442 O O   . HOH C 2 .  ? 10.672  0.172   2.310   1.00 41.12  ? 2005 HOH A O   1 
HETATM 1443 O O   . HOH C 2 .  ? -10.986 0.438   2.434   1.00 53.95  ? 2006 HOH A O   1 
HETATM 1444 O O   . HOH C 2 .  ? 4.382   -8.013  -14.899 1.00 57.50  ? 2007 HOH A O   1 
HETATM 1445 O O   . HOH C 2 .  ? 1.021   -4.159  -18.265 1.00 75.02  ? 2008 HOH A O   1 
HETATM 1446 O O   . HOH C 2 .  ? 1.032   -2.936  -9.893  1.00 35.43  ? 2009 HOH A O   1 
HETATM 1447 O O   . HOH C 2 .  ? 5.129   -4.760  -14.843 1.00 58.88  ? 2010 HOH A O   1 
HETATM 1448 O O   . HOH C 2 .  ? 14.160  -2.385  -9.065  1.00 69.71  ? 2011 HOH A O   1 
HETATM 1449 O O   . HOH C 2 .  ? 10.189  -3.410  -8.947  1.00 64.31  ? 2012 HOH A O   1 
HETATM 1450 O O   . HOH C 2 .  ? 12.574  1.921   -4.916  1.00 53.32  ? 2013 HOH A O   1 
HETATM 1451 O O   . HOH C 2 .  ? 13.788  -7.256  1.996   1.00 65.04  ? 2014 HOH A O   1 
HETATM 1452 O O   . HOH C 2 .  ? 8.628   5.014   -2.300  1.00 65.29  ? 2015 HOH A O   1 
HETATM 1453 O O   . HOH C 2 .  ? -7.927  1.098   -13.989 1.00 73.79  ? 2016 HOH A O   1 
HETATM 1454 O O   . HOH C 2 .  ? 7.904   0.222   1.957   1.00 35.08  ? 2017 HOH A O   1 
HETATM 1455 O O   . HOH C 2 .  ? 1.254   -11.080 8.737   1.00 63.89  ? 2018 HOH A O   1 
HETATM 1456 O O   . HOH C 2 .  ? -2.987  -3.829  5.523   1.00 29.60  ? 2019 HOH A O   1 
HETATM 1457 O O   . HOH C 2 .  ? 0.291   -5.074  9.338   1.00 64.49  ? 2020 HOH A O   1 
HETATM 1458 O O   . HOH C 2 .  ? -3.520  -9.666  9.710   1.00 70.81  ? 2021 HOH A O   1 
HETATM 1459 O O   . HOH C 2 .  ? -9.753  -3.162  2.237   1.00 55.40  ? 2022 HOH A O   1 
HETATM 1460 O O   . HOH C 2 .  ? -8.919  -12.525 5.537   1.00 55.22  ? 2023 HOH A O   1 
HETATM 1461 O O   . HOH C 2 .  ? -3.606  -15.920 6.571   1.00 39.41  ? 2024 HOH A O   1 
HETATM 1462 O O   . HOH C 2 .  ? -4.685  -15.457 9.264   1.00 47.99  ? 2025 HOH A O   1 
HETATM 1463 O O   . HOH C 2 .  ? 11.964  -12.274 -0.846  1.00 42.94  ? 2026 HOH A O   1 
HETATM 1464 O O   . HOH C 2 .  ? 14.684  -9.119  -3.712  1.00 61.64  ? 2027 HOH A O   1 
HETATM 1465 O O   . HOH C 2 .  ? 18.767  -11.991 -14.699 1.00 79.16  ? 2028 HOH A O   1 
HETATM 1466 O O   . HOH C 2 .  ? 10.017  -9.726  -7.951  1.00 72.77  ? 2029 HOH A O   1 
HETATM 1467 O O   . HOH C 2 .  ? -4.499  -17.945 10.377  1.00 73.72  ? 2030 HOH A O   1 
HETATM 1468 O O   . HOH C 2 .  ? -3.300  -22.751 3.376   1.00 55.97  ? 2031 HOH A O   1 
HETATM 1469 O O   . HOH C 2 .  ? -8.804  -21.150 5.007   1.00 47.41  ? 2032 HOH A O   1 
HETATM 1470 O O   . HOH C 2 .  ? -6.435  -22.547 5.035   1.00 59.84  ? 2033 HOH A O   1 
HETATM 1471 O O   . HOH C 2 .  ? -9.201  -21.806 8.466   1.00 87.95  ? 2034 HOH A O   1 
HETATM 1472 O O   . HOH C 2 .  ? -10.510 -20.055 6.962   1.00 51.05  ? 2035 HOH A O   1 
HETATM 1473 O O   . HOH C 2 .  ? -11.289 -19.437 -0.445  1.00 44.77  ? 2036 HOH A O   1 
HETATM 1474 O O   . HOH C 2 .  ? -14.836 -12.554 -0.113  1.00 31.05  ? 2037 HOH A O   1 
HETATM 1475 O O   . HOH C 2 .  ? -10.873 -13.761 5.135   1.00 45.88  ? 2038 HOH A O   1 
HETATM 1476 O O   . HOH C 2 .  ? -13.526 -16.047 -6.294  1.00 64.76  ? 2039 HOH A O   1 
HETATM 1477 O O   . HOH C 2 .  ? -12.806 -9.368  -7.448  1.00 75.99  ? 2040 HOH A O   1 
HETATM 1478 O O   . HOH C 2 .  ? -12.779 -9.509  0.891   1.00 41.07  ? 2041 HOH A O   1 
HETATM 1479 O O   . HOH C 2 .  ? -6.881  -6.503  -12.579 1.00 52.83  ? 2042 HOH A O   1 
HETATM 1480 O O   . HOH C 2 .  ? -10.654 -10.761 -9.093  1.00 48.97  ? 2043 HOH A O   1 
HETATM 1481 O O   . HOH C 2 .  ? -8.048  0.450   -11.049 1.00 47.74  ? 2044 HOH A O   1 
HETATM 1482 O O   . HOH C 2 .  ? 2.975   -1.619  -8.810  1.00 27.18  ? 2045 HOH A O   1 
HETATM 1483 O O   . HOH C 2 .  ? -1.052  7.005   -14.472 1.00 51.62  ? 2046 HOH A O   1 
HETATM 1484 O O   . HOH C 2 .  ? 6.310   -0.261  -14.690 1.00 74.64  ? 2047 HOH A O   1 
HETATM 1485 O O   . HOH C 2 .  ? 2.747   -6.935  -16.626 1.00 74.86  ? 2048 HOH A O   1 
HETATM 1486 O O   . HOH C 2 .  ? -6.538  -11.556 -12.751 1.00 82.78  ? 2049 HOH A O   1 
HETATM 1487 O O   . HOH C 2 .  ? -6.644  -16.961 -10.482 1.00 60.11  ? 2050 HOH A O   1 
HETATM 1488 O O   . HOH C 2 .  ? -1.444  -18.278 -11.912 1.00 71.28  ? 2051 HOH A O   1 
HETATM 1489 O O   . HOH C 2 .  ? 1.835   -18.381 -10.641 1.00 59.81  ? 2052 HOH A O   1 
HETATM 1490 O O   . HOH D 2 .  ? -1.427  23.481  2.857   1.00 52.61  ? 2001 HOH B O   1 
HETATM 1491 O O   . HOH D 2 .  ? -7.868  1.258   14.712  1.00 57.67  ? 2002 HOH B O   1 
HETATM 1492 O O   . HOH D 2 .  ? -2.764  9.480   15.855  1.00 72.47  ? 2003 HOH B O   1 
HETATM 1493 O O   . HOH D 2 .  ? -3.510  3.748   9.860   1.00 34.49  ? 2004 HOH B O   1 
HETATM 1494 O O   . HOH D 2 .  ? 7.550   -3.056  12.823  1.00 78.68  ? 2005 HOH B O   1 
HETATM 1495 O O   . HOH D 2 .  ? 5.655   4.383   12.697  1.00 61.49  ? 2006 HOH B O   1 
HETATM 1496 O O   . HOH D 2 .  ? 9.164   -1.359  10.444  1.00 48.13  ? 2007 HOH B O   1 
HETATM 1497 O O   . HOH D 2 .  ? 9.428   -4.474  7.951   1.00 52.67  ? 2008 HOH B O   1 
HETATM 1498 O O   . HOH D 2 .  ? 6.479   -4.032  7.852   1.00 61.95  ? 2009 HOH B O   1 
HETATM 1499 O O   . HOH D 2 .  ? 7.746   7.995   -8.236  1.00 74.05  ? 2010 HOH B O   1 
HETATM 1500 O O   . HOH D 2 .  ? -0.641  4.291   -5.859  1.00 25.41  ? 2011 HOH B O   1 
HETATM 1501 O O   . HOH D 2 .  ? -0.156  10.099  -10.586 1.00 68.15  ? 2012 HOH B O   1 
HETATM 1502 O O   . HOH D 2 .  ? 4.321   6.780   -8.393  1.00 74.16  ? 2013 HOH B O   1 
HETATM 1503 O O   . HOH D 2 .  ? -2.181  9.362   -11.567 1.00 51.23  ? 2014 HOH B O   1 
HETATM 1504 O O   . HOH D 2 .  ? -7.920  3.994   -5.275  1.00 44.14  ? 2015 HOH B O   1 
HETATM 1505 O O   . HOH D 2 .  ? 0.780   13.022  -11.483 1.00 74.44  ? 2016 HOH B O   1 
HETATM 1506 O O   . HOH D 2 .  ? -0.628  16.544  -6.837  1.00 32.94  ? 2017 HOH B O   1 
HETATM 1507 O O   . HOH D 2 .  ? 4.843   11.966  -6.955  1.00 46.25  ? 2018 HOH B O   1 
HETATM 1508 O O   . HOH D 2 .  ? 10.422  15.213  -1.466  1.00 59.24  ? 2019 HOH B O   1 
HETATM 1509 O O   . HOH D 2 .  ? 9.588   17.105  -5.045  1.00 71.00  ? 2020 HOH B O   1 
HETATM 1510 O O   . HOH D 2 .  ? 10.882  15.327  4.552   1.00 48.33  ? 2021 HOH B O   1 
HETATM 1511 O O   . HOH D 2 .  ? 9.865   13.044  6.560   1.00 51.92  ? 2022 HOH B O   1 
HETATM 1512 O O   . HOH D 2 .  ? 2.823   16.175  14.979  1.00 60.29  ? 2023 HOH B O   1 
HETATM 1513 O O   . HOH D 2 .  ? -6.352  21.488  -7.826  1.00 46.54  ? 2024 HOH B O   1 
HETATM 1514 O O   . HOH D 2 .  ? -5.307  16.033  -9.614  1.00 38.49  ? 2025 HOH B O   1 
HETATM 1515 O O   . HOH D 2 .  ? -10.680 19.927  -3.940  1.00 38.73  ? 2026 HOH B O   1 
HETATM 1516 O O   . HOH D 2 .  ? -10.842 9.959   -6.800  1.00 70.43  ? 2027 HOH B O   1 
HETATM 1517 O O   . HOH D 2 .  ? -13.795 13.011  -5.875  1.00 36.05  ? 2028 HOH B O   1 
HETATM 1518 O O   . HOH D 2 .  ? -15.426 15.356  0.068   1.00 51.19  ? 2029 HOH B O   1 
HETATM 1519 O O   . HOH D 2 .  ? -10.613 5.974   -6.207  1.00 54.27  ? 2030 HOH B O   1 
HETATM 1520 O O   . HOH D 2 .  ? -9.151  1.880   -1.615  1.00 73.10  ? 2031 HOH B O   1 
HETATM 1521 O O   . HOH D 2 .  ? -11.393 6.784   9.059   1.00 51.09  ? 2032 HOH B O   1 
HETATM 1522 O O   . HOH D 2 .  ? -1.190  2.413   9.914   1.00 35.16  ? 2033 HOH B O   1 
HETATM 1523 O O   . HOH D 2 .  ? -6.798  -8.566  10.080  1.00 37.55  ? 2034 HOH B O   1 
HETATM 1524 O O   . HOH D 2 .  ? -2.553  -7.887  11.012  1.00 66.91  ? 2035 HOH B O   1 
HETATM 1525 O O   . HOH D 2 .  ? -4.715  -2.763  14.166  1.00 70.13  ? 2036 HOH B O   1 
HETATM 1526 O O   . HOH D 2 .  ? -6.866  -6.293  13.089  1.00 52.13  ? 2037 HOH B O   1 
HETATM 1527 O O   . HOH D 2 .  ? -11.848 14.331  7.188   1.00 52.24  ? 2038 HOH B O   1 
HETATM 1528 O O   . HOH D 2 .  ? -7.060  16.087  14.748  1.00 75.27  ? 2039 HOH B O   1 
HETATM 1529 O O   . HOH D 2 .  ? -10.528 17.441  6.910   1.00 39.36  ? 2040 HOH B O   1 
# 
